data_6ZK1
#
_entry.id   6ZK1
#
_cell.length_a   47.790
_cell.length_b   148.650
_cell.length_c   88.580
_cell.angle_alpha   90.000
_cell.angle_beta   102.240
_cell.angle_gamma   90.000
#
_symmetry.space_group_name_H-M   'P 1 21 1'
#
loop_
_entity.id
_entity.type
_entity.pdbx_description
1 polymer 'Pyrimidine-specific ribonucleoside hydrolase rihA'
2 non-polymer 'CALCIUM ION'
3 non-polymer GLYCEROL
4 non-polymer 1,2-ETHANEDIOL
5 non-polymer 'CHLORIDE ION'
6 non-polymer DI(HYDROXYETHYL)ETHER
7 water water
#
_entity_poly.entity_id   1
_entity_poly.type   'polypeptide(L)'
_entity_poly.pdbx_seq_one_letter_code
;MGSSHHHHHHSQDPNSSSMGQDGQQIRRDKLIIDTDPGIDDSMTILMAFRAPSVEIIGLTTIFGNVDTKGATRNALLLCE
RAGCPEVPVAEGSHEPLKGGKPRVADFVHGSDGIGNLFLPAPSAKKVEESAADFLINKVSEFPGEVSVLALGPLTNVALA
IKRDPSFASKVKKIVVLGGAFFAAGNVNPAAEANIHGDPEAADIVFTSGADIVVVGINITTQVCLTDEDLLELRNSKGKH
AAFLYEMCKFYRDWHAKSDGFHGIFLHDPVSFTAVLHPEYFTFKKGVVRVETQGICTGHTLMDQGLKKWNSENPWSGYKP
ISVAWTVDVPKVISFIKKLLMAP
;
_entity_poly.pdbx_strand_id   A,B,C,D
#
loop_
_chem_comp.id
_chem_comp.type
_chem_comp.name
_chem_comp.formula
CA non-polymer 'CALCIUM ION' 'Ca 2'
CL non-polymer 'CHLORIDE ION' 'Cl -1'
EDO non-polymer 1,2-ETHANEDIOL 'C2 H6 O2'
GOL non-polymer GLYCEROL 'C3 H8 O3'
PEG non-polymer DI(HYDROXYETHYL)ETHER 'C4 H10 O3'
#
# COMPACT_ATOMS: atom_id res chain seq x y z
N ARG A 28 -4.95 -41.11 -32.43
CA ARG A 28 -5.98 -40.07 -32.50
C ARG A 28 -6.28 -39.43 -31.15
N ASP A 29 -5.69 -38.27 -30.91
CA ASP A 29 -5.87 -37.52 -29.69
C ASP A 29 -7.11 -36.63 -29.77
N LYS A 30 -8.02 -36.75 -28.78
CA LYS A 30 -9.23 -35.92 -28.68
C LYS A 30 -8.83 -34.50 -28.24
N LEU A 31 -9.28 -33.49 -28.99
CA LEU A 31 -8.92 -32.12 -28.74
C LEU A 31 -10.10 -31.15 -28.83
N ILE A 32 -10.20 -30.28 -27.82
CA ILE A 32 -11.12 -29.14 -27.79
C ILE A 32 -10.26 -27.90 -27.97
N ILE A 33 -10.67 -27.03 -28.93
CA ILE A 33 -9.96 -25.78 -29.16
C ILE A 33 -10.79 -24.65 -28.59
N ASP A 34 -10.26 -23.97 -27.55
CA ASP A 34 -10.89 -22.80 -26.90
C ASP A 34 -10.26 -21.60 -27.54
N THR A 35 -11.03 -20.79 -28.23
CA THR A 35 -10.45 -19.80 -29.14
C THR A 35 -11.28 -18.53 -29.34
N ASP A 36 -10.63 -17.44 -29.81
CA ASP A 36 -11.28 -16.16 -30.16
C ASP A 36 -11.02 -15.85 -31.65
N PRO A 37 -11.48 -16.67 -32.64
CA PRO A 37 -11.04 -16.40 -34.02
C PRO A 37 -11.52 -15.07 -34.60
N GLY A 38 -10.58 -14.17 -34.97
CA GLY A 38 -9.12 -14.32 -34.84
C GLY A 38 -8.46 -14.90 -36.07
N ILE A 39 -7.44 -14.20 -36.61
CA ILE A 39 -6.75 -14.58 -37.85
C ILE A 39 -5.82 -15.79 -37.64
N ASP A 40 -4.89 -15.72 -36.68
CA ASP A 40 -4.03 -16.88 -36.42
C ASP A 40 -4.81 -18.04 -35.80
N ASP A 41 -5.91 -17.76 -35.04
CA ASP A 41 -6.77 -18.83 -34.50
C ASP A 41 -7.39 -19.58 -35.68
N SER A 42 -7.82 -18.83 -36.72
CA SER A 42 -8.47 -19.38 -37.92
C SER A 42 -7.54 -20.31 -38.68
N MET A 43 -6.26 -19.89 -38.85
CA MET A 43 -5.18 -20.66 -39.48
C MET A 43 -4.97 -21.96 -38.69
N THR A 44 -4.92 -21.88 -37.35
CA THR A 44 -4.75 -23.03 -36.44
C THR A 44 -5.87 -24.05 -36.59
N ILE A 45 -7.13 -23.59 -36.54
CA ILE A 45 -8.34 -24.42 -36.66
C ILE A 45 -8.35 -25.17 -38.00
N LEU A 46 -8.06 -24.48 -39.13
CA LEU A 46 -7.99 -25.12 -40.44
C LEU A 46 -6.82 -26.11 -40.53
N MET A 47 -5.67 -25.81 -39.88
CA MET A 47 -4.52 -26.73 -39.81
C MET A 47 -4.95 -27.99 -39.01
N ALA A 48 -5.62 -27.78 -37.86
CA ALA A 48 -6.09 -28.83 -36.93
C ALA A 48 -7.04 -29.80 -37.60
N PHE A 49 -7.94 -29.31 -38.49
CA PHE A 49 -8.88 -30.14 -39.25
C PHE A 49 -8.17 -31.05 -40.27
N ARG A 50 -6.96 -30.67 -40.72
CA ARG A 50 -6.16 -31.44 -41.69
C ARG A 50 -5.19 -32.43 -41.01
N ALA A 51 -4.93 -32.27 -39.70
CA ALA A 51 -4.00 -33.10 -38.91
C ALA A 51 -4.59 -34.49 -38.63
N PRO A 52 -4.03 -35.59 -39.20
CA PRO A 52 -4.63 -36.92 -39.00
C PRO A 52 -4.53 -37.50 -37.60
N SER A 53 -3.53 -37.10 -36.80
CA SER A 53 -3.37 -37.65 -35.44
C SER A 53 -4.27 -36.97 -34.38
N VAL A 54 -5.08 -35.99 -34.83
CA VAL A 54 -5.98 -35.22 -33.99
C VAL A 54 -7.44 -35.46 -34.33
N GLU A 55 -8.29 -35.57 -33.29
CA GLU A 55 -9.75 -35.64 -33.46
C GLU A 55 -10.34 -34.40 -32.76
N ILE A 56 -10.79 -33.39 -33.55
CA ILE A 56 -11.41 -32.18 -33.00
C ILE A 56 -12.82 -32.51 -32.57
N ILE A 57 -13.06 -32.55 -31.27
CA ILE A 57 -14.39 -32.90 -30.77
C ILE A 57 -15.26 -31.64 -30.53
N GLY A 58 -14.67 -30.46 -30.66
CA GLY A 58 -15.40 -29.23 -30.51
C GLY A 58 -14.56 -27.97 -30.47
N LEU A 59 -15.22 -26.84 -30.80
CA LEU A 59 -14.63 -25.51 -30.70
C LEU A 59 -15.42 -24.76 -29.63
N THR A 60 -14.73 -24.16 -28.67
CA THR A 60 -15.40 -23.36 -27.64
C THR A 60 -14.94 -21.92 -27.87
N THR A 61 -15.85 -20.95 -27.80
CA THR A 61 -15.42 -19.59 -28.14
C THR A 61 -15.36 -18.63 -26.99
N ILE A 62 -14.51 -17.62 -27.15
CA ILE A 62 -14.25 -16.58 -26.16
C ILE A 62 -14.00 -15.26 -26.89
N PHE A 63 -14.12 -14.13 -26.18
CA PHE A 63 -13.84 -12.77 -26.67
C PHE A 63 -12.29 -12.62 -26.72
N GLY A 64 -11.79 -11.51 -27.26
CA GLY A 64 -10.35 -11.20 -27.28
C GLY A 64 -9.98 -10.42 -28.52
N ASN A 65 -9.80 -11.16 -29.61
CA ASN A 65 -9.53 -10.58 -30.93
C ASN A 65 -10.79 -9.92 -31.49
N VAL A 66 -11.97 -10.38 -30.99
CA VAL A 66 -13.31 -9.96 -31.42
C VAL A 66 -14.26 -10.29 -30.27
N ASP A 67 -15.48 -9.72 -30.26
CA ASP A 67 -16.47 -10.06 -29.22
C ASP A 67 -16.85 -11.55 -29.35
N THR A 68 -17.30 -12.19 -28.25
CA THR A 68 -17.64 -13.62 -28.27
C THR A 68 -18.60 -14.02 -29.41
N LYS A 69 -19.65 -13.21 -29.67
CA LYS A 69 -20.61 -13.51 -30.75
C LYS A 69 -19.93 -13.56 -32.13
N GLY A 70 -18.98 -12.66 -32.35
CA GLY A 70 -18.17 -12.60 -33.57
C GLY A 70 -17.23 -13.79 -33.67
N ALA A 71 -16.69 -14.29 -32.51
CA ALA A 71 -15.81 -15.46 -32.47
C ALA A 71 -16.61 -16.75 -32.85
N THR A 72 -17.85 -16.88 -32.32
CA THR A 72 -18.78 -17.98 -32.61
C THR A 72 -19.08 -18.00 -34.12
N ARG A 73 -19.42 -16.84 -34.69
CA ARG A 73 -19.70 -16.69 -36.12
C ARG A 73 -18.53 -17.22 -36.97
N ASN A 74 -17.29 -16.86 -36.60
CA ASN A 74 -16.09 -17.31 -37.31
C ASN A 74 -15.81 -18.77 -37.15
N ALA A 75 -16.00 -19.30 -35.94
CA ALA A 75 -15.78 -20.71 -35.65
C ALA A 75 -16.71 -21.56 -36.48
N LEU A 76 -18.00 -21.16 -36.55
CA LEU A 76 -19.02 -21.84 -37.37
C LEU A 76 -18.64 -21.79 -38.85
N LEU A 77 -18.16 -20.62 -39.34
CA LEU A 77 -17.73 -20.46 -40.75
C LEU A 77 -16.54 -21.35 -41.09
N LEU A 78 -15.58 -21.49 -40.13
CA LEU A 78 -14.39 -22.33 -40.29
C LEU A 78 -14.73 -23.82 -40.39
N CYS A 79 -15.70 -24.28 -39.57
CA CYS A 79 -16.20 -25.66 -39.59
C CYS A 79 -16.81 -25.95 -40.97
N GLU A 80 -17.60 -25.00 -41.52
CA GLU A 80 -18.21 -25.12 -42.84
C GLU A 80 -17.12 -25.16 -43.93
N ARG A 81 -16.15 -24.25 -43.85
CA ARG A 81 -15.01 -24.16 -44.78
C ARG A 81 -14.17 -25.45 -44.83
N ALA A 82 -13.92 -26.05 -43.66
CA ALA A 82 -13.15 -27.28 -43.53
C ALA A 82 -13.97 -28.51 -43.97
N GLY A 83 -15.25 -28.33 -44.27
CA GLY A 83 -16.15 -29.40 -44.68
C GLY A 83 -16.61 -30.26 -43.51
N CYS A 84 -16.57 -29.70 -42.29
CA CYS A 84 -16.97 -30.37 -41.04
C CYS A 84 -18.02 -29.52 -40.27
N PRO A 85 -19.22 -29.19 -40.84
CA PRO A 85 -20.18 -28.37 -40.09
C PRO A 85 -20.86 -29.07 -38.91
N GLU A 86 -20.62 -30.39 -38.76
CA GLU A 86 -21.17 -31.20 -37.66
C GLU A 86 -20.36 -31.01 -36.37
N VAL A 87 -19.10 -30.50 -36.46
CA VAL A 87 -18.21 -30.28 -35.30
C VAL A 87 -18.88 -29.25 -34.39
N PRO A 88 -19.22 -29.61 -33.13
CA PRO A 88 -19.92 -28.64 -32.27
C PRO A 88 -19.14 -27.38 -31.94
N VAL A 89 -19.84 -26.24 -31.97
CA VAL A 89 -19.30 -24.94 -31.58
C VAL A 89 -20.12 -24.51 -30.37
N ALA A 90 -19.45 -24.33 -29.21
CA ALA A 90 -20.11 -23.93 -27.96
C ALA A 90 -19.64 -22.53 -27.59
N GLU A 91 -20.58 -21.58 -27.54
CA GLU A 91 -20.32 -20.19 -27.20
C GLU A 91 -20.00 -20.04 -25.70
N GLY A 92 -18.93 -19.32 -25.42
CA GLY A 92 -18.49 -19.09 -24.04
C GLY A 92 -18.85 -17.75 -23.48
N SER A 93 -18.07 -17.31 -22.48
CA SER A 93 -18.34 -16.06 -21.77
C SER A 93 -18.20 -14.82 -22.66
N HIS A 94 -19.10 -13.85 -22.44
CA HIS A 94 -19.10 -12.59 -23.17
C HIS A 94 -18.18 -11.55 -22.50
N GLU A 95 -17.79 -11.81 -21.25
CA GLU A 95 -16.95 -10.91 -20.45
C GLU A 95 -15.98 -11.66 -19.55
N PRO A 96 -14.88 -11.00 -19.07
CA PRO A 96 -13.97 -11.69 -18.15
C PRO A 96 -14.66 -11.97 -16.80
N LEU A 97 -14.05 -12.81 -15.95
CA LEU A 97 -14.58 -13.17 -14.64
C LEU A 97 -14.95 -11.95 -13.77
N LYS A 98 -14.12 -10.89 -13.83
CA LYS A 98 -14.33 -9.64 -13.07
C LYS A 98 -15.53 -8.80 -13.60
N GLY A 99 -16.01 -9.13 -14.81
CA GLY A 99 -17.13 -8.43 -15.45
C GLY A 99 -16.71 -7.22 -16.24
N GLY A 100 -17.62 -6.73 -17.08
CA GLY A 100 -17.39 -5.57 -17.93
C GLY A 100 -17.13 -5.94 -19.38
N LYS A 101 -17.59 -5.08 -20.30
CA LYS A 101 -17.43 -5.27 -21.74
C LYS A 101 -15.93 -5.25 -22.09
N PRO A 102 -15.39 -6.37 -22.63
CA PRO A 102 -13.94 -6.39 -22.95
C PRO A 102 -13.56 -5.48 -24.12
N ARG A 103 -12.33 -4.97 -24.12
CA ARG A 103 -11.82 -4.17 -25.24
C ARG A 103 -11.28 -5.23 -26.21
N VAL A 104 -11.73 -5.20 -27.48
CA VAL A 104 -11.33 -6.24 -28.43
C VAL A 104 -10.26 -5.73 -29.39
N ALA A 105 -9.37 -6.64 -29.85
CA ALA A 105 -8.27 -6.29 -30.75
C ALA A 105 -8.71 -6.14 -32.24
N ASP A 106 -9.67 -5.21 -32.50
CA ASP A 106 -10.15 -4.95 -33.87
C ASP A 106 -9.08 -4.29 -34.73
N PHE A 107 -8.09 -3.63 -34.09
CA PHE A 107 -6.97 -2.98 -34.78
C PHE A 107 -5.92 -4.06 -35.18
N VAL A 108 -6.06 -5.30 -34.65
CA VAL A 108 -5.13 -6.40 -34.97
C VAL A 108 -5.81 -7.41 -35.94
N HIS A 109 -7.09 -7.75 -35.71
CA HIS A 109 -7.79 -8.79 -36.48
C HIS A 109 -9.00 -8.31 -37.28
N GLY A 110 -9.20 -7.00 -37.39
CA GLY A 110 -10.32 -6.43 -38.13
C GLY A 110 -11.60 -6.36 -37.30
N SER A 111 -12.59 -5.59 -37.78
CA SER A 111 -13.91 -5.39 -37.16
C SER A 111 -14.69 -6.70 -37.02
N ASP A 112 -14.51 -7.62 -37.99
CA ASP A 112 -15.15 -8.93 -38.03
C ASP A 112 -14.29 -10.04 -37.36
N GLY A 113 -13.08 -9.71 -36.92
CA GLY A 113 -12.16 -10.67 -36.32
C GLY A 113 -11.38 -11.52 -37.33
N ILE A 114 -11.65 -11.35 -38.64
CA ILE A 114 -10.95 -12.14 -39.67
C ILE A 114 -10.38 -11.28 -40.80
N GLY A 115 -9.84 -10.12 -40.43
CA GLY A 115 -9.17 -9.25 -41.38
C GLY A 115 -10.05 -8.48 -42.34
N ASN A 116 -11.30 -8.18 -41.91
CA ASN A 116 -12.28 -7.40 -42.67
C ASN A 116 -12.67 -8.02 -44.02
N LEU A 117 -12.96 -9.33 -44.02
CA LEU A 117 -13.39 -10.03 -45.23
C LEU A 117 -14.90 -9.88 -45.41
N PHE A 118 -15.64 -9.60 -44.30
CA PHE A 118 -17.09 -9.38 -44.23
C PHE A 118 -17.83 -10.47 -45.01
N LEU A 119 -17.62 -11.71 -44.56
CA LEU A 119 -18.19 -12.90 -45.20
C LEU A 119 -19.67 -13.07 -44.84
N PRO A 120 -20.48 -13.70 -45.71
CA PRO A 120 -21.89 -13.96 -45.33
C PRO A 120 -21.93 -14.92 -44.13
N ALA A 121 -23.02 -14.85 -43.38
CA ALA A 121 -23.27 -15.60 -42.16
C ALA A 121 -23.28 -17.13 -42.38
N PRO A 122 -22.85 -17.92 -41.36
CA PRO A 122 -22.92 -19.37 -41.50
C PRO A 122 -24.37 -19.90 -41.48
N SER A 123 -24.59 -21.08 -42.03
CA SER A 123 -25.88 -21.76 -42.00
C SER A 123 -25.90 -22.66 -40.75
N ALA A 124 -24.73 -23.22 -40.39
CA ALA A 124 -24.56 -24.04 -39.19
C ALA A 124 -24.80 -23.20 -37.93
N LYS A 125 -25.37 -23.82 -36.90
CA LYS A 125 -25.69 -23.17 -35.62
C LYS A 125 -24.86 -23.74 -34.48
N LYS A 126 -24.60 -22.89 -33.48
CA LYS A 126 -23.91 -23.29 -32.26
C LYS A 126 -24.78 -24.27 -31.45
N VAL A 127 -24.16 -25.06 -30.55
CA VAL A 127 -24.89 -25.95 -29.64
C VAL A 127 -25.54 -25.08 -28.53
N GLU A 128 -26.52 -25.63 -27.79
CA GLU A 128 -27.25 -24.91 -26.73
C GLU A 128 -26.38 -24.60 -25.50
N GLU A 129 -25.60 -25.59 -25.03
CA GLU A 129 -24.75 -25.46 -23.84
C GLU A 129 -23.59 -24.45 -24.02
N SER A 130 -23.22 -23.83 -22.89
CA SER A 130 -22.11 -22.89 -22.84
C SER A 130 -20.78 -23.63 -23.03
N ALA A 131 -19.71 -22.89 -23.38
CA ALA A 131 -18.37 -23.45 -23.55
C ALA A 131 -17.89 -24.14 -22.25
N ALA A 132 -18.15 -23.52 -21.07
CA ALA A 132 -17.79 -24.10 -19.75
C ALA A 132 -18.45 -25.44 -19.52
N ASP A 133 -19.77 -25.56 -19.82
CA ASP A 133 -20.49 -26.83 -19.68
C ASP A 133 -20.04 -27.86 -20.70
N PHE A 134 -19.75 -27.42 -21.94
CA PHE A 134 -19.23 -28.30 -23.00
C PHE A 134 -17.89 -28.90 -22.57
N LEU A 135 -16.97 -28.06 -22.01
CA LEU A 135 -15.66 -28.51 -21.55
C LEU A 135 -15.81 -29.57 -20.44
N ILE A 136 -16.65 -29.27 -19.42
CA ILE A 136 -16.90 -30.23 -18.31
C ILE A 136 -17.48 -31.55 -18.86
N ASN A 137 -18.51 -31.47 -19.72
CA ASN A 137 -19.17 -32.67 -20.27
C ASN A 137 -18.22 -33.59 -21.07
N LYS A 138 -17.45 -33.03 -22.01
CA LYS A 138 -16.56 -33.83 -22.88
C LYS A 138 -15.38 -34.44 -22.14
N VAL A 139 -14.83 -33.70 -21.20
CA VAL A 139 -13.71 -34.14 -20.37
C VAL A 139 -14.22 -35.23 -19.37
N SER A 140 -15.47 -35.10 -18.86
CA SER A 140 -16.05 -36.10 -17.93
C SER A 140 -16.49 -37.34 -18.66
N GLU A 141 -16.81 -37.21 -19.94
CA GLU A 141 -17.19 -38.32 -20.81
C GLU A 141 -15.98 -39.23 -21.07
N PHE A 142 -14.79 -38.65 -21.36
CA PHE A 142 -13.55 -39.41 -21.63
C PHE A 142 -12.47 -38.91 -20.64
N PRO A 143 -12.51 -39.30 -19.34
CA PRO A 143 -11.51 -38.80 -18.39
C PRO A 143 -10.08 -39.18 -18.76
N GLY A 144 -9.17 -38.21 -18.68
CA GLY A 144 -7.76 -38.39 -19.00
C GLY A 144 -7.44 -38.54 -20.46
N GLU A 145 -8.43 -38.35 -21.35
CA GLU A 145 -8.25 -38.53 -22.80
C GLU A 145 -8.37 -37.22 -23.62
N VAL A 146 -9.11 -36.23 -23.13
CA VAL A 146 -9.35 -34.97 -23.86
C VAL A 146 -8.33 -33.90 -23.51
N SER A 147 -7.64 -33.36 -24.53
CA SER A 147 -6.70 -32.26 -24.38
C SER A 147 -7.42 -30.97 -24.77
N VAL A 148 -7.04 -29.86 -24.12
CA VAL A 148 -7.62 -28.55 -24.42
C VAL A 148 -6.52 -27.63 -24.94
N LEU A 149 -6.71 -27.07 -26.12
CA LEU A 149 -5.79 -26.09 -26.68
C LEU A 149 -6.45 -24.71 -26.50
N ALA A 150 -5.90 -23.89 -25.57
CA ALA A 150 -6.44 -22.56 -25.24
C ALA A 150 -5.72 -21.47 -26.02
N LEU A 151 -6.42 -20.89 -27.00
CA LEU A 151 -5.92 -19.86 -27.94
C LEU A 151 -6.42 -18.44 -27.66
N GLY A 152 -7.15 -18.27 -26.57
CA GLY A 152 -7.66 -16.95 -26.20
C GLY A 152 -7.64 -16.73 -24.70
N PRO A 153 -8.31 -15.66 -24.19
CA PRO A 153 -8.45 -15.51 -22.71
C PRO A 153 -9.00 -16.79 -22.10
N LEU A 154 -8.62 -17.07 -20.86
CA LEU A 154 -8.89 -18.37 -20.22
C LEU A 154 -10.17 -18.47 -19.41
N THR A 155 -11.11 -17.52 -19.62
CA THR A 155 -12.39 -17.46 -18.90
C THR A 155 -13.18 -18.79 -18.85
N ASN A 156 -13.45 -19.43 -20.01
CA ASN A 156 -14.24 -20.68 -20.08
C ASN A 156 -13.57 -21.82 -19.32
N VAL A 157 -12.22 -21.91 -19.43
CA VAL A 157 -11.40 -22.91 -18.75
C VAL A 157 -11.46 -22.69 -17.23
N ALA A 158 -11.31 -21.42 -16.78
CA ALA A 158 -11.42 -21.08 -15.35
C ALA A 158 -12.82 -21.36 -14.83
N LEU A 159 -13.86 -21.03 -15.62
CA LEU A 159 -15.27 -21.33 -15.25
C LEU A 159 -15.50 -22.82 -15.06
N ALA A 160 -14.94 -23.66 -15.97
CA ALA A 160 -15.03 -25.12 -15.89
C ALA A 160 -14.31 -25.60 -14.60
N ILE A 161 -13.09 -25.06 -14.29
CA ILE A 161 -12.31 -25.36 -13.09
C ILE A 161 -13.09 -25.03 -11.82
N LYS A 162 -13.73 -23.84 -11.79
CA LYS A 162 -14.52 -23.40 -10.64
C LYS A 162 -15.84 -24.16 -10.48
N ARG A 163 -16.55 -24.46 -11.57
CA ARG A 163 -17.82 -25.21 -11.51
C ARG A 163 -17.63 -26.70 -11.24
N ASP A 164 -16.54 -27.28 -11.74
CA ASP A 164 -16.23 -28.67 -11.47
C ASP A 164 -14.77 -28.71 -10.98
N PRO A 165 -14.51 -28.79 -9.65
CA PRO A 165 -13.10 -28.77 -9.17
C PRO A 165 -12.26 -30.01 -9.51
N SER A 166 -12.91 -31.02 -10.14
CA SER A 166 -12.21 -32.20 -10.62
C SER A 166 -11.82 -32.02 -12.10
N PHE A 167 -12.25 -30.90 -12.74
CA PHE A 167 -11.97 -30.67 -14.17
C PHE A 167 -10.47 -30.75 -14.50
N ALA A 168 -9.64 -30.04 -13.71
CA ALA A 168 -8.19 -29.98 -13.88
C ALA A 168 -7.55 -31.37 -13.91
N SER A 169 -8.03 -32.29 -13.04
CA SER A 169 -7.52 -33.64 -12.95
C SER A 169 -7.98 -34.57 -14.08
N LYS A 170 -9.10 -34.24 -14.74
CA LYS A 170 -9.69 -35.08 -15.78
C LYS A 170 -9.20 -34.70 -17.16
N VAL A 171 -8.83 -33.44 -17.32
CA VAL A 171 -8.31 -32.97 -18.61
C VAL A 171 -6.93 -33.64 -18.81
N LYS A 172 -6.68 -34.19 -20.01
CA LYS A 172 -5.40 -34.86 -20.26
C LYS A 172 -4.27 -33.84 -20.17
N LYS A 173 -4.42 -32.74 -20.90
CA LYS A 173 -3.45 -31.67 -20.95
C LYS A 173 -4.14 -30.38 -21.39
N ILE A 174 -3.64 -29.26 -20.89
CA ILE A 174 -4.10 -27.95 -21.31
C ILE A 174 -2.88 -27.26 -21.91
N VAL A 175 -2.90 -26.99 -23.21
CA VAL A 175 -1.81 -26.28 -23.86
C VAL A 175 -2.31 -24.86 -24.05
N VAL A 176 -1.62 -23.90 -23.42
CA VAL A 176 -2.03 -22.49 -23.40
C VAL A 176 -1.12 -21.62 -24.25
N LEU A 177 -1.71 -20.86 -25.17
CA LEU A 177 -0.99 -19.83 -25.88
C LEU A 177 -1.26 -18.58 -25.03
N GLY A 178 -0.25 -18.11 -24.33
CA GLY A 178 -0.43 -16.95 -23.47
C GLY A 178 0.77 -16.61 -22.63
N GLY A 179 0.83 -15.36 -22.20
CA GLY A 179 1.90 -14.87 -21.34
C GLY A 179 3.13 -14.40 -22.07
N ALA A 180 4.01 -13.75 -21.32
CA ALA A 180 5.29 -13.23 -21.78
C ALA A 180 6.21 -13.44 -20.57
N PHE A 181 7.09 -14.44 -20.67
CA PHE A 181 7.97 -14.88 -19.60
C PHE A 181 9.35 -14.26 -19.79
N PHE A 182 9.73 -13.31 -18.89
CA PHE A 182 11.00 -12.57 -18.95
C PHE A 182 11.15 -11.90 -20.33
N ALA A 183 10.04 -11.36 -20.84
CA ALA A 183 9.95 -10.67 -22.13
C ALA A 183 8.82 -9.64 -22.06
N ALA A 184 8.81 -8.70 -23.03
CA ALA A 184 7.80 -7.67 -23.12
C ALA A 184 6.43 -8.28 -23.51
N GLY A 185 5.35 -7.70 -23.02
CA GLY A 185 4.00 -8.11 -23.40
C GLY A 185 3.69 -7.58 -24.80
N ASN A 186 2.48 -7.85 -25.30
CA ASN A 186 2.11 -7.32 -26.62
C ASN A 186 0.89 -6.38 -26.56
N VAL A 187 0.27 -6.25 -25.37
CA VAL A 187 -0.84 -5.30 -25.12
C VAL A 187 -0.24 -3.99 -24.61
N ASN A 188 0.78 -4.15 -23.77
CA ASN A 188 1.56 -3.08 -23.18
C ASN A 188 2.88 -3.78 -22.73
N PRO A 189 3.89 -3.08 -22.19
CA PRO A 189 5.15 -3.76 -21.81
C PRO A 189 5.02 -4.92 -20.81
N ALA A 190 3.98 -4.91 -19.98
CA ALA A 190 3.77 -5.92 -18.93
C ALA A 190 3.04 -7.18 -19.35
N ALA A 191 2.04 -7.04 -20.23
CA ALA A 191 1.12 -8.14 -20.48
C ALA A 191 0.91 -8.57 -21.92
N GLU A 192 0.75 -9.90 -22.06
CA GLU A 192 0.36 -10.55 -23.30
C GLU A 192 -1.20 -10.50 -23.36
N ALA A 193 -1.80 -10.36 -24.60
CA ALA A 193 -3.24 -10.19 -24.88
C ALA A 193 -4.19 -11.19 -24.21
N ASN A 194 -3.94 -12.51 -24.35
CA ASN A 194 -4.81 -13.54 -23.76
C ASN A 194 -4.90 -13.46 -22.24
N ILE A 195 -3.76 -13.19 -21.58
CA ILE A 195 -3.71 -13.07 -20.14
C ILE A 195 -4.36 -11.78 -19.69
N HIS A 196 -4.05 -10.67 -20.39
CA HIS A 196 -4.63 -9.36 -20.08
C HIS A 196 -6.17 -9.35 -20.23
N GLY A 197 -6.68 -10.15 -21.18
CA GLY A 197 -8.11 -10.32 -21.43
C GLY A 197 -8.87 -10.82 -20.21
N ASP A 198 -8.22 -11.69 -19.40
CA ASP A 198 -8.81 -12.18 -18.15
C ASP A 198 -7.69 -12.67 -17.20
N PRO A 199 -7.05 -11.73 -16.45
CA PRO A 199 -5.94 -12.14 -15.57
C PRO A 199 -6.39 -13.07 -14.45
N GLU A 200 -7.58 -12.83 -13.86
CA GLU A 200 -8.14 -13.71 -12.80
C GLU A 200 -8.30 -15.15 -13.31
N ALA A 201 -8.85 -15.32 -14.53
CA ALA A 201 -9.03 -16.64 -15.15
C ALA A 201 -7.69 -17.34 -15.37
N ALA A 202 -6.69 -16.61 -15.90
CA ALA A 202 -5.36 -17.19 -16.14
C ALA A 202 -4.72 -17.66 -14.83
N ASP A 203 -4.85 -16.86 -13.74
CA ASP A 203 -4.29 -17.22 -12.42
C ASP A 203 -4.96 -18.48 -11.87
N ILE A 204 -6.29 -18.61 -12.05
CA ILE A 204 -7.04 -19.81 -11.66
C ILE A 204 -6.52 -21.04 -12.43
N VAL A 205 -6.34 -20.90 -13.76
CA VAL A 205 -5.84 -22.00 -14.60
C VAL A 205 -4.42 -22.42 -14.20
N PHE A 206 -3.48 -21.45 -14.11
CA PHE A 206 -2.07 -21.75 -13.78
C PHE A 206 -1.85 -22.35 -12.40
N THR A 207 -2.77 -22.13 -11.44
CA THR A 207 -2.67 -22.70 -10.08
C THR A 207 -3.66 -23.88 -9.83
N SER A 208 -4.35 -24.38 -10.90
CA SER A 208 -5.36 -25.45 -10.82
C SER A 208 -4.84 -26.85 -10.51
N GLY A 209 -3.56 -27.09 -10.77
CA GLY A 209 -2.97 -28.41 -10.55
C GLY A 209 -3.09 -29.33 -11.75
N ALA A 210 -3.69 -28.85 -12.85
CA ALA A 210 -3.83 -29.60 -14.10
C ALA A 210 -2.47 -29.74 -14.79
N ASP A 211 -2.35 -30.68 -15.75
CA ASP A 211 -1.14 -30.87 -16.55
C ASP A 211 -1.18 -29.74 -17.59
N ILE A 212 -0.47 -28.64 -17.30
CA ILE A 212 -0.46 -27.44 -18.14
C ILE A 212 0.87 -27.20 -18.81
N VAL A 213 0.80 -26.81 -20.08
CA VAL A 213 1.93 -26.45 -20.91
C VAL A 213 1.63 -25.02 -21.39
N VAL A 214 2.47 -24.04 -21.02
CA VAL A 214 2.27 -22.63 -21.42
C VAL A 214 3.32 -22.26 -22.44
N VAL A 215 2.86 -21.69 -23.55
CA VAL A 215 3.72 -21.24 -24.63
C VAL A 215 3.52 -19.71 -24.70
N GLY A 216 4.50 -18.96 -24.19
CA GLY A 216 4.46 -17.51 -24.18
C GLY A 216 4.93 -16.90 -25.47
N ILE A 217 4.71 -15.58 -25.63
CA ILE A 217 5.14 -14.85 -26.82
C ILE A 217 6.68 -14.72 -26.84
N ASN A 218 7.38 -14.97 -25.71
CA ASN A 218 8.86 -15.04 -25.64
C ASN A 218 9.31 -16.19 -26.58
N ILE A 219 8.43 -17.18 -26.78
CA ILE A 219 8.68 -18.31 -27.69
C ILE A 219 8.16 -18.03 -29.10
N THR A 220 6.87 -17.65 -29.22
CA THR A 220 6.18 -17.52 -30.50
C THR A 220 6.68 -16.38 -31.36
N THR A 221 7.30 -15.34 -30.78
CA THR A 221 7.86 -14.23 -31.56
C THR A 221 9.14 -14.65 -32.32
N GLN A 222 9.70 -15.85 -31.99
CA GLN A 222 10.86 -16.43 -32.66
C GLN A 222 10.43 -17.18 -33.94
N VAL A 223 9.12 -17.46 -34.06
CA VAL A 223 8.54 -18.21 -35.17
C VAL A 223 7.68 -17.30 -36.06
N CYS A 224 8.13 -17.09 -37.30
CA CYS A 224 7.47 -16.16 -38.20
C CYS A 224 7.25 -16.69 -39.59
N LEU A 225 6.33 -16.02 -40.30
CA LEU A 225 6.11 -16.19 -41.72
C LEU A 225 6.42 -14.80 -42.30
N THR A 226 7.44 -14.70 -43.14
CA THR A 226 7.80 -13.42 -43.78
C THR A 226 6.81 -13.15 -44.92
N ASP A 227 6.90 -11.96 -45.54
CA ASP A 227 6.12 -11.60 -46.75
C ASP A 227 6.39 -12.65 -47.83
N GLU A 228 7.65 -13.12 -47.94
CA GLU A 228 8.10 -14.14 -48.89
C GLU A 228 7.38 -15.49 -48.62
N ASP A 229 7.27 -15.89 -47.34
CA ASP A 229 6.57 -17.12 -46.92
C ASP A 229 5.07 -17.04 -47.23
N LEU A 230 4.46 -15.85 -47.03
CA LEU A 230 3.05 -15.61 -47.31
C LEU A 230 2.76 -15.67 -48.82
N LEU A 231 3.68 -15.14 -49.64
CA LEU A 231 3.57 -15.19 -51.11
C LEU A 231 3.66 -16.66 -51.56
N GLU A 232 4.58 -17.45 -50.93
CA GLU A 232 4.74 -18.89 -51.19
C GLU A 232 3.44 -19.64 -50.85
N LEU A 233 2.74 -19.23 -49.78
CA LEU A 233 1.43 -19.80 -49.41
C LEU A 233 0.37 -19.46 -50.47
N ARG A 234 0.29 -18.17 -50.88
CA ARG A 234 -0.64 -17.70 -51.92
C ARG A 234 -0.47 -18.51 -53.23
N ASN A 235 0.79 -18.79 -53.62
CA ASN A 235 1.12 -19.53 -54.85
C ASN A 235 1.09 -21.05 -54.70
N SER A 236 0.84 -21.57 -53.48
CA SER A 236 0.81 -23.02 -53.23
C SER A 236 -0.50 -23.69 -53.66
N LYS A 237 -0.55 -25.02 -53.57
CA LYS A 237 -1.73 -25.84 -53.87
C LYS A 237 -2.53 -26.13 -52.58
N GLY A 238 -2.29 -25.36 -51.53
CA GLY A 238 -2.98 -25.47 -50.25
C GLY A 238 -4.48 -25.32 -50.38
N LYS A 239 -5.23 -26.24 -49.74
CA LYS A 239 -6.71 -26.31 -49.73
C LYS A 239 -7.34 -24.93 -49.39
N HIS A 240 -6.78 -24.25 -48.38
CA HIS A 240 -7.30 -22.96 -47.92
C HIS A 240 -6.33 -21.79 -48.16
N ALA A 241 -5.31 -22.00 -49.04
CA ALA A 241 -4.26 -21.03 -49.38
C ALA A 241 -4.80 -19.63 -49.68
N ALA A 242 -5.78 -19.51 -50.60
CA ALA A 242 -6.35 -18.22 -51.02
C ALA A 242 -7.04 -17.49 -49.85
N PHE A 243 -7.86 -18.22 -49.06
CA PHE A 243 -8.57 -17.66 -47.92
C PHE A 243 -7.59 -17.20 -46.83
N LEU A 244 -6.59 -18.05 -46.49
CA LEU A 244 -5.57 -17.78 -45.49
C LEU A 244 -4.78 -16.53 -45.84
N TYR A 245 -4.33 -16.41 -47.10
CA TYR A 245 -3.56 -15.27 -47.59
C TYR A 245 -4.36 -13.97 -47.43
N GLU A 246 -5.65 -13.99 -47.86
CA GLU A 246 -6.56 -12.86 -47.79
C GLU A 246 -6.75 -12.36 -46.34
N MET A 247 -7.03 -13.29 -45.42
CA MET A 247 -7.18 -13.01 -44.00
C MET A 247 -5.93 -12.36 -43.39
N CYS A 248 -4.74 -12.93 -43.71
CA CYS A 248 -3.42 -12.54 -43.22
C CYS A 248 -2.97 -11.16 -43.64
N LYS A 249 -3.58 -10.55 -44.69
CA LYS A 249 -3.20 -9.22 -45.15
C LYS A 249 -3.34 -8.20 -44.02
N PHE A 250 -4.50 -8.17 -43.36
CA PHE A 250 -4.76 -7.27 -42.26
C PHE A 250 -3.83 -7.55 -41.06
N TYR A 251 -3.63 -8.83 -40.74
CA TYR A 251 -2.77 -9.28 -39.63
C TYR A 251 -1.31 -8.85 -39.87
N ARG A 252 -0.78 -9.14 -41.08
CA ARG A 252 0.58 -8.75 -41.50
C ARG A 252 0.76 -7.22 -41.43
N ASP A 253 -0.26 -6.45 -41.82
CA ASP A 253 -0.21 -4.99 -41.78
C ASP A 253 -0.06 -4.45 -40.36
N TRP A 254 -0.72 -5.08 -39.37
CA TRP A 254 -0.57 -4.70 -37.97
C TRP A 254 0.88 -4.93 -37.50
N HIS A 255 1.48 -6.08 -37.86
CA HIS A 255 2.86 -6.42 -37.54
C HIS A 255 3.84 -5.37 -38.10
N ALA A 256 3.60 -4.92 -39.35
CA ALA A 256 4.43 -3.89 -39.99
C ALA A 256 4.30 -2.53 -39.28
N LYS A 257 3.08 -2.15 -38.89
CA LYS A 257 2.80 -0.87 -38.20
C LYS A 257 3.27 -0.83 -36.76
N SER A 258 3.12 -1.95 -36.03
CA SER A 258 3.44 -2.01 -34.60
C SER A 258 4.81 -2.57 -34.27
N ASP A 259 5.12 -3.78 -34.76
CA ASP A 259 6.40 -4.46 -34.49
C ASP A 259 7.50 -4.08 -35.48
N GLY A 260 7.13 -3.48 -36.60
CA GLY A 260 8.09 -3.14 -37.66
C GLY A 260 8.56 -4.37 -38.42
N PHE A 261 7.78 -5.46 -38.35
CA PHE A 261 8.09 -6.73 -38.99
C PHE A 261 7.21 -6.97 -40.24
N HIS A 262 7.85 -7.27 -41.36
CA HIS A 262 7.19 -7.51 -42.64
C HIS A 262 6.81 -9.00 -42.77
N GLY A 263 5.69 -9.35 -42.14
CA GLY A 263 5.14 -10.70 -42.09
C GLY A 263 4.26 -10.86 -40.88
N ILE A 264 4.14 -12.09 -40.35
CA ILE A 264 3.32 -12.34 -39.16
C ILE A 264 4.06 -13.25 -38.18
N PHE A 265 3.76 -13.11 -36.90
CA PHE A 265 4.26 -14.04 -35.89
C PHE A 265 3.23 -15.18 -35.90
N LEU A 266 3.64 -16.41 -35.62
CA LEU A 266 2.72 -17.55 -35.63
C LEU A 266 2.31 -18.03 -34.22
N HIS A 267 1.75 -17.15 -33.41
CA HIS A 267 1.32 -17.42 -32.04
C HIS A 267 0.51 -18.73 -31.86
N ASP A 268 -0.75 -18.74 -32.30
CA ASP A 268 -1.64 -19.90 -32.14
C ASP A 268 -1.17 -21.13 -32.92
N PRO A 269 -0.69 -21.04 -34.20
CA PRO A 269 -0.15 -22.24 -34.85
C PRO A 269 1.03 -22.91 -34.13
N VAL A 270 1.87 -22.13 -33.39
CA VAL A 270 3.00 -22.66 -32.60
C VAL A 270 2.49 -23.45 -31.39
N SER A 271 1.45 -22.94 -30.70
CA SER A 271 0.90 -23.67 -29.53
C SER A 271 0.26 -25.00 -30.01
N PHE A 272 -0.33 -25.01 -31.23
CA PHE A 272 -0.88 -26.24 -31.83
C PHE A 272 0.27 -27.22 -32.10
N THR A 273 1.43 -26.71 -32.59
CA THR A 273 2.63 -27.53 -32.83
C THR A 273 3.12 -28.14 -31.50
N ALA A 274 2.94 -27.43 -30.37
CA ALA A 274 3.35 -27.95 -29.04
C ALA A 274 2.48 -29.11 -28.59
N VAL A 275 1.21 -29.17 -29.07
CA VAL A 275 0.28 -30.27 -28.77
C VAL A 275 0.77 -31.56 -29.45
N LEU A 276 1.08 -31.46 -30.76
CA LEU A 276 1.45 -32.61 -31.60
C LEU A 276 2.89 -33.01 -31.54
N HIS A 277 3.77 -32.00 -31.40
CA HIS A 277 5.21 -32.17 -31.40
C HIS A 277 5.88 -31.41 -30.23
N PRO A 278 5.63 -31.81 -28.95
CA PRO A 278 6.31 -31.14 -27.82
C PRO A 278 7.84 -31.29 -27.87
N GLU A 279 8.34 -32.29 -28.62
CA GLU A 279 9.78 -32.55 -28.80
C GLU A 279 10.51 -31.46 -29.62
N TYR A 280 9.75 -30.53 -30.26
CA TYR A 280 10.34 -29.40 -31.01
C TYR A 280 10.65 -28.22 -30.05
N PHE A 281 10.39 -28.41 -28.75
CA PHE A 281 10.58 -27.41 -27.71
C PHE A 281 11.28 -28.04 -26.52
N THR A 282 11.82 -27.22 -25.62
CA THR A 282 12.32 -27.62 -24.32
C THR A 282 11.44 -26.87 -23.35
N PHE A 283 11.19 -27.45 -22.17
CA PHE A 283 10.32 -26.85 -21.18
C PHE A 283 11.03 -26.77 -19.84
N LYS A 284 10.63 -25.80 -19.02
CA LYS A 284 11.11 -25.66 -17.65
C LYS A 284 9.88 -25.72 -16.77
N LYS A 285 9.98 -26.45 -15.65
CA LYS A 285 8.90 -26.58 -14.67
C LYS A 285 9.02 -25.44 -13.64
N GLY A 286 7.88 -24.89 -13.27
CA GLY A 286 7.84 -23.83 -12.28
C GLY A 286 6.43 -23.34 -12.01
N VAL A 287 6.25 -22.75 -10.82
CA VAL A 287 4.97 -22.15 -10.43
C VAL A 287 4.83 -20.85 -11.21
N VAL A 288 3.68 -20.65 -11.84
CA VAL A 288 3.32 -19.42 -12.57
C VAL A 288 2.16 -18.73 -11.85
N ARG A 289 2.33 -17.43 -11.59
CA ARG A 289 1.32 -16.55 -11.02
C ARG A 289 1.06 -15.43 -12.02
N VAL A 290 -0.15 -14.86 -11.96
CA VAL A 290 -0.57 -13.75 -12.80
C VAL A 290 -0.93 -12.56 -11.92
N GLU A 291 -0.39 -11.38 -12.25
CA GLU A 291 -0.72 -10.13 -11.56
C GLU A 291 -2.14 -9.71 -12.05
N THR A 292 -3.06 -9.45 -11.13
CA THR A 292 -4.45 -9.13 -11.45
C THR A 292 -4.81 -7.65 -11.24
N GLN A 293 -3.92 -6.85 -10.64
CA GLN A 293 -4.16 -5.43 -10.40
C GLN A 293 -2.92 -4.57 -10.70
N GLY A 294 -3.10 -3.26 -10.65
CA GLY A 294 -2.03 -2.29 -10.87
C GLY A 294 -1.56 -2.18 -12.31
N ILE A 295 -0.43 -1.49 -12.48
CA ILE A 295 0.18 -1.24 -13.79
C ILE A 295 0.64 -2.54 -14.49
N CYS A 296 0.96 -3.60 -13.71
CA CYS A 296 1.38 -4.87 -14.27
C CYS A 296 0.26 -5.91 -14.41
N THR A 297 -1.02 -5.49 -14.39
CA THR A 297 -2.18 -6.37 -14.63
C THR A 297 -1.91 -7.23 -15.89
N GLY A 298 -2.11 -8.53 -15.76
CA GLY A 298 -1.90 -9.49 -16.84
C GLY A 298 -0.47 -9.99 -17.00
N HIS A 299 0.51 -9.50 -16.21
CA HIS A 299 1.90 -9.98 -16.26
C HIS A 299 1.97 -11.40 -15.74
N THR A 300 2.69 -12.29 -16.47
CA THR A 300 2.90 -13.70 -16.10
C THR A 300 4.31 -13.83 -15.58
N LEU A 301 4.44 -14.47 -14.43
CA LEU A 301 5.75 -14.67 -13.83
C LEU A 301 5.90 -16.07 -13.27
N MET A 302 6.98 -16.71 -13.68
CA MET A 302 7.32 -18.07 -13.28
C MET A 302 8.46 -18.07 -12.27
N ASP A 303 8.36 -18.94 -11.25
CA ASP A 303 9.45 -19.19 -10.29
C ASP A 303 10.11 -20.50 -10.78
N GLN A 304 11.32 -20.39 -11.35
CA GLN A 304 12.09 -21.54 -11.87
C GLN A 304 12.57 -22.48 -10.75
N GLY A 305 12.56 -22.01 -9.50
CA GLY A 305 12.97 -22.78 -8.35
C GLY A 305 14.46 -22.99 -8.20
N LEU A 306 15.27 -22.14 -8.86
CA LEU A 306 16.74 -22.22 -8.81
C LEU A 306 17.33 -21.50 -7.58
N LYS A 307 16.50 -20.74 -6.85
CA LYS A 307 16.95 -20.03 -5.67
C LYS A 307 16.10 -20.42 -4.47
N LYS A 308 16.75 -20.74 -3.34
CA LYS A 308 16.07 -21.08 -2.10
C LYS A 308 15.68 -19.79 -1.39
N TRP A 309 14.37 -19.55 -1.25
CA TRP A 309 13.85 -18.34 -0.60
C TRP A 309 13.93 -18.47 0.93
N ASN A 310 14.15 -17.33 1.60
CA ASN A 310 14.24 -17.28 3.06
C ASN A 310 12.86 -17.43 3.71
N SER A 311 11.82 -16.92 3.05
CA SER A 311 10.44 -16.95 3.55
C SER A 311 9.48 -17.31 2.41
N GLU A 312 8.21 -17.60 2.76
CA GLU A 312 7.17 -17.92 1.79
C GLU A 312 6.76 -16.70 0.99
N ASN A 313 6.33 -16.92 -0.22
CA ASN A 313 5.92 -15.85 -1.13
C ASN A 313 4.71 -16.33 -1.97
N PRO A 314 4.12 -15.50 -2.85
CA PRO A 314 2.99 -15.96 -3.68
C PRO A 314 3.24 -17.14 -4.63
N TRP A 315 4.53 -17.53 -4.86
CA TRP A 315 4.85 -18.67 -5.72
C TRP A 315 5.00 -19.98 -4.90
N SER A 316 5.03 -19.89 -3.56
CA SER A 316 5.17 -21.05 -2.66
C SER A 316 3.91 -21.95 -2.61
N GLY A 317 4.13 -23.25 -2.51
CA GLY A 317 3.09 -24.26 -2.30
C GLY A 317 2.24 -24.73 -3.47
N TYR A 318 2.25 -23.98 -4.59
CA TYR A 318 1.47 -24.39 -5.75
C TYR A 318 2.17 -25.51 -6.54
N LYS A 319 1.41 -26.22 -7.37
CA LYS A 319 1.96 -27.27 -8.22
C LYS A 319 2.62 -26.58 -9.44
N PRO A 320 3.88 -26.92 -9.80
CA PRO A 320 4.51 -26.29 -10.99
C PRO A 320 3.83 -26.71 -12.28
N ILE A 321 3.98 -25.90 -13.33
CA ILE A 321 3.46 -26.23 -14.67
C ILE A 321 4.65 -26.22 -15.65
N SER A 322 4.44 -26.64 -16.91
CA SER A 322 5.51 -26.64 -17.91
C SER A 322 5.48 -25.37 -18.74
N VAL A 323 6.59 -24.64 -18.78
CA VAL A 323 6.69 -23.38 -19.55
C VAL A 323 7.68 -23.60 -20.68
N ALA A 324 7.24 -23.36 -21.94
CA ALA A 324 8.09 -23.49 -23.12
C ALA A 324 9.28 -22.54 -22.99
N TRP A 325 10.49 -23.07 -23.05
CA TRP A 325 11.73 -22.33 -22.83
C TRP A 325 12.52 -22.03 -24.10
N THR A 326 12.63 -23.04 -24.99
CA THR A 326 13.30 -22.91 -26.28
C THR A 326 12.42 -23.58 -27.34
N VAL A 327 12.65 -23.23 -28.61
CA VAL A 327 11.91 -23.75 -29.75
C VAL A 327 12.87 -24.04 -30.90
N ASP A 328 12.68 -25.20 -31.59
CA ASP A 328 13.45 -25.57 -32.76
C ASP A 328 12.67 -24.92 -33.90
N VAL A 329 13.02 -23.66 -34.21
CA VAL A 329 12.35 -22.82 -35.22
C VAL A 329 12.22 -23.51 -36.61
N PRO A 330 13.29 -24.08 -37.25
CA PRO A 330 13.07 -24.71 -38.57
C PRO A 330 12.08 -25.87 -38.56
N LYS A 331 12.11 -26.72 -37.52
CA LYS A 331 11.20 -27.87 -37.39
C LYS A 331 9.74 -27.43 -37.21
N VAL A 332 9.51 -26.36 -36.42
CA VAL A 332 8.17 -25.81 -36.19
C VAL A 332 7.61 -25.19 -37.49
N ILE A 333 8.44 -24.38 -38.18
CA ILE A 333 8.07 -23.72 -39.44
C ILE A 333 7.71 -24.76 -40.52
N SER A 334 8.54 -25.81 -40.67
CA SER A 334 8.34 -26.89 -41.63
C SER A 334 6.99 -27.60 -41.41
N PHE A 335 6.69 -27.95 -40.14
CA PHE A 335 5.44 -28.60 -39.77
C PHE A 335 4.21 -27.70 -40.08
N ILE A 336 4.28 -26.40 -39.73
CA ILE A 336 3.19 -25.44 -39.96
C ILE A 336 2.97 -25.25 -41.48
N LYS A 337 4.05 -25.00 -42.23
CA LYS A 337 4.03 -24.82 -43.68
C LYS A 337 3.42 -26.01 -44.42
N LYS A 338 3.76 -27.28 -44.02
CA LYS A 338 3.20 -28.47 -44.68
C LYS A 338 1.68 -28.59 -44.46
N LEU A 339 1.16 -28.21 -43.26
CA LEU A 339 -0.29 -28.24 -43.01
C LEU A 339 -1.03 -27.12 -43.77
N LEU A 340 -0.44 -25.92 -43.83
CA LEU A 340 -1.04 -24.77 -44.53
C LEU A 340 -1.04 -24.94 -46.04
N MET A 341 -0.05 -25.68 -46.58
CA MET A 341 0.11 -25.88 -48.02
C MET A 341 -0.38 -27.26 -48.52
N ALA A 342 -0.98 -28.08 -47.63
CA ALA A 342 -1.53 -29.40 -47.95
C ALA A 342 -2.77 -29.25 -48.85
N PRO A 343 -2.84 -29.96 -50.01
CA PRO A 343 -3.99 -29.81 -50.91
C PRO A 343 -5.29 -30.44 -50.40
N ARG B 27 41.33 17.63 -10.43
CA ARG B 27 39.97 17.65 -10.92
C ARG B 27 39.29 16.29 -10.62
N ARG B 28 38.34 16.30 -9.67
CA ARG B 28 37.65 15.09 -9.19
C ARG B 28 36.14 15.22 -9.27
N ASP B 29 35.45 14.11 -9.60
CA ASP B 29 33.99 14.06 -9.69
C ASP B 29 33.36 13.91 -8.30
N LYS B 30 32.48 14.85 -7.94
CA LYS B 30 31.78 14.88 -6.66
C LYS B 30 30.74 13.78 -6.63
N LEU B 31 30.74 12.99 -5.57
CA LEU B 31 29.85 11.87 -5.43
C LEU B 31 29.29 11.75 -4.03
N ILE B 32 27.97 11.52 -3.95
CA ILE B 32 27.24 11.21 -2.72
C ILE B 32 26.85 9.74 -2.84
N ILE B 33 27.15 8.95 -1.81
CA ILE B 33 26.78 7.54 -1.81
C ILE B 33 25.60 7.36 -0.83
N ASP B 34 24.42 6.95 -1.35
CA ASP B 34 23.23 6.66 -0.53
C ASP B 34 23.25 5.16 -0.37
N THR B 35 23.29 4.67 0.89
CA THR B 35 23.65 3.28 1.14
C THR B 35 23.11 2.69 2.46
N ASP B 36 22.99 1.35 2.51
CA ASP B 36 22.57 0.58 3.72
C ASP B 36 23.70 -0.41 4.10
N PRO B 37 24.93 0.05 4.53
CA PRO B 37 26.00 -0.93 4.81
C PRO B 37 25.75 -1.86 6.02
N GLY B 38 25.69 -3.19 5.79
CA GLY B 38 25.79 -3.84 4.47
C GLY B 38 27.22 -4.21 4.08
N ILE B 39 27.43 -5.49 3.76
CA ILE B 39 28.74 -6.03 3.38
C ILE B 39 29.21 -5.50 2.01
N ASP B 40 28.40 -5.62 0.95
CA ASP B 40 28.87 -5.15 -0.38
C ASP B 40 28.87 -3.64 -0.49
N ASP B 41 28.02 -2.96 0.31
CA ASP B 41 28.02 -1.51 0.43
C ASP B 41 29.35 -1.09 1.05
N SER B 42 29.77 -1.76 2.16
CA SER B 42 31.03 -1.47 2.85
C SER B 42 32.26 -1.62 1.94
N MET B 43 32.26 -2.67 1.09
CA MET B 43 33.29 -2.93 0.08
C MET B 43 33.33 -1.75 -0.93
N THR B 44 32.14 -1.31 -1.40
CA THR B 44 32.00 -0.19 -2.36
C THR B 44 32.52 1.14 -1.80
N ILE B 45 32.18 1.44 -0.53
CA ILE B 45 32.57 2.69 0.13
C ILE B 45 34.10 2.74 0.26
N LEU B 46 34.72 1.65 0.74
CA LEU B 46 36.19 1.56 0.85
C LEU B 46 36.86 1.66 -0.53
N MET B 47 36.24 1.07 -1.56
CA MET B 47 36.73 1.16 -2.94
C MET B 47 36.69 2.62 -3.40
N ALA B 48 35.54 3.30 -3.17
CA ALA B 48 35.29 4.69 -3.53
C ALA B 48 36.29 5.66 -2.89
N PHE B 49 36.67 5.43 -1.61
CA PHE B 49 37.65 6.25 -0.90
C PHE B 49 39.08 6.13 -1.49
N ARG B 50 39.36 5.02 -2.19
CA ARG B 50 40.65 4.75 -2.82
C ARG B 50 40.71 5.23 -4.30
N ALA B 51 39.56 5.52 -4.91
CA ALA B 51 39.47 5.96 -6.32
C ALA B 51 39.94 7.43 -6.45
N PRO B 52 41.09 7.71 -7.13
CA PRO B 52 41.58 9.11 -7.21
C PRO B 52 40.75 10.09 -8.03
N SER B 53 39.93 9.60 -8.99
CA SER B 53 39.11 10.49 -9.82
C SER B 53 37.81 10.92 -9.14
N VAL B 54 37.55 10.39 -7.93
CA VAL B 54 36.32 10.61 -7.15
C VAL B 54 36.58 11.40 -5.88
N GLU B 55 35.66 12.35 -5.58
CA GLU B 55 35.62 13.10 -4.35
C GLU B 55 34.30 12.74 -3.67
N ILE B 56 34.37 11.97 -2.58
CA ILE B 56 33.18 11.60 -1.80
C ILE B 56 32.83 12.79 -0.92
N ILE B 57 31.72 13.46 -1.22
CA ILE B 57 31.32 14.65 -0.46
C ILE B 57 30.36 14.28 0.68
N GLY B 58 29.91 13.02 0.72
CA GLY B 58 29.07 12.56 1.81
C GLY B 58 28.47 11.17 1.62
N LEU B 59 28.11 10.55 2.74
CA LEU B 59 27.42 9.26 2.79
C LEU B 59 26.04 9.51 3.37
N THR B 60 25.00 9.00 2.71
CA THR B 60 23.61 9.16 3.17
C THR B 60 23.06 7.77 3.47
N THR B 61 22.50 7.56 4.66
CA THR B 61 22.14 6.19 5.01
C THR B 61 20.65 5.90 4.91
N ILE B 62 20.36 4.60 4.68
CA ILE B 62 18.99 4.07 4.53
C ILE B 62 18.99 2.65 5.11
N PHE B 63 17.80 2.10 5.35
CA PHE B 63 17.58 0.75 5.86
C PHE B 63 17.73 -0.25 4.68
N GLY B 64 17.67 -1.54 4.94
CA GLY B 64 17.65 -2.59 3.93
C GLY B 64 18.37 -3.84 4.37
N ASN B 65 19.73 -3.83 4.27
CA ASN B 65 20.60 -4.92 4.72
C ASN B 65 20.65 -4.89 6.25
N VAL B 66 20.28 -3.73 6.82
CA VAL B 66 20.31 -3.45 8.25
C VAL B 66 19.34 -2.26 8.50
N ASP B 67 18.93 -2.02 9.76
CA ASP B 67 18.09 -0.87 10.10
C ASP B 67 18.93 0.38 9.86
N THR B 68 18.27 1.53 9.63
CA THR B 68 18.95 2.79 9.36
C THR B 68 20.03 3.14 10.38
N LYS B 69 19.72 2.98 11.69
CA LYS B 69 20.69 3.30 12.75
C LYS B 69 21.98 2.46 12.60
N GLY B 70 21.84 1.17 12.25
CA GLY B 70 22.93 0.25 11.99
C GLY B 70 23.75 0.67 10.76
N ALA B 71 23.07 1.15 9.71
CA ALA B 71 23.73 1.65 8.50
C ALA B 71 24.56 2.91 8.81
N THR B 72 24.02 3.86 9.61
CA THR B 72 24.72 5.09 10.05
C THR B 72 25.98 4.71 10.82
N ARG B 73 25.85 3.77 11.79
CA ARG B 73 26.96 3.30 12.62
C ARG B 73 28.09 2.75 11.72
N ASN B 74 27.73 1.94 10.69
CA ASN B 74 28.69 1.38 9.73
C ASN B 74 29.31 2.44 8.83
N ALA B 75 28.53 3.41 8.34
CA ALA B 75 29.04 4.48 7.47
C ALA B 75 30.08 5.34 8.24
N LEU B 76 29.79 5.64 9.52
CA LEU B 76 30.69 6.41 10.36
C LEU B 76 31.99 5.63 10.60
N LEU B 77 31.88 4.30 10.88
CA LEU B 77 33.03 3.43 11.09
C LEU B 77 33.90 3.33 9.82
N LEU B 78 33.25 3.28 8.63
CA LEU B 78 33.94 3.20 7.34
C LEU B 78 34.76 4.45 7.03
N CYS B 79 34.22 5.63 7.36
CA CYS B 79 34.89 6.93 7.21
C CYS B 79 36.16 6.93 8.07
N GLU B 80 36.05 6.47 9.33
CA GLU B 80 37.17 6.36 10.26
C GLU B 80 38.21 5.37 9.72
N ARG B 81 37.77 4.19 9.25
CA ARG B 81 38.62 3.13 8.69
C ARG B 81 39.41 3.61 7.46
N ALA B 82 38.77 4.39 6.58
CA ALA B 82 39.40 4.94 5.38
C ALA B 82 40.33 6.14 5.70
N GLY B 83 40.33 6.58 6.97
CA GLY B 83 41.14 7.70 7.43
C GLY B 83 40.57 9.04 7.01
N CYS B 84 39.24 9.09 6.78
CA CYS B 84 38.50 10.29 6.38
C CYS B 84 37.29 10.53 7.34
N PRO B 85 37.49 10.73 8.67
CA PRO B 85 36.32 10.94 9.55
C PRO B 85 35.63 12.30 9.39
N GLU B 86 36.20 13.20 8.56
CA GLU B 86 35.63 14.51 8.26
C GLU B 86 34.51 14.42 7.20
N VAL B 87 34.45 13.30 6.44
CA VAL B 87 33.41 13.08 5.42
C VAL B 87 32.03 13.01 6.11
N PRO B 88 31.11 13.93 5.77
CA PRO B 88 29.79 13.90 6.44
C PRO B 88 28.95 12.65 6.20
N VAL B 89 28.32 12.16 7.27
CA VAL B 89 27.38 11.04 7.24
C VAL B 89 26.03 11.63 7.66
N ALA B 90 25.03 11.56 6.77
CA ALA B 90 23.69 12.09 7.02
C ALA B 90 22.71 10.91 7.09
N GLU B 91 22.07 10.73 8.25
CA GLU B 91 21.12 9.65 8.45
C GLU B 91 19.81 9.93 7.72
N GLY B 92 19.32 8.94 7.00
CA GLY B 92 18.08 9.06 6.22
C GLY B 92 16.87 8.45 6.88
N SER B 93 15.91 8.07 6.06
CA SER B 93 14.65 7.53 6.54
C SER B 93 14.78 6.18 7.22
N HIS B 94 14.00 5.99 8.27
CA HIS B 94 13.96 4.76 9.05
C HIS B 94 12.92 3.79 8.48
N GLU B 95 12.05 4.28 7.58
CA GLU B 95 10.99 3.47 6.99
C GLU B 95 10.74 3.85 5.54
N PRO B 96 10.08 2.97 4.73
CA PRO B 96 9.74 3.38 3.35
C PRO B 96 8.67 4.47 3.33
N LEU B 97 8.45 5.10 2.16
CA LEU B 97 7.44 6.16 2.00
C LEU B 97 6.03 5.74 2.50
N LYS B 98 5.64 4.47 2.27
CA LYS B 98 4.33 3.93 2.70
C LYS B 98 4.24 3.69 4.22
N GLY B 99 5.38 3.72 4.90
CA GLY B 99 5.45 3.55 6.35
C GLY B 99 5.62 2.10 6.79
N GLY B 100 5.94 1.95 8.08
CA GLY B 100 6.11 0.67 8.74
C GLY B 100 7.57 0.32 8.96
N LYS B 101 7.88 -0.33 10.08
CA LYS B 101 9.23 -0.75 10.41
C LYS B 101 9.69 -1.83 9.40
N PRO B 102 10.73 -1.58 8.57
CA PRO B 102 11.11 -2.58 7.57
C PRO B 102 11.80 -3.79 8.19
N ARG B 103 11.59 -4.96 7.59
CA ARG B 103 12.27 -6.19 7.97
C ARG B 103 13.63 -6.03 7.26
N VAL B 104 14.70 -6.41 7.92
CA VAL B 104 16.03 -6.21 7.31
C VAL B 104 16.71 -7.55 6.98
N ALA B 105 17.66 -7.54 6.02
CA ALA B 105 18.42 -8.74 5.59
C ALA B 105 19.54 -9.16 6.58
N ASP B 106 19.18 -9.43 7.86
CA ASP B 106 20.15 -9.90 8.86
C ASP B 106 20.66 -11.33 8.58
N PHE B 107 19.88 -12.12 7.84
CA PHE B 107 20.24 -13.49 7.42
C PHE B 107 21.25 -13.44 6.24
N VAL B 108 21.42 -12.24 5.64
CA VAL B 108 22.38 -12.01 4.56
C VAL B 108 23.64 -11.28 5.09
N HIS B 109 23.49 -10.18 5.85
CA HIS B 109 24.61 -9.32 6.31
C HIS B 109 24.92 -9.37 7.78
N GLY B 110 24.22 -10.22 8.53
CA GLY B 110 24.44 -10.32 9.97
C GLY B 110 23.60 -9.29 10.70
N SER B 111 23.53 -9.42 12.03
CA SER B 111 22.77 -8.55 12.94
C SER B 111 23.29 -7.12 12.95
N ASP B 112 24.61 -6.92 12.76
CA ASP B 112 25.25 -5.61 12.75
C ASP B 112 25.39 -5.05 11.31
N GLY B 113 24.96 -5.83 10.33
CA GLY B 113 25.05 -5.46 8.91
C GLY B 113 26.42 -5.65 8.29
N ILE B 114 27.43 -6.11 9.06
CA ILE B 114 28.77 -6.28 8.49
C ILE B 114 29.39 -7.67 8.77
N GLY B 115 28.54 -8.68 8.90
CA GLY B 115 28.95 -10.06 9.11
C GLY B 115 29.27 -10.42 10.54
N ASN B 116 28.54 -9.80 11.50
CA ASN B 116 28.66 -10.06 12.94
C ASN B 116 30.07 -9.87 13.50
N LEU B 117 30.70 -8.74 13.14
CA LEU B 117 32.04 -8.40 13.62
C LEU B 117 31.95 -7.70 14.98
N PHE B 118 30.78 -7.08 15.29
CA PHE B 118 30.46 -6.39 16.53
C PHE B 118 31.61 -5.48 16.99
N LEU B 119 31.95 -4.53 16.12
CA LEU B 119 33.03 -3.58 16.30
C LEU B 119 32.69 -2.49 17.32
N PRO B 120 33.69 -1.88 18.02
CA PRO B 120 33.39 -0.77 18.93
C PRO B 120 32.77 0.41 18.15
N ALA B 121 31.94 1.20 18.85
CA ALA B 121 31.20 2.33 18.29
C ALA B 121 32.12 3.41 17.70
N PRO B 122 31.69 4.11 16.62
CA PRO B 122 32.53 5.19 16.09
C PRO B 122 32.59 6.40 17.05
N SER B 123 33.67 7.17 16.95
CA SER B 123 33.89 8.40 17.71
C SER B 123 33.28 9.55 16.92
N ALA B 124 33.36 9.47 15.58
CA ALA B 124 32.78 10.45 14.64
C ALA B 124 31.24 10.40 14.77
N LYS B 125 30.61 11.55 14.62
CA LYS B 125 29.18 11.71 14.73
C LYS B 125 28.57 12.10 13.39
N LYS B 126 27.30 11.68 13.18
CA LYS B 126 26.55 12.05 12.00
C LYS B 126 26.24 13.55 12.04
N VAL B 127 26.00 14.17 10.86
CA VAL B 127 25.61 15.58 10.77
C VAL B 127 24.14 15.70 11.28
N GLU B 128 23.70 16.92 11.59
CA GLU B 128 22.36 17.18 12.12
C GLU B 128 21.25 16.95 11.08
N GLU B 129 21.48 17.41 9.84
CA GLU B 129 20.49 17.32 8.77
C GLU B 129 20.23 15.89 8.29
N SER B 130 19.01 15.64 7.83
CA SER B 130 18.61 14.33 7.28
C SER B 130 19.32 14.11 5.93
N ALA B 131 19.35 12.85 5.46
CA ALA B 131 19.93 12.48 4.16
C ALA B 131 19.23 13.25 3.02
N ALA B 132 17.88 13.38 3.08
CA ALA B 132 17.08 14.11 2.07
C ALA B 132 17.51 15.59 1.98
N ASP B 133 17.68 16.25 3.14
CA ASP B 133 18.11 17.64 3.18
C ASP B 133 19.57 17.81 2.74
N PHE B 134 20.43 16.85 3.10
CA PHE B 134 21.84 16.83 2.67
C PHE B 134 21.92 16.72 1.14
N LEU B 135 21.10 15.82 0.51
CA LEU B 135 21.06 15.63 -0.94
C LEU B 135 20.66 16.94 -1.63
N ILE B 136 19.56 17.56 -1.18
CA ILE B 136 19.05 18.84 -1.71
C ILE B 136 20.12 19.94 -1.62
N ASN B 137 20.73 20.08 -0.42
CA ASN B 137 21.71 21.13 -0.16
C ASN B 137 22.97 21.03 -1.03
N LYS B 138 23.58 19.85 -1.14
CA LYS B 138 24.82 19.65 -1.89
C LYS B 138 24.63 19.82 -3.38
N VAL B 139 23.51 19.30 -3.91
CA VAL B 139 23.14 19.38 -5.31
C VAL B 139 22.85 20.86 -5.69
N SER B 140 22.18 21.61 -4.79
CA SER B 140 21.89 23.04 -5.01
C SER B 140 23.17 23.88 -4.88
N GLU B 141 24.12 23.46 -4.00
CA GLU B 141 25.40 24.14 -3.79
C GLU B 141 26.29 24.00 -5.04
N PHE B 142 26.29 22.81 -5.66
CA PHE B 142 27.09 22.52 -6.85
C PHE B 142 26.16 22.03 -7.98
N PRO B 143 25.36 22.91 -8.65
CA PRO B 143 24.44 22.43 -9.70
C PRO B 143 25.16 21.83 -10.91
N GLY B 144 24.67 20.67 -11.36
CA GLY B 144 25.19 19.91 -12.47
C GLY B 144 26.52 19.21 -12.24
N GLU B 145 27.01 19.20 -10.98
CA GLU B 145 28.32 18.62 -10.66
C GLU B 145 28.26 17.37 -9.78
N VAL B 146 27.18 17.20 -9.01
CA VAL B 146 27.08 16.11 -8.05
C VAL B 146 26.36 14.88 -8.58
N SER B 147 27.06 13.74 -8.56
CA SER B 147 26.49 12.46 -8.94
C SER B 147 26.06 11.73 -7.65
N VAL B 148 24.96 10.99 -7.72
CA VAL B 148 24.47 10.21 -6.59
C VAL B 148 24.54 8.73 -6.94
N LEU B 149 25.21 7.94 -6.12
CA LEU B 149 25.27 6.49 -6.29
C LEU B 149 24.33 5.88 -5.23
N ALA B 150 23.18 5.34 -5.68
CA ALA B 150 22.16 4.77 -4.79
C ALA B 150 22.32 3.26 -4.68
N LEU B 151 22.74 2.81 -3.48
CA LEU B 151 23.06 1.42 -3.14
C LEU B 151 22.02 0.70 -2.28
N GLY B 152 20.96 1.40 -1.93
CA GLY B 152 19.90 0.83 -1.11
C GLY B 152 18.53 1.23 -1.61
N PRO B 153 17.46 0.99 -0.81
CA PRO B 153 16.12 1.52 -1.17
C PRO B 153 16.20 3.03 -1.47
N LEU B 154 15.34 3.51 -2.35
CA LEU B 154 15.46 4.87 -2.88
C LEU B 154 14.70 5.97 -2.13
N THR B 155 14.27 5.69 -0.88
CA THR B 155 13.50 6.61 -0.05
C THR B 155 14.07 8.04 0.05
N ASN B 156 15.37 8.19 0.43
CA ASN B 156 16.00 9.52 0.61
C ASN B 156 16.02 10.31 -0.69
N VAL B 157 16.30 9.62 -1.81
CA VAL B 157 16.34 10.22 -3.16
C VAL B 157 14.94 10.68 -3.57
N ALA B 158 13.91 9.84 -3.34
CA ALA B 158 12.52 10.19 -3.63
C ALA B 158 12.07 11.37 -2.77
N LEU B 159 12.48 11.38 -1.47
CA LEU B 159 12.14 12.50 -0.56
C LEU B 159 12.75 13.82 -1.07
N ALA B 160 14.01 13.78 -1.55
CA ALA B 160 14.68 14.98 -2.11
C ALA B 160 13.96 15.45 -3.39
N ILE B 161 13.57 14.51 -4.26
CA ILE B 161 12.81 14.78 -5.49
C ILE B 161 11.46 15.44 -5.16
N LYS B 162 10.72 14.90 -4.17
CA LYS B 162 9.42 15.45 -3.78
C LYS B 162 9.52 16.82 -3.11
N ARG B 163 10.49 17.00 -2.20
CA ARG B 163 10.66 18.27 -1.46
C ARG B 163 11.21 19.40 -2.31
N ASP B 164 12.11 19.10 -3.25
CA ASP B 164 12.73 20.07 -4.14
C ASP B 164 12.41 19.72 -5.61
N PRO B 165 11.44 20.41 -6.24
CA PRO B 165 11.10 20.11 -7.66
C PRO B 165 12.21 20.39 -8.69
N SER B 166 13.25 21.14 -8.29
CA SER B 166 14.40 21.43 -9.16
C SER B 166 15.55 20.41 -8.96
N PHE B 167 15.43 19.51 -7.96
CA PHE B 167 16.46 18.50 -7.68
C PHE B 167 16.86 17.67 -8.90
N ALA B 168 15.86 17.10 -9.62
CA ALA B 168 16.08 16.26 -10.81
C ALA B 168 16.89 16.96 -11.92
N SER B 169 16.75 18.28 -12.05
CA SER B 169 17.46 19.07 -13.05
C SER B 169 18.86 19.49 -12.59
N LYS B 170 19.10 19.58 -11.26
CA LYS B 170 20.40 20.02 -10.74
C LYS B 170 21.38 18.85 -10.46
N VAL B 171 20.87 17.60 -10.19
CA VAL B 171 21.73 16.44 -9.98
C VAL B 171 22.43 16.09 -11.32
N LYS B 172 23.76 15.80 -11.29
CA LYS B 172 24.48 15.47 -12.52
C LYS B 172 23.98 14.11 -13.06
N LYS B 173 23.95 13.08 -12.19
CA LYS B 173 23.57 11.73 -12.56
C LYS B 173 23.19 10.96 -11.31
N ILE B 174 22.26 10.01 -11.45
CA ILE B 174 21.88 9.11 -10.37
C ILE B 174 22.15 7.70 -10.90
N VAL B 175 23.10 7.01 -10.31
CA VAL B 175 23.39 5.63 -10.69
C VAL B 175 22.76 4.76 -9.62
N VAL B 176 21.80 3.92 -10.03
CA VAL B 176 21.02 3.07 -9.13
C VAL B 176 21.40 1.60 -9.22
N LEU B 177 21.69 0.99 -8.05
CA LEU B 177 21.84 -0.46 -7.98
C LEU B 177 20.44 -0.90 -7.56
N GLY B 178 19.73 -1.55 -8.46
CA GLY B 178 18.37 -1.99 -8.15
C GLY B 178 17.61 -2.53 -9.34
N GLY B 179 16.59 -3.30 -9.04
CA GLY B 179 15.72 -3.90 -10.05
C GLY B 179 16.21 -5.21 -10.61
N ALA B 180 15.33 -5.88 -11.35
CA ALA B 180 15.59 -7.13 -12.05
C ALA B 180 14.79 -6.97 -13.36
N PHE B 181 15.51 -6.74 -14.45
CA PHE B 181 14.94 -6.45 -15.76
C PHE B 181 14.91 -7.71 -16.60
N PHE B 182 13.69 -8.22 -16.89
CA PHE B 182 13.48 -9.47 -17.63
C PHE B 182 14.29 -10.62 -16.99
N ALA B 183 14.27 -10.65 -15.64
CA ALA B 183 14.99 -11.65 -14.84
C ALA B 183 14.28 -11.80 -13.51
N ALA B 184 14.55 -12.92 -12.82
CA ALA B 184 13.98 -13.18 -11.49
C ALA B 184 14.52 -12.17 -10.46
N GLY B 185 13.69 -11.83 -9.48
CA GLY B 185 14.12 -10.99 -8.37
C GLY B 185 14.98 -11.78 -7.39
N ASN B 186 15.45 -11.15 -6.31
CA ASN B 186 16.23 -11.88 -5.31
C ASN B 186 15.54 -11.93 -3.93
N VAL B 187 14.44 -11.21 -3.80
CA VAL B 187 13.61 -11.17 -2.58
C VAL B 187 12.52 -12.23 -2.73
N ASN B 188 12.02 -12.36 -3.95
CA ASN B 188 11.02 -13.31 -4.37
C ASN B 188 11.13 -13.32 -5.93
N PRO B 189 10.38 -14.15 -6.69
CA PRO B 189 10.53 -14.14 -8.16
C PRO B 189 10.32 -12.81 -8.86
N ALA B 190 9.50 -11.91 -8.28
CA ALA B 190 9.16 -10.63 -8.89
C ALA B 190 10.11 -9.48 -8.62
N ALA B 191 10.69 -9.44 -7.42
CA ALA B 191 11.38 -8.23 -7.02
C ALA B 191 12.82 -8.36 -6.49
N GLU B 192 13.62 -7.36 -6.84
CA GLU B 192 14.99 -7.16 -6.31
C GLU B 192 14.87 -6.39 -4.96
N ALA B 193 15.74 -6.70 -3.96
CA ALA B 193 15.72 -6.16 -2.59
C ALA B 193 15.58 -4.62 -2.43
N ASN B 194 16.44 -3.80 -3.09
CA ASN B 194 16.38 -2.34 -3.01
C ASN B 194 15.06 -1.76 -3.45
N ILE B 195 14.49 -2.28 -4.54
CA ILE B 195 13.20 -1.80 -5.06
C ILE B 195 12.07 -2.26 -4.17
N HIS B 196 12.10 -3.55 -3.76
CA HIS B 196 11.10 -4.10 -2.84
C HIS B 196 11.06 -3.34 -1.48
N GLY B 197 12.23 -2.85 -1.04
CA GLY B 197 12.36 -2.06 0.20
C GLY B 197 11.53 -0.78 0.18
N ASP B 198 11.39 -0.15 -1.00
CA ASP B 198 10.53 1.03 -1.18
C ASP B 198 10.10 1.17 -2.65
N PRO B 199 9.01 0.45 -3.04
CA PRO B 199 8.57 0.50 -4.46
C PRO B 199 8.11 1.88 -4.90
N GLU B 200 7.34 2.58 -4.04
CA GLU B 200 6.86 3.95 -4.30
C GLU B 200 8.03 4.90 -4.56
N ALA B 201 9.08 4.85 -3.71
CA ALA B 201 10.27 5.69 -3.88
C ALA B 201 10.98 5.43 -5.22
N ALA B 202 11.14 4.14 -5.58
CA ALA B 202 11.78 3.76 -6.83
C ALA B 202 11.00 4.31 -8.03
N ASP B 203 9.66 4.18 -8.01
CA ASP B 203 8.79 4.68 -9.08
C ASP B 203 8.91 6.21 -9.22
N ILE B 204 9.00 6.94 -8.09
CA ILE B 204 9.21 8.40 -8.09
C ILE B 204 10.56 8.73 -8.75
N VAL B 205 11.64 8.03 -8.35
CA VAL B 205 12.97 8.25 -8.92
C VAL B 205 12.99 7.98 -10.44
N PHE B 206 12.52 6.80 -10.87
CA PHE B 206 12.55 6.39 -12.28
C PHE B 206 11.73 7.29 -13.22
N THR B 207 10.74 8.02 -12.69
CA THR B 207 9.91 8.92 -13.50
C THR B 207 10.22 10.42 -13.26
N SER B 208 11.25 10.73 -12.45
CA SER B 208 11.61 12.10 -12.07
C SER B 208 12.14 12.99 -13.20
N GLY B 209 12.65 12.39 -14.27
CA GLY B 209 13.20 13.14 -15.40
C GLY B 209 14.68 13.46 -15.22
N ALA B 210 15.30 12.97 -14.13
CA ALA B 210 16.75 13.14 -13.89
C ALA B 210 17.54 12.22 -14.83
N ASP B 211 18.86 12.45 -14.98
CA ASP B 211 19.74 11.60 -15.78
C ASP B 211 20.01 10.36 -14.90
N ILE B 212 19.28 9.28 -15.16
CA ILE B 212 19.35 8.05 -14.37
C ILE B 212 19.94 6.88 -15.15
N VAL B 213 20.79 6.12 -14.47
CA VAL B 213 21.40 4.89 -14.94
C VAL B 213 21.00 3.81 -13.93
N VAL B 214 20.30 2.75 -14.37
CA VAL B 214 19.88 1.65 -13.47
C VAL B 214 20.68 0.39 -13.83
N VAL B 215 21.27 -0.23 -12.80
CA VAL B 215 22.03 -1.46 -12.92
C VAL B 215 21.27 -2.53 -12.14
N GLY B 216 20.56 -3.42 -12.84
CA GLY B 216 19.79 -4.46 -12.18
C GLY B 216 20.60 -5.71 -11.85
N ILE B 217 20.00 -6.62 -11.08
CA ILE B 217 20.66 -7.89 -10.72
C ILE B 217 20.80 -8.82 -11.96
N ASN B 218 20.04 -8.55 -13.05
CA ASN B 218 20.17 -9.26 -14.34
C ASN B 218 21.62 -9.04 -14.83
N ILE B 219 22.24 -7.91 -14.43
CA ILE B 219 23.62 -7.58 -14.76
C ILE B 219 24.60 -8.10 -13.68
N THR B 220 24.36 -7.74 -12.41
CA THR B 220 25.27 -7.97 -11.29
C THR B 220 25.44 -9.45 -10.92
N THR B 221 24.44 -10.32 -11.21
CA THR B 221 24.59 -11.76 -10.93
C THR B 221 25.57 -12.45 -11.93
N GLN B 222 25.98 -11.75 -13.00
CA GLN B 222 26.97 -12.21 -13.98
C GLN B 222 28.39 -11.95 -13.45
N VAL B 223 28.52 -11.10 -12.41
CA VAL B 223 29.80 -10.67 -11.85
C VAL B 223 30.00 -11.28 -10.46
N CYS B 224 30.98 -12.16 -10.32
CA CYS B 224 31.25 -12.89 -9.07
C CYS B 224 32.72 -12.88 -8.62
N LEU B 225 32.93 -13.20 -7.34
CA LEU B 225 34.22 -13.47 -6.73
C LEU B 225 34.09 -14.89 -6.20
N THR B 226 34.96 -15.78 -6.67
CA THR B 226 34.99 -17.19 -6.24
C THR B 226 35.69 -17.28 -4.89
N ASP B 227 35.65 -18.45 -4.24
CA ASP B 227 36.39 -18.72 -3.00
C ASP B 227 37.89 -18.46 -3.22
N GLU B 228 38.40 -18.80 -4.41
CA GLU B 228 39.78 -18.58 -4.81
C GLU B 228 40.10 -17.07 -4.91
N ASP B 229 39.16 -16.25 -5.45
CA ASP B 229 39.29 -14.80 -5.56
C ASP B 229 39.34 -14.17 -4.16
N LEU B 230 38.51 -14.67 -3.23
CA LEU B 230 38.44 -14.20 -1.85
C LEU B 230 39.72 -14.49 -1.09
N LEU B 231 40.30 -15.69 -1.31
CA LEU B 231 41.57 -16.10 -0.70
C LEU B 231 42.70 -15.20 -1.21
N GLU B 232 42.67 -14.88 -2.52
CA GLU B 232 43.62 -13.97 -3.19
C GLU B 232 43.55 -12.57 -2.51
N LEU B 233 42.34 -12.08 -2.17
CA LEU B 233 42.17 -10.81 -1.46
C LEU B 233 42.80 -10.90 -0.05
N ARG B 234 42.46 -11.97 0.70
CA ARG B 234 43.00 -12.22 2.05
C ARG B 234 44.54 -12.18 2.06
N ASN B 235 45.18 -12.79 1.04
CA ASN B 235 46.63 -12.87 0.90
C ASN B 235 47.28 -11.65 0.24
N SER B 236 46.48 -10.69 -0.23
CA SER B 236 46.98 -9.48 -0.90
C SER B 236 47.54 -8.43 0.07
N LYS B 237 48.12 -7.36 -0.51
CA LYS B 237 48.66 -6.22 0.24
C LYS B 237 47.60 -5.08 0.32
N GLY B 238 46.33 -5.42 0.10
CA GLY B 238 45.21 -4.50 0.17
C GLY B 238 45.11 -3.83 1.54
N LYS B 239 44.95 -2.50 1.53
CA LYS B 239 44.83 -1.65 2.72
C LYS B 239 43.79 -2.19 3.72
N HIS B 240 42.64 -2.66 3.21
CA HIS B 240 41.53 -3.18 4.02
C HIS B 240 41.26 -4.66 3.78
N ALA B 241 42.24 -5.38 3.17
CA ALA B 241 42.14 -6.81 2.83
C ALA B 241 41.62 -7.69 3.95
N ALA B 242 42.20 -7.60 5.16
CA ALA B 242 41.79 -8.41 6.32
C ALA B 242 40.32 -8.14 6.71
N PHE B 243 39.92 -6.86 6.80
CA PHE B 243 38.55 -6.46 7.14
C PHE B 243 37.53 -6.94 6.09
N LEU B 244 37.85 -6.73 4.79
CA LEU B 244 37.01 -7.13 3.66
C LEU B 244 36.76 -8.63 3.64
N TYR B 245 37.84 -9.42 3.83
CA TYR B 245 37.77 -10.89 3.85
C TYR B 245 36.88 -11.36 5.01
N GLU B 246 37.06 -10.78 6.20
CA GLU B 246 36.29 -11.11 7.41
C GLU B 246 34.77 -10.87 7.21
N MET B 247 34.38 -9.75 6.58
CA MET B 247 32.96 -9.44 6.27
C MET B 247 32.40 -10.48 5.28
N CYS B 248 33.16 -10.72 4.22
CA CYS B 248 32.77 -11.61 3.14
C CYS B 248 32.51 -13.09 3.55
N LYS B 249 33.05 -13.56 4.72
CA LYS B 249 32.85 -14.91 5.23
C LYS B 249 31.36 -15.24 5.44
N PHE B 250 30.59 -14.31 6.09
CA PHE B 250 29.15 -14.43 6.37
C PHE B 250 28.37 -14.35 5.05
N TYR B 251 28.77 -13.38 4.18
CA TYR B 251 28.13 -13.09 2.90
C TYR B 251 28.23 -14.32 1.98
N ARG B 252 29.42 -14.93 1.94
CA ARG B 252 29.68 -16.16 1.15
C ARG B 252 28.77 -17.32 1.60
N ASP B 253 28.61 -17.52 2.93
CA ASP B 253 27.75 -18.56 3.51
C ASP B 253 26.29 -18.43 3.04
N TRP B 254 25.78 -17.19 2.90
CA TRP B 254 24.41 -16.96 2.41
C TRP B 254 24.26 -17.38 0.93
N HIS B 255 25.25 -17.02 0.09
CA HIS B 255 25.28 -17.37 -1.34
C HIS B 255 25.27 -18.90 -1.53
N ALA B 256 26.02 -19.62 -0.68
CA ALA B 256 26.08 -21.07 -0.72
C ALA B 256 24.72 -21.70 -0.34
N LYS B 257 24.05 -21.15 0.69
CA LYS B 257 22.77 -21.65 1.19
C LYS B 257 21.59 -21.34 0.27
N SER B 258 21.58 -20.13 -0.30
CA SER B 258 20.47 -19.66 -1.11
C SER B 258 20.64 -19.86 -2.62
N ASP B 259 21.75 -19.36 -3.18
CA ASP B 259 22.02 -19.44 -4.62
C ASP B 259 22.75 -20.71 -5.04
N GLY B 260 23.33 -21.43 -4.07
CA GLY B 260 24.11 -22.64 -4.32
C GLY B 260 25.45 -22.33 -4.96
N PHE B 261 25.95 -21.08 -4.75
CA PHE B 261 27.21 -20.58 -5.30
C PHE B 261 28.29 -20.43 -4.22
N HIS B 262 29.49 -20.97 -4.54
CA HIS B 262 30.70 -20.92 -3.71
C HIS B 262 31.48 -19.62 -4.00
N GLY B 263 31.11 -18.57 -3.29
CA GLY B 263 31.68 -17.23 -3.42
C GLY B 263 30.62 -16.17 -3.18
N ILE B 264 30.78 -14.99 -3.80
CA ILE B 264 29.81 -13.89 -3.65
C ILE B 264 29.50 -13.23 -4.98
N PHE B 265 28.29 -12.66 -5.11
CA PHE B 265 27.96 -11.84 -6.28
C PHE B 265 28.44 -10.45 -5.91
N LEU B 266 28.80 -9.65 -6.89
CA LEU B 266 29.25 -8.28 -6.64
C LEU B 266 28.13 -7.38 -7.13
N HIS B 267 27.28 -6.91 -6.22
CA HIS B 267 26.17 -6.06 -6.59
C HIS B 267 26.57 -4.58 -6.59
N ASP B 268 26.71 -3.98 -5.39
CA ASP B 268 27.06 -2.57 -5.21
C ASP B 268 28.44 -2.20 -5.84
N PRO B 269 29.52 -3.01 -5.76
CA PRO B 269 30.77 -2.64 -6.47
C PRO B 269 30.60 -2.53 -8.00
N VAL B 270 29.66 -3.29 -8.61
CA VAL B 270 29.39 -3.22 -10.07
C VAL B 270 28.73 -1.89 -10.44
N SER B 271 27.78 -1.41 -9.61
CA SER B 271 27.12 -0.11 -9.89
C SER B 271 28.13 1.02 -9.73
N PHE B 272 29.10 0.90 -8.79
CA PHE B 272 30.20 1.86 -8.65
C PHE B 272 31.07 1.85 -9.91
N THR B 273 31.33 0.65 -10.49
CA THR B 273 32.11 0.49 -11.73
C THR B 273 31.37 1.20 -12.89
N ALA B 274 30.01 1.21 -12.87
CA ALA B 274 29.22 1.90 -13.90
C ALA B 274 29.36 3.42 -13.84
N VAL B 275 29.65 3.97 -12.63
CA VAL B 275 29.89 5.41 -12.43
C VAL B 275 31.21 5.81 -13.11
N LEU B 276 32.29 5.05 -12.83
CA LEU B 276 33.66 5.34 -13.32
C LEU B 276 33.99 4.82 -14.70
N HIS B 277 33.47 3.64 -15.07
CA HIS B 277 33.70 3.02 -16.39
C HIS B 277 32.40 2.58 -17.06
N PRO B 278 31.49 3.52 -17.45
CA PRO B 278 30.27 3.10 -18.16
C PRO B 278 30.54 2.35 -19.49
N GLU B 279 31.78 2.53 -20.04
CA GLU B 279 32.21 1.84 -21.28
C GLU B 279 32.37 0.31 -21.11
N TYR B 280 32.32 -0.20 -19.85
CA TYR B 280 32.40 -1.66 -19.57
C TYR B 280 31.00 -2.30 -19.72
N PHE B 281 29.97 -1.49 -20.02
CA PHE B 281 28.58 -1.92 -20.16
C PHE B 281 27.98 -1.34 -21.45
N THR B 282 26.83 -1.89 -21.85
CA THR B 282 26.00 -1.34 -22.92
C THR B 282 24.71 -0.99 -22.20
N PHE B 283 24.03 0.05 -22.66
CA PHE B 283 22.77 0.49 -22.03
C PHE B 283 21.68 0.59 -23.08
N LYS B 284 20.43 0.42 -22.64
CA LYS B 284 19.27 0.62 -23.49
C LYS B 284 18.43 1.70 -22.80
N LYS B 285 17.91 2.64 -23.59
CA LYS B 285 17.05 3.72 -23.11
C LYS B 285 15.59 3.27 -23.11
N GLY B 286 14.86 3.62 -22.06
CA GLY B 286 13.45 3.27 -21.96
C GLY B 286 12.82 3.74 -20.67
N VAL B 287 11.49 3.87 -20.71
CA VAL B 287 10.72 4.26 -19.54
C VAL B 287 10.66 3.05 -18.60
N VAL B 288 10.95 3.29 -17.30
CA VAL B 288 10.88 2.27 -16.26
C VAL B 288 9.78 2.63 -15.26
N ARG B 289 8.92 1.65 -14.96
CA ARG B 289 7.87 1.75 -13.98
C ARG B 289 8.08 0.65 -12.95
N VAL B 290 7.60 0.89 -11.73
CA VAL B 290 7.70 -0.05 -10.62
C VAL B 290 6.27 -0.40 -10.15
N GLU B 291 5.98 -1.70 -10.01
CA GLU B 291 4.71 -2.19 -9.48
C GLU B 291 4.75 -1.94 -7.94
N THR B 292 3.71 -1.28 -7.41
CA THR B 292 3.67 -0.92 -5.99
C THR B 292 2.68 -1.76 -5.15
N GLN B 293 1.88 -2.59 -5.80
CA GLN B 293 0.88 -3.42 -5.11
C GLN B 293 0.84 -4.85 -5.67
N GLY B 294 0.09 -5.72 -4.98
CA GLY B 294 -0.13 -7.11 -5.36
C GLY B 294 1.08 -8.01 -5.24
N ILE B 295 0.97 -9.20 -5.82
CA ILE B 295 2.03 -10.23 -5.80
C ILE B 295 3.34 -9.76 -6.48
N CYS B 296 3.27 -8.82 -7.44
CA CYS B 296 4.44 -8.32 -8.13
C CYS B 296 4.99 -6.99 -7.57
N THR B 297 4.62 -6.64 -6.32
CA THR B 297 5.16 -5.43 -5.62
C THR B 297 6.71 -5.44 -5.72
N GLY B 298 7.27 -4.32 -6.12
CA GLY B 298 8.71 -4.15 -6.26
C GLY B 298 9.27 -4.56 -7.62
N HIS B 299 8.40 -5.07 -8.54
CA HIS B 299 8.82 -5.48 -9.88
C HIS B 299 9.15 -4.28 -10.75
N THR B 300 10.34 -4.29 -11.39
CA THR B 300 10.80 -3.23 -12.31
C THR B 300 10.59 -3.71 -13.75
N LEU B 301 9.99 -2.84 -14.57
CA LEU B 301 9.73 -3.15 -15.96
C LEU B 301 9.98 -1.94 -16.81
N MET B 302 10.79 -2.17 -17.83
CA MET B 302 11.19 -1.17 -18.80
C MET B 302 10.47 -1.37 -20.15
N ASP B 303 10.07 -0.26 -20.79
CA ASP B 303 9.52 -0.27 -22.14
C ASP B 303 10.67 0.17 -23.05
N GLN B 304 11.23 -0.78 -23.83
CA GLN B 304 12.35 -0.53 -24.73
C GLN B 304 11.98 0.39 -25.91
N GLY B 305 10.67 0.56 -26.16
CA GLY B 305 10.18 1.42 -27.23
C GLY B 305 10.37 0.87 -28.62
N LEU B 306 10.55 -0.45 -28.75
CA LEU B 306 10.72 -1.13 -30.04
C LEU B 306 9.37 -1.47 -30.71
N LYS B 307 8.29 -1.38 -29.94
CA LYS B 307 6.94 -1.67 -30.41
C LYS B 307 6.04 -0.43 -30.29
N LYS B 308 5.35 -0.08 -31.38
CA LYS B 308 4.41 1.04 -31.38
C LYS B 308 3.07 0.53 -30.82
N TRP B 309 2.66 1.06 -29.68
CA TRP B 309 1.39 0.69 -29.02
C TRP B 309 0.21 1.38 -29.69
N ASN B 310 -0.97 0.72 -29.67
CA ASN B 310 -2.17 1.28 -30.26
C ASN B 310 -2.74 2.43 -29.41
N SER B 311 -2.61 2.31 -28.09
CA SER B 311 -3.12 3.30 -27.14
C SER B 311 -2.08 3.53 -26.04
N GLU B 312 -2.32 4.55 -25.21
CA GLU B 312 -1.45 4.91 -24.09
C GLU B 312 -1.53 3.86 -22.99
N ASN B 313 -0.43 3.73 -22.26
CA ASN B 313 -0.32 2.79 -21.16
C ASN B 313 0.50 3.43 -20.01
N PRO B 314 0.72 2.76 -18.85
CA PRO B 314 1.53 3.38 -17.77
C PRO B 314 2.99 3.73 -18.13
N TRP B 315 3.53 3.27 -19.27
CA TRP B 315 4.90 3.59 -19.70
C TRP B 315 4.93 4.82 -20.65
N SER B 316 3.73 5.29 -21.10
CA SER B 316 3.63 6.44 -22.01
C SER B 316 3.91 7.80 -21.33
N GLY B 317 4.53 8.72 -22.09
CA GLY B 317 4.77 10.10 -21.70
C GLY B 317 5.92 10.41 -20.77
N TYR B 318 6.47 9.41 -20.07
CA TYR B 318 7.60 9.65 -19.15
C TYR B 318 8.93 9.81 -19.92
N LYS B 319 9.93 10.42 -19.29
CA LYS B 319 11.24 10.56 -19.90
C LYS B 319 11.98 9.21 -19.74
N PRO B 320 12.58 8.66 -20.82
CA PRO B 320 13.32 7.38 -20.67
C PRO B 320 14.58 7.54 -19.82
N ILE B 321 15.03 6.44 -19.22
CA ILE B 321 16.27 6.39 -18.42
C ILE B 321 17.20 5.33 -19.03
N SER B 322 18.46 5.24 -18.58
CA SER B 322 19.41 4.25 -19.10
C SER B 322 19.42 3.00 -18.25
N VAL B 323 19.19 1.84 -18.87
CA VAL B 323 19.18 0.55 -18.17
C VAL B 323 20.37 -0.28 -18.68
N ALA B 324 21.26 -0.73 -17.75
CA ALA B 324 22.42 -1.56 -18.09
C ALA B 324 21.91 -2.86 -18.71
N TRP B 325 22.36 -3.16 -19.95
CA TRP B 325 21.89 -4.29 -20.74
C TRP B 325 22.88 -5.45 -20.80
N THR B 326 24.18 -5.14 -21.01
CA THR B 326 25.27 -6.13 -21.06
C THR B 326 26.43 -5.59 -20.22
N VAL B 327 27.33 -6.50 -19.83
CA VAL B 327 28.50 -6.17 -19.01
C VAL B 327 29.71 -6.94 -19.50
N ASP B 328 30.87 -6.26 -19.57
CA ASP B 328 32.15 -6.89 -19.93
C ASP B 328 32.69 -7.39 -18.57
N VAL B 329 32.33 -8.63 -18.22
CA VAL B 329 32.62 -9.28 -16.95
C VAL B 329 34.13 -9.26 -16.60
N PRO B 330 35.10 -9.69 -17.47
CA PRO B 330 36.52 -9.62 -17.05
C PRO B 330 37.02 -8.22 -16.70
N LYS B 331 36.62 -7.20 -17.48
CA LYS B 331 37.01 -5.80 -17.24
C LYS B 331 36.44 -5.27 -15.91
N VAL B 332 35.19 -5.62 -15.58
CA VAL B 332 34.54 -5.19 -14.33
C VAL B 332 35.22 -5.86 -13.11
N ILE B 333 35.49 -7.18 -13.21
CA ILE B 333 36.17 -7.95 -12.15
C ILE B 333 37.57 -7.39 -11.88
N SER B 334 38.35 -7.12 -12.94
CA SER B 334 39.70 -6.57 -12.88
C SER B 334 39.72 -5.23 -12.16
N PHE B 335 38.76 -4.34 -12.49
CA PHE B 335 38.66 -3.02 -11.87
C PHE B 335 38.30 -3.11 -10.38
N ILE B 336 37.37 -4.01 -10.02
CA ILE B 336 36.94 -4.20 -8.63
C ILE B 336 38.09 -4.77 -7.81
N LYS B 337 38.73 -5.85 -8.32
CA LYS B 337 39.86 -6.50 -7.66
C LYS B 337 41.01 -5.51 -7.40
N LYS B 338 41.30 -4.62 -8.38
CA LYS B 338 42.36 -3.61 -8.29
C LYS B 338 42.12 -2.69 -7.09
N LEU B 339 40.90 -2.19 -6.94
CA LEU B 339 40.55 -1.28 -5.84
C LEU B 339 40.54 -1.97 -4.47
N LEU B 340 40.04 -3.22 -4.41
CA LEU B 340 39.99 -4.01 -3.18
C LEU B 340 41.41 -4.42 -2.68
N MET B 341 42.35 -4.61 -3.62
CA MET B 341 43.71 -5.06 -3.31
C MET B 341 44.76 -3.95 -3.35
N ALA B 342 44.31 -2.68 -3.50
CA ALA B 342 45.20 -1.52 -3.53
C ALA B 342 45.82 -1.27 -2.14
N PRO B 343 47.17 -1.13 -2.03
CA PRO B 343 47.80 -0.94 -0.70
C PRO B 343 47.58 0.43 -0.08
N ARG C 28 -44.62 6.75 0.45
CA ARG C 28 -43.53 6.02 -0.22
C ARG C 28 -42.32 6.94 -0.48
N ASP C 29 -41.27 6.83 0.35
CA ASP C 29 -40.07 7.67 0.25
C ASP C 29 -39.19 7.32 -0.94
N LYS C 30 -38.94 8.33 -1.80
CA LYS C 30 -38.09 8.20 -3.00
C LYS C 30 -36.63 8.03 -2.57
N LEU C 31 -35.95 6.99 -3.10
CA LEU C 31 -34.55 6.71 -2.73
C LEU C 31 -33.67 6.30 -3.90
N ILE C 32 -32.48 6.89 -3.97
CA ILE C 32 -31.41 6.53 -4.91
C ILE C 32 -30.33 5.85 -4.07
N ILE C 33 -29.88 4.68 -4.50
CA ILE C 33 -28.81 3.97 -3.82
C ILE C 33 -27.51 4.10 -4.64
N ASP C 34 -26.48 4.81 -4.10
CA ASP C 34 -25.13 4.95 -4.70
C ASP C 34 -24.27 3.84 -4.09
N THR C 35 -23.80 2.90 -4.93
CA THR C 35 -23.21 1.67 -4.43
C THR C 35 -22.09 1.07 -5.28
N ASP C 36 -21.28 0.21 -4.65
CA ASP C 36 -20.16 -0.56 -5.24
C ASP C 36 -20.44 -2.08 -4.94
N PRO C 37 -21.55 -2.70 -5.45
CA PRO C 37 -21.85 -4.09 -5.05
C PRO C 37 -20.83 -5.13 -5.53
N GLY C 38 -20.16 -5.85 -4.60
CA GLY C 38 -20.26 -5.70 -3.16
C GLY C 38 -21.25 -6.64 -2.50
N ILE C 39 -20.78 -7.50 -1.57
CA ILE C 39 -21.62 -8.50 -0.90
C ILE C 39 -22.67 -7.84 0.03
N ASP C 40 -22.26 -6.92 0.93
CA ASP C 40 -23.23 -6.25 1.82
C ASP C 40 -24.10 -5.22 1.09
N ASP C 41 -23.57 -4.56 0.03
CA ASP C 41 -24.40 -3.67 -0.81
C ASP C 41 -25.50 -4.50 -1.45
N SER C 42 -25.15 -5.72 -1.93
CA SER C 42 -26.12 -6.61 -2.58
C SER C 42 -27.24 -6.97 -1.64
N MET C 43 -26.89 -7.35 -0.38
CA MET C 43 -27.83 -7.67 0.70
C MET C 43 -28.79 -6.49 0.93
N THR C 44 -28.23 -5.26 0.97
CA THR C 44 -28.96 -4.00 1.18
C THR C 44 -29.95 -3.71 0.07
N ILE C 45 -29.49 -3.77 -1.19
CA ILE C 45 -30.31 -3.53 -2.37
C ILE C 45 -31.51 -4.51 -2.42
N LEU C 46 -31.27 -5.81 -2.14
CA LEU C 46 -32.31 -6.84 -2.10
C LEU C 46 -33.31 -6.58 -0.95
N MET C 47 -32.80 -6.10 0.20
CA MET C 47 -33.63 -5.70 1.37
C MET C 47 -34.51 -4.50 0.99
N ALA C 48 -33.89 -3.47 0.35
CA ALA C 48 -34.53 -2.23 -0.10
C ALA C 48 -35.69 -2.46 -1.05
N PHE C 49 -35.54 -3.44 -1.97
CA PHE C 49 -36.59 -3.79 -2.93
C PHE C 49 -37.81 -4.44 -2.26
N ARG C 50 -37.63 -5.04 -1.07
CA ARG C 50 -38.70 -5.69 -0.31
C ARG C 50 -39.38 -4.73 0.71
N ALA C 51 -38.76 -3.56 0.99
CA ALA C 51 -39.29 -2.56 1.94
C ALA C 51 -40.47 -1.78 1.30
N PRO C 52 -41.72 -1.96 1.82
CA PRO C 52 -42.87 -1.28 1.18
C PRO C 52 -42.93 0.24 1.31
N SER C 53 -42.28 0.84 2.33
CA SER C 53 -42.32 2.29 2.53
C SER C 53 -41.32 3.05 1.64
N VAL C 54 -40.52 2.31 0.86
CA VAL C 54 -39.46 2.84 0.00
C VAL C 54 -39.77 2.65 -1.48
N GLU C 55 -39.49 3.68 -2.29
CA GLU C 55 -39.58 3.64 -3.74
C GLU C 55 -38.16 3.85 -4.30
N ILE C 56 -37.50 2.77 -4.77
CA ILE C 56 -36.15 2.85 -5.35
C ILE C 56 -36.29 3.42 -6.76
N ILE C 57 -35.83 4.65 -6.97
CA ILE C 57 -35.96 5.30 -8.26
C ILE C 57 -34.70 5.09 -9.12
N GLY C 58 -33.67 4.49 -8.54
CA GLY C 58 -32.45 4.20 -9.27
C GLY C 58 -31.27 3.74 -8.45
N LEU C 59 -30.33 3.04 -9.10
CA LEU C 59 -29.08 2.60 -8.52
C LEU C 59 -27.96 3.31 -9.26
N THR C 60 -27.03 3.94 -8.53
CA THR C 60 -25.87 4.61 -9.14
C THR C 60 -24.63 3.85 -8.71
N THR C 61 -23.72 3.53 -9.66
CA THR C 61 -22.57 2.71 -9.30
C THR C 61 -21.25 3.46 -9.17
N ILE C 62 -20.41 2.92 -8.29
CA ILE C 62 -19.08 3.44 -7.98
C ILE C 62 -18.12 2.25 -7.78
N PHE C 63 -16.80 2.49 -7.88
CA PHE C 63 -15.73 1.52 -7.63
C PHE C 63 -15.59 1.36 -6.09
N GLY C 64 -14.72 0.46 -5.63
CA GLY C 64 -14.46 0.26 -4.21
C GLY C 64 -14.21 -1.20 -3.93
N ASN C 65 -15.32 -1.96 -3.77
CA ASN C 65 -15.26 -3.41 -3.57
C ASN C 65 -14.81 -4.11 -4.84
N VAL C 66 -15.10 -3.46 -5.97
CA VAL C 66 -14.85 -3.99 -7.31
C VAL C 66 -14.73 -2.77 -8.22
N ASP C 67 -14.21 -2.93 -9.43
CA ASP C 67 -14.16 -1.80 -10.36
C ASP C 67 -15.61 -1.41 -10.75
N THR C 68 -15.79 -0.15 -11.17
CA THR C 68 -17.12 0.40 -11.52
C THR C 68 -17.88 -0.49 -12.52
N LYS C 69 -17.22 -1.02 -13.57
CA LYS C 69 -17.87 -1.88 -14.57
C LYS C 69 -18.49 -3.15 -13.93
N GLY C 70 -17.78 -3.74 -12.97
CA GLY C 70 -18.26 -4.90 -12.22
C GLY C 70 -19.40 -4.52 -11.30
N ALA C 71 -19.34 -3.32 -10.68
CA ALA C 71 -20.42 -2.82 -9.81
C ALA C 71 -21.73 -2.66 -10.60
N THR C 72 -21.63 -2.10 -11.83
CA THR C 72 -22.74 -1.91 -12.76
C THR C 72 -23.36 -3.27 -13.12
N ARG C 73 -22.51 -4.26 -13.48
CA ARG C 73 -22.94 -5.61 -13.82
C ARG C 73 -23.74 -6.24 -12.67
N ASN C 74 -23.24 -6.09 -11.44
CA ASN C 74 -23.88 -6.60 -10.23
C ASN C 74 -25.20 -5.89 -9.91
N ALA C 75 -25.26 -4.57 -10.11
CA ALA C 75 -26.46 -3.77 -9.84
C ALA C 75 -27.59 -4.16 -10.79
N LEU C 76 -27.23 -4.38 -12.08
CA LEU C 76 -28.16 -4.82 -13.11
C LEU C 76 -28.70 -6.21 -12.78
N LEU C 77 -27.82 -7.13 -12.33
CA LEU C 77 -28.20 -8.49 -11.94
C LEU C 77 -29.13 -8.50 -10.73
N LEU C 78 -28.89 -7.59 -9.75
CA LEU C 78 -29.71 -7.45 -8.55
C LEU C 78 -31.13 -6.98 -8.86
N CYS C 79 -31.27 -6.03 -9.82
CA CYS C 79 -32.55 -5.51 -10.29
C CYS C 79 -33.36 -6.66 -10.90
N GLU C 80 -32.69 -7.50 -11.73
CA GLU C 80 -33.31 -8.66 -12.36
C GLU C 80 -33.73 -9.68 -11.30
N ARG C 81 -32.84 -9.97 -10.32
CA ARG C 81 -33.07 -10.91 -9.22
C ARG C 81 -34.27 -10.49 -8.36
N ALA C 82 -34.40 -9.19 -8.09
CA ALA C 82 -35.50 -8.64 -7.29
C ALA C 82 -36.82 -8.57 -8.08
N GLY C 83 -36.77 -8.88 -9.38
CA GLY C 83 -37.92 -8.83 -10.26
C GLY C 83 -38.29 -7.43 -10.68
N CYS C 84 -37.32 -6.49 -10.64
CA CYS C 84 -37.49 -5.08 -11.01
C CYS C 84 -36.42 -4.66 -12.05
N PRO C 85 -36.36 -5.27 -13.26
CA PRO C 85 -35.32 -4.86 -14.24
C PRO C 85 -35.55 -3.49 -14.88
N GLU C 86 -36.70 -2.87 -14.61
CA GLU C 86 -37.05 -1.53 -15.12
C GLU C 86 -36.38 -0.41 -14.30
N VAL C 87 -35.90 -0.73 -13.06
CA VAL C 87 -35.22 0.23 -12.18
C VAL C 87 -33.91 0.69 -12.86
N PRO C 88 -33.77 2.01 -13.17
CA PRO C 88 -32.53 2.45 -13.84
C PRO C 88 -31.24 2.27 -13.05
N VAL C 89 -30.18 1.85 -13.75
CA VAL C 89 -28.82 1.70 -13.21
C VAL C 89 -27.96 2.67 -14.00
N ALA C 90 -27.35 3.65 -13.29
CA ALA C 90 -26.48 4.66 -13.90
C ALA C 90 -25.05 4.48 -13.43
N GLU C 91 -24.14 4.19 -14.37
CA GLU C 91 -22.73 3.99 -14.12
C GLU C 91 -22.03 5.29 -13.75
N GLY C 92 -21.26 5.25 -12.66
CA GLY C 92 -20.53 6.41 -12.18
C GLY C 92 -19.07 6.45 -12.54
N SER C 93 -18.28 7.16 -11.72
CA SER C 93 -16.85 7.34 -11.94
C SER C 93 -16.05 6.05 -11.81
N HIS C 94 -15.05 5.90 -12.67
CA HIS C 94 -14.17 4.75 -12.72
C HIS C 94 -12.95 4.97 -11.80
N GLU C 95 -12.70 6.23 -11.41
CA GLU C 95 -11.56 6.59 -10.56
C GLU C 95 -11.95 7.67 -9.53
N PRO C 96 -11.18 7.85 -8.43
CA PRO C 96 -11.51 8.95 -7.49
C PRO C 96 -11.26 10.33 -8.12
N LEU C 97 -11.72 11.41 -7.46
CA LEU C 97 -11.54 12.79 -7.95
C LEU C 97 -10.08 13.13 -8.27
N LYS C 98 -9.13 12.64 -7.42
CA LYS C 98 -7.69 12.87 -7.61
C LYS C 98 -7.09 12.11 -8.81
N GLY C 99 -7.84 11.14 -9.34
CA GLY C 99 -7.41 10.34 -10.48
C GLY C 99 -6.60 9.13 -10.09
N GLY C 100 -6.40 8.25 -11.05
CA GLY C 100 -5.64 7.03 -10.88
C GLY C 100 -6.52 5.81 -10.70
N LYS C 101 -6.00 4.66 -11.17
CA LYS C 101 -6.67 3.39 -11.10
C LYS C 101 -6.85 2.97 -9.64
N PRO C 102 -8.09 2.82 -9.15
CA PRO C 102 -8.26 2.45 -7.74
C PRO C 102 -7.88 0.99 -7.42
N ARG C 103 -7.41 0.73 -6.19
CA ARG C 103 -7.12 -0.63 -5.73
C ARG C 103 -8.48 -1.15 -5.26
N VAL C 104 -8.93 -2.32 -5.75
CA VAL C 104 -10.24 -2.79 -5.35
C VAL C 104 -10.13 -3.90 -4.30
N ALA C 105 -11.14 -4.02 -3.44
CA ALA C 105 -11.18 -5.00 -2.33
C ALA C 105 -11.60 -6.40 -2.79
N ASP C 106 -10.84 -6.99 -3.71
CA ASP C 106 -11.13 -8.34 -4.21
C ASP C 106 -10.85 -9.43 -3.15
N PHE C 107 -9.98 -9.13 -2.17
CA PHE C 107 -9.65 -10.05 -1.05
C PHE C 107 -10.80 -10.06 -0.01
N VAL C 108 -11.77 -9.12 -0.12
CA VAL C 108 -12.92 -9.04 0.79
C VAL C 108 -14.21 -9.52 0.12
N HIS C 109 -14.47 -9.02 -1.11
CA HIS C 109 -15.70 -9.26 -1.88
C HIS C 109 -15.53 -10.21 -3.09
N GLY C 110 -14.33 -10.73 -3.33
CA GLY C 110 -14.06 -11.61 -4.46
C GLY C 110 -13.79 -10.84 -5.74
N SER C 111 -13.27 -11.55 -6.76
CA SER C 111 -12.88 -11.01 -8.08
C SER C 111 -14.02 -10.36 -8.86
N ASP C 112 -15.23 -10.91 -8.72
CA ASP C 112 -16.45 -10.42 -9.38
C ASP C 112 -17.20 -9.44 -8.47
N GLY C 113 -16.70 -9.27 -7.25
CA GLY C 113 -17.28 -8.41 -6.23
C GLY C 113 -18.48 -9.00 -5.51
N ILE C 114 -18.87 -10.25 -5.84
CA ILE C 114 -20.03 -10.87 -5.18
C ILE C 114 -19.67 -12.27 -4.62
N GLY C 115 -18.44 -12.42 -4.16
CA GLY C 115 -17.95 -13.65 -3.56
C GLY C 115 -17.63 -14.79 -4.51
N ASN C 116 -17.16 -14.48 -5.73
CA ASN C 116 -16.73 -15.43 -6.77
C ASN C 116 -17.82 -16.42 -7.22
N LEU C 117 -19.02 -15.90 -7.49
CA LEU C 117 -20.14 -16.72 -7.95
C LEU C 117 -20.08 -16.88 -9.47
N PHE C 118 -19.42 -15.91 -10.16
CA PHE C 118 -19.21 -15.86 -11.62
C PHE C 118 -20.52 -16.16 -12.37
N LEU C 119 -21.52 -15.33 -12.11
CA LEU C 119 -22.88 -15.46 -12.66
C LEU C 119 -22.97 -15.03 -14.12
N PRO C 120 -23.91 -15.59 -14.92
CA PRO C 120 -24.09 -15.11 -16.30
C PRO C 120 -24.50 -13.63 -16.31
N ALA C 121 -24.16 -12.95 -17.41
CA ALA C 121 -24.37 -11.52 -17.63
C ALA C 121 -25.85 -11.11 -17.61
N PRO C 122 -26.16 -9.87 -17.14
CA PRO C 122 -27.56 -9.42 -17.17
C PRO C 122 -28.05 -9.14 -18.59
N SER C 123 -29.36 -9.21 -18.79
CA SER C 123 -30.01 -8.90 -20.06
C SER C 123 -30.36 -7.39 -20.05
N ALA C 124 -30.69 -6.86 -18.84
CA ALA C 124 -30.99 -5.45 -18.62
C ALA C 124 -29.73 -4.62 -18.85
N LYS C 125 -29.89 -3.41 -19.40
CA LYS C 125 -28.77 -2.52 -19.70
C LYS C 125 -28.81 -1.26 -18.84
N LYS C 126 -27.61 -0.68 -18.59
CA LYS C 126 -27.51 0.57 -17.84
C LYS C 126 -28.10 1.73 -18.68
N VAL C 127 -28.50 2.82 -18.03
CA VAL C 127 -28.97 4.03 -18.72
C VAL C 127 -27.76 4.74 -19.35
N GLU C 128 -27.98 5.67 -20.30
CA GLU C 128 -26.91 6.39 -20.99
C GLU C 128 -26.16 7.38 -20.10
N GLU C 129 -26.91 8.22 -19.33
CA GLU C 129 -26.31 9.25 -18.47
C GLU C 129 -25.49 8.67 -17.32
N SER C 130 -24.48 9.43 -16.88
CA SER C 130 -23.59 9.08 -15.76
C SER C 130 -24.38 9.13 -14.44
N ALA C 131 -23.82 8.53 -13.38
CA ALA C 131 -24.41 8.53 -12.04
C ALA C 131 -24.58 9.97 -11.53
N ALA C 132 -23.56 10.85 -11.76
CA ALA C 132 -23.58 12.27 -11.36
C ALA C 132 -24.76 13.01 -12.01
N ASP C 133 -24.96 12.81 -13.32
CA ASP C 133 -26.06 13.43 -14.06
C ASP C 133 -27.41 12.87 -13.65
N PHE C 134 -27.49 11.55 -13.38
CA PHE C 134 -28.71 10.90 -12.88
C PHE C 134 -29.11 11.48 -11.53
N LEU C 135 -28.14 11.68 -10.60
CA LEU C 135 -28.38 12.26 -9.27
C LEU C 135 -28.95 13.68 -9.41
N ILE C 136 -28.29 14.55 -10.21
CA ILE C 136 -28.71 15.93 -10.48
C ILE C 136 -30.14 15.97 -11.06
N ASN C 137 -30.43 15.11 -12.08
CA ASN C 137 -31.72 15.07 -12.77
C ASN C 137 -32.89 14.66 -11.87
N LYS C 138 -32.75 13.54 -11.14
CA LYS C 138 -33.80 13.02 -10.25
C LYS C 138 -34.07 13.94 -9.07
N VAL C 139 -33.02 14.59 -8.54
CA VAL C 139 -33.12 15.56 -7.44
C VAL C 139 -33.80 16.86 -7.94
N SER C 140 -33.55 17.28 -9.21
CA SER C 140 -34.17 18.48 -9.81
C SER C 140 -35.65 18.22 -10.13
N GLU C 141 -35.95 17.00 -10.62
CA GLU C 141 -37.29 16.54 -10.99
C GLU C 141 -38.23 16.52 -9.77
N PHE C 142 -37.72 16.09 -8.60
CA PHE C 142 -38.48 16.01 -7.36
C PHE C 142 -37.74 16.78 -6.26
N PRO C 143 -37.75 18.15 -6.27
CA PRO C 143 -37.00 18.89 -5.22
C PRO C 143 -37.53 18.64 -3.81
N GLY C 144 -36.61 18.37 -2.90
CA GLY C 144 -36.88 18.10 -1.49
C GLY C 144 -37.51 16.75 -1.20
N GLU C 145 -37.63 15.88 -2.20
CA GLU C 145 -38.28 14.57 -2.06
C GLU C 145 -37.36 13.35 -2.14
N VAL C 146 -36.24 13.47 -2.86
CA VAL C 146 -35.32 12.33 -3.08
C VAL C 146 -34.21 12.26 -2.03
N SER C 147 -34.10 11.08 -1.38
CA SER C 147 -33.05 10.76 -0.43
C SER C 147 -32.00 9.90 -1.13
N VAL C 148 -30.72 10.08 -0.77
CA VAL C 148 -29.62 9.32 -1.36
C VAL C 148 -28.97 8.48 -0.28
N LEU C 149 -28.88 7.15 -0.50
CA LEU C 149 -28.20 6.24 0.41
C LEU C 149 -26.84 5.90 -0.24
N ALA C 150 -25.74 6.46 0.30
CA ALA C 150 -24.39 6.25 -0.25
C ALA C 150 -23.68 5.11 0.47
N LEU C 151 -23.47 4.01 -0.26
CA LEU C 151 -22.86 2.75 0.20
C LEU C 151 -21.42 2.51 -0.26
N GLY C 152 -20.86 3.44 -1.01
CA GLY C 152 -19.49 3.35 -1.48
C GLY C 152 -18.74 4.66 -1.41
N PRO C 153 -17.54 4.77 -2.05
CA PRO C 153 -16.83 6.07 -2.12
C PRO C 153 -17.78 7.14 -2.64
N LEU C 154 -17.58 8.38 -2.21
CA LEU C 154 -18.54 9.46 -2.47
C LEU C 154 -18.31 10.28 -3.76
N THR C 155 -17.49 9.78 -4.70
CA THR C 155 -17.15 10.44 -5.96
C THR C 155 -18.36 10.99 -6.74
N ASN C 156 -19.38 10.16 -7.04
CA ASN C 156 -20.58 10.58 -7.81
C ASN C 156 -21.35 11.68 -7.13
N VAL C 157 -21.49 11.59 -5.79
CA VAL C 157 -22.20 12.57 -4.96
C VAL C 157 -21.44 13.91 -4.98
N ALA C 158 -20.09 13.85 -4.82
CA ALA C 158 -19.24 15.05 -4.88
C ALA C 158 -19.30 15.68 -6.26
N LEU C 159 -19.30 14.86 -7.33
CA LEU C 159 -19.40 15.35 -8.72
C LEU C 159 -20.72 16.09 -8.94
N ALA C 160 -21.85 15.56 -8.41
CA ALA C 160 -23.18 16.17 -8.47
C ALA C 160 -23.19 17.51 -7.74
N ILE C 161 -22.57 17.55 -6.53
CA ILE C 161 -22.41 18.77 -5.70
C ILE C 161 -21.60 19.83 -6.44
N LYS C 162 -20.47 19.45 -7.07
CA LYS C 162 -19.62 20.39 -7.80
C LYS C 162 -20.28 20.92 -9.08
N ARG C 163 -20.94 20.05 -9.86
CA ARG C 163 -21.58 20.42 -11.13
C ARG C 163 -22.85 21.25 -10.95
N ASP C 164 -23.64 20.95 -9.90
CA ASP C 164 -24.88 21.66 -9.60
C ASP C 164 -24.79 22.30 -8.20
N PRO C 165 -24.55 23.63 -8.11
CA PRO C 165 -24.46 24.29 -6.79
C PRO C 165 -25.76 24.31 -5.96
N SER C 166 -26.92 24.00 -6.59
CA SER C 166 -28.21 23.92 -5.91
C SER C 166 -28.53 22.48 -5.45
N PHE C 167 -27.69 21.48 -5.83
CA PHE C 167 -27.91 20.07 -5.47
C PHE C 167 -28.10 19.86 -3.97
N ALA C 168 -27.18 20.41 -3.14
CA ALA C 168 -27.20 20.28 -1.67
C ALA C 168 -28.50 20.78 -1.02
N SER C 169 -29.15 21.80 -1.62
CA SER C 169 -30.42 22.37 -1.16
C SER C 169 -31.64 21.58 -1.65
N LYS C 170 -31.51 20.88 -2.81
CA LYS C 170 -32.60 20.12 -3.44
C LYS C 170 -32.72 18.66 -2.97
N VAL C 171 -31.61 18.05 -2.50
CA VAL C 171 -31.60 16.68 -2.00
C VAL C 171 -32.32 16.65 -0.63
N LYS C 172 -33.23 15.67 -0.42
CA LYS C 172 -33.95 15.61 0.86
C LYS C 172 -32.96 15.26 1.99
N LYS C 173 -32.19 14.18 1.81
CA LYS C 173 -31.23 13.69 2.80
C LYS C 173 -30.20 12.81 2.10
N ILE C 174 -28.99 12.80 2.64
CA ILE C 174 -27.92 11.92 2.18
C ILE C 174 -27.52 11.07 3.37
N VAL C 175 -27.79 9.76 3.34
CA VAL C 175 -27.38 8.85 4.42
C VAL C 175 -26.12 8.14 3.92
N VAL C 176 -25.01 8.35 4.60
CA VAL C 176 -23.69 7.84 4.21
C VAL C 176 -23.23 6.69 5.09
N LEU C 177 -22.84 5.57 4.46
CA LEU C 177 -22.16 4.49 5.17
C LEU C 177 -20.69 4.83 4.93
N GLY C 178 -20.01 5.26 5.98
CA GLY C 178 -18.61 5.60 5.83
C GLY C 178 -18.02 6.27 7.06
N GLY C 179 -16.69 6.21 7.14
CA GLY C 179 -15.94 6.82 8.22
C GLY C 179 -15.81 5.93 9.44
N ALA C 180 -14.95 6.36 10.36
CA ALA C 180 -14.71 5.72 11.65
C ALA C 180 -14.50 6.89 12.59
N PHE C 181 -15.48 7.14 13.45
CA PHE C 181 -15.50 8.28 14.35
C PHE C 181 -15.04 7.84 15.73
N PHE C 182 -13.84 8.33 16.16
CA PHE C 182 -13.22 7.98 17.45
C PHE C 182 -13.12 6.45 17.60
N ALA C 183 -12.76 5.79 16.49
CA ALA C 183 -12.61 4.34 16.39
C ALA C 183 -11.63 4.00 15.29
N ALA C 184 -11.13 2.76 15.28
CA ALA C 184 -10.18 2.32 14.27
C ALA C 184 -10.84 2.19 12.90
N GLY C 185 -10.10 2.49 11.83
CA GLY C 185 -10.59 2.30 10.47
C GLY C 185 -10.58 0.81 10.12
N ASN C 186 -10.97 0.46 8.89
CA ASN C 186 -10.96 -0.96 8.47
C ASN C 186 -9.99 -1.21 7.29
N VAL C 187 -9.41 -0.15 6.72
CA VAL C 187 -8.39 -0.24 5.65
C VAL C 187 -7.01 -0.23 6.33
N ASN C 188 -6.91 0.57 7.38
CA ASN C 188 -5.73 0.74 8.21
C ASN C 188 -6.26 1.39 9.51
N PRO C 189 -5.44 1.66 10.55
CA PRO C 189 -5.99 2.23 11.80
C PRO C 189 -6.72 3.58 11.65
N ALA C 190 -6.37 4.36 10.63
CA ALA C 190 -6.93 5.69 10.42
C ALA C 190 -8.23 5.76 9.62
N ALA C 191 -8.37 4.90 8.62
CA ALA C 191 -9.45 5.10 7.67
C ALA C 191 -10.38 3.92 7.38
N GLU C 192 -11.66 4.25 7.16
CA GLU C 192 -12.70 3.31 6.71
C GLU C 192 -12.62 3.30 5.15
N ALA C 193 -12.91 2.12 4.53
CA ALA C 193 -12.80 1.87 3.08
C ALA C 193 -13.45 2.90 2.14
N ASN C 194 -14.74 3.26 2.35
CA ASN C 194 -15.45 4.22 1.47
C ASN C 194 -14.82 5.58 1.44
N ILE C 195 -14.37 6.07 2.61
CA ILE C 195 -13.74 7.39 2.69
C ILE C 195 -12.33 7.33 2.08
N HIS C 196 -11.57 6.28 2.42
CA HIS C 196 -10.22 6.08 1.89
C HIS C 196 -10.21 5.97 0.36
N GLY C 197 -11.29 5.39 -0.22
CA GLY C 197 -11.48 5.26 -1.66
C GLY C 197 -11.47 6.58 -2.40
N ASP C 198 -12.01 7.65 -1.75
CA ASP C 198 -12.01 9.01 -2.30
C ASP C 198 -12.12 10.04 -1.17
N PRO C 199 -10.99 10.40 -0.52
CA PRO C 199 -11.03 11.36 0.61
C PRO C 199 -11.50 12.75 0.23
N GLU C 200 -11.05 13.26 -0.94
CA GLU C 200 -11.45 14.56 -1.49
C GLU C 200 -12.97 14.62 -1.68
N ALA C 201 -13.57 13.56 -2.28
CA ALA C 201 -15.03 13.50 -2.49
C ALA C 201 -15.79 13.52 -1.18
N ALA C 202 -15.34 12.74 -0.18
CA ALA C 202 -15.98 12.70 1.12
C ALA C 202 -15.97 14.08 1.80
N ASP C 203 -14.81 14.79 1.73
CA ASP C 203 -14.67 16.13 2.31
C ASP C 203 -15.62 17.12 1.64
N ILE C 204 -15.78 17.04 0.30
CA ILE C 204 -16.74 17.86 -0.46
C ILE C 204 -18.17 17.60 0.03
N VAL C 205 -18.55 16.31 0.17
CA VAL C 205 -19.89 15.93 0.63
C VAL C 205 -20.16 16.44 2.05
N PHE C 206 -19.26 16.16 3.01
CA PHE C 206 -19.44 16.54 4.42
C PHE C 206 -19.47 18.07 4.66
N THR C 207 -18.89 18.88 3.75
CA THR C 207 -18.90 20.34 3.88
C THR C 207 -19.85 21.02 2.87
N SER C 208 -20.73 20.24 2.18
CA SER C 208 -21.67 20.75 1.16
C SER C 208 -22.85 21.56 1.68
N GLY C 209 -23.21 21.38 2.94
CA GLY C 209 -24.35 22.06 3.53
C GLY C 209 -25.66 21.33 3.39
N ALA C 210 -25.63 20.13 2.77
CA ALA C 210 -26.81 19.28 2.59
C ALA C 210 -27.19 18.63 3.94
N ASP C 211 -28.40 18.06 4.03
CA ASP C 211 -28.87 17.37 5.23
C ASP C 211 -28.22 15.98 5.15
N ILE C 212 -27.10 15.82 5.88
CA ILE C 212 -26.31 14.58 5.85
C ILE C 212 -26.36 13.84 7.17
N VAL C 213 -26.48 12.51 7.07
CA VAL C 213 -26.47 11.57 8.18
C VAL C 213 -25.32 10.59 7.88
N VAL C 214 -24.28 10.54 8.74
CA VAL C 214 -23.15 9.62 8.54
C VAL C 214 -23.21 8.50 9.55
N VAL C 215 -23.13 7.25 9.07
CA VAL C 215 -23.11 6.05 9.89
C VAL C 215 -21.71 5.42 9.71
N GLY C 216 -20.85 5.60 10.70
CA GLY C 216 -19.50 5.06 10.66
C GLY C 216 -19.42 3.61 11.12
N ILE C 217 -18.25 3.00 10.92
CA ILE C 217 -18.01 1.62 11.34
C ILE C 217 -17.93 1.51 12.88
N ASN C 218 -17.77 2.63 13.59
CA ASN C 218 -17.85 2.67 15.07
C ASN C 218 -19.26 2.19 15.49
N ILE C 219 -20.25 2.40 14.59
CA ILE C 219 -21.62 1.93 14.80
C ILE C 219 -21.85 0.51 14.23
N THR C 220 -21.51 0.31 12.95
CA THR C 220 -21.82 -0.92 12.21
C THR C 220 -21.04 -2.17 12.69
N THR C 221 -19.88 -2.01 13.31
CA THR C 221 -19.12 -3.18 13.83
C THR C 221 -19.81 -3.76 15.09
N GLN C 222 -20.79 -3.03 15.68
CA GLN C 222 -21.60 -3.49 16.83
C GLN C 222 -22.73 -4.41 16.34
N VAL C 223 -23.00 -4.43 15.02
CA VAL C 223 -24.09 -5.19 14.42
C VAL C 223 -23.53 -6.33 13.56
N CYS C 224 -23.78 -7.58 13.98
CA CYS C 224 -23.24 -8.78 13.32
C CYS C 224 -24.25 -9.88 13.06
N LEU C 225 -23.87 -10.78 12.14
CA LEU C 225 -24.56 -12.03 11.84
C LEU C 225 -23.50 -13.11 12.11
N THR C 226 -23.73 -13.99 13.09
CA THR C 226 -22.79 -15.08 13.39
C THR C 226 -22.96 -16.21 12.35
N ASP C 227 -22.10 -17.26 12.42
CA ASP C 227 -22.22 -18.44 11.57
C ASP C 227 -23.60 -19.06 11.76
N GLU C 228 -24.10 -19.06 13.02
CA GLU C 228 -25.42 -19.56 13.41
C GLU C 228 -26.54 -18.75 12.74
N ASP C 229 -26.41 -17.41 12.70
CA ASP C 229 -27.38 -16.50 12.05
C ASP C 229 -27.42 -16.74 10.53
N LEU C 230 -26.24 -16.98 9.92
CA LEU C 230 -26.10 -17.26 8.49
C LEU C 230 -26.73 -18.60 8.14
N LEU C 231 -26.57 -19.62 9.00
CA LEU C 231 -27.18 -20.94 8.81
C LEU C 231 -28.70 -20.81 8.90
N GLU C 232 -29.20 -19.99 9.85
CA GLU C 232 -30.62 -19.67 10.04
C GLU C 232 -31.19 -19.01 8.76
N LEU C 233 -30.40 -18.13 8.11
CA LEU C 233 -30.79 -17.50 6.85
C LEU C 233 -30.86 -18.56 5.74
N ARG C 234 -29.82 -19.43 5.61
CA ARG C 234 -29.75 -20.51 4.63
C ARG C 234 -31.00 -21.42 4.73
N ASN C 235 -31.42 -21.74 5.97
CA ASN C 235 -32.56 -22.61 6.24
C ASN C 235 -33.93 -21.90 6.25
N SER C 236 -33.96 -20.56 6.11
CA SER C 236 -35.19 -19.78 6.13
C SER C 236 -35.98 -19.85 4.81
N LYS C 237 -37.18 -19.23 4.80
CA LYS C 237 -38.06 -19.16 3.64
C LYS C 237 -37.84 -17.85 2.86
N GLY C 238 -36.70 -17.20 3.12
CA GLY C 238 -36.29 -15.95 2.47
C GLY C 238 -36.20 -16.07 0.96
N LYS C 239 -36.77 -15.10 0.27
CA LYS C 239 -36.82 -15.01 -1.19
C LYS C 239 -35.44 -15.19 -1.84
N HIS C 240 -34.41 -14.56 -1.26
CA HIS C 240 -33.03 -14.60 -1.76
C HIS C 240 -32.06 -15.31 -0.80
N ALA C 241 -32.60 -16.09 0.17
CA ALA C 241 -31.84 -16.81 1.18
C ALA C 241 -30.63 -17.60 0.62
N ALA C 242 -30.85 -18.45 -0.41
CA ALA C 242 -29.78 -19.26 -1.02
C ALA C 242 -28.68 -18.41 -1.65
N PHE C 243 -29.06 -17.36 -2.41
CA PHE C 243 -28.11 -16.45 -3.05
C PHE C 243 -27.27 -15.68 -2.02
N LEU C 244 -27.95 -15.11 -0.98
CA LEU C 244 -27.33 -14.35 0.09
C LEU C 244 -26.31 -15.19 0.84
N TYR C 245 -26.69 -16.44 1.20
CA TYR C 245 -25.80 -17.36 1.92
C TYR C 245 -24.55 -17.67 1.10
N GLU C 246 -24.73 -17.97 -0.22
CA GLU C 246 -23.65 -18.27 -1.15
C GLU C 246 -22.61 -17.13 -1.25
N MET C 247 -23.05 -15.86 -1.44
CA MET C 247 -22.17 -14.66 -1.47
C MET C 247 -21.41 -14.51 -0.16
N CYS C 248 -22.13 -14.67 0.96
CA CYS C 248 -21.61 -14.49 2.32
C CYS C 248 -20.52 -15.47 2.73
N LYS C 249 -20.34 -16.62 2.03
CA LYS C 249 -19.29 -17.60 2.34
C LYS C 249 -17.90 -16.95 2.26
N PHE C 250 -17.63 -16.27 1.14
CA PHE C 250 -16.38 -15.57 0.89
C PHE C 250 -16.19 -14.42 1.90
N TYR C 251 -17.26 -13.62 2.14
CA TYR C 251 -17.27 -12.48 3.04
C TYR C 251 -16.97 -12.93 4.48
N ARG C 252 -17.63 -14.00 4.96
CA ARG C 252 -17.44 -14.60 6.29
C ARG C 252 -15.97 -15.07 6.47
N ASP C 253 -15.38 -15.66 5.40
CA ASP C 253 -14.02 -16.15 5.42
C ASP C 253 -13.01 -15.02 5.65
N TRP C 254 -13.24 -13.84 5.03
CA TRP C 254 -12.40 -12.66 5.25
C TRP C 254 -12.48 -12.19 6.72
N HIS C 255 -13.70 -12.13 7.30
CA HIS C 255 -13.93 -11.73 8.69
C HIS C 255 -13.17 -12.65 9.66
N ALA C 256 -13.17 -13.97 9.37
CA ALA C 256 -12.47 -14.97 10.17
C ALA C 256 -10.95 -14.78 10.10
N LYS C 257 -10.41 -14.49 8.90
CA LYS C 257 -8.97 -14.30 8.67
C LYS C 257 -8.45 -12.98 9.20
N SER C 258 -9.23 -11.89 9.04
CA SER C 258 -8.79 -10.55 9.40
C SER C 258 -9.22 -10.10 10.80
N ASP C 259 -10.54 -10.14 11.08
CA ASP C 259 -11.10 -9.69 12.36
C ASP C 259 -11.13 -10.79 13.43
N GLY C 260 -10.95 -12.05 13.02
CA GLY C 260 -11.02 -13.19 13.94
C GLY C 260 -12.44 -13.48 14.38
N PHE C 261 -13.42 -13.02 13.58
CA PHE C 261 -14.84 -13.16 13.85
C PHE C 261 -15.49 -14.20 12.94
N HIS C 262 -16.20 -15.16 13.53
CA HIS C 262 -16.90 -16.22 12.78
C HIS C 262 -18.32 -15.78 12.41
N GLY C 263 -18.40 -15.02 11.33
CA GLY C 263 -19.62 -14.45 10.78
C GLY C 263 -19.30 -13.22 9.96
N ILE C 264 -20.24 -12.26 9.88
CA ILE C 264 -20.03 -11.02 9.11
C ILE C 264 -20.51 -9.80 9.87
N PHE C 265 -19.90 -8.64 9.61
CA PHE C 265 -20.41 -7.38 10.16
C PHE C 265 -21.46 -6.94 9.15
N LEU C 266 -22.45 -6.18 9.61
CA LEU C 266 -23.51 -5.68 8.73
C LEU C 266 -23.23 -4.17 8.59
N HIS C 267 -22.58 -3.77 7.50
CA HIS C 267 -22.25 -2.36 7.30
C HIS C 267 -23.37 -1.64 6.56
N ASP C 268 -23.51 -1.91 5.25
CA ASP C 268 -24.51 -1.27 4.39
C ASP C 268 -25.96 -1.55 4.84
N PRO C 269 -26.37 -2.77 5.30
CA PRO C 269 -27.75 -2.96 5.80
C PRO C 269 -28.09 -2.07 7.00
N VAL C 270 -27.09 -1.72 7.85
CA VAL C 270 -27.28 -0.85 9.02
C VAL C 270 -27.58 0.59 8.58
N SER C 271 -26.86 1.09 7.54
CA SER C 271 -27.11 2.47 7.04
C SER C 271 -28.49 2.54 6.40
N PHE C 272 -28.95 1.44 5.77
CA PHE C 272 -30.31 1.35 5.23
C PHE C 272 -31.33 1.42 6.38
N THR C 273 -31.06 0.72 7.51
CA THR C 273 -31.91 0.73 8.71
C THR C 273 -32.00 2.17 9.25
N ALA C 274 -30.91 2.98 9.12
CA ALA C 274 -30.91 4.39 9.58
C ALA C 274 -31.83 5.27 8.72
N VAL C 275 -32.04 4.91 7.44
CA VAL C 275 -32.95 5.62 6.53
C VAL C 275 -34.41 5.42 7.00
N LEU C 276 -34.80 4.15 7.25
CA LEU C 276 -36.17 3.76 7.61
C LEU C 276 -36.52 3.88 9.08
N HIS C 277 -35.56 3.61 9.96
CA HIS C 277 -35.74 3.65 11.40
C HIS C 277 -34.62 4.45 12.10
N PRO C 278 -34.53 5.80 11.88
CA PRO C 278 -33.52 6.60 12.59
C PRO C 278 -33.68 6.55 14.12
N GLU C 279 -34.90 6.22 14.62
CA GLU C 279 -35.21 6.08 16.04
C GLU C 279 -34.48 4.88 16.72
N TYR C 280 -33.85 3.98 15.93
CA TYR C 280 -33.07 2.85 16.46
C TYR C 280 -31.64 3.31 16.79
N PHE C 281 -31.39 4.61 16.60
CA PHE C 281 -30.10 5.25 16.80
C PHE C 281 -30.25 6.58 17.49
N THR C 282 -29.13 7.16 17.95
CA THR C 282 -29.02 8.52 18.46
C THR C 282 -27.95 9.16 17.59
N PHE C 283 -28.08 10.46 17.34
CA PHE C 283 -27.14 11.19 16.50
C PHE C 283 -26.61 12.41 17.22
N LYS C 284 -25.40 12.82 16.88
CA LYS C 284 -24.78 14.05 17.42
C LYS C 284 -24.46 14.93 16.22
N LYS C 285 -24.70 16.24 16.36
CA LYS C 285 -24.43 17.23 15.32
C LYS C 285 -23.01 17.77 15.45
N GLY C 286 -22.36 17.96 14.32
CA GLY C 286 -21.00 18.48 14.29
C GLY C 286 -20.39 18.57 12.91
N VAL C 287 -19.40 19.45 12.76
CA VAL C 287 -18.66 19.62 11.51
C VAL C 287 -17.74 18.41 11.36
N VAL C 288 -17.77 17.79 10.17
CA VAL C 288 -16.90 16.67 9.84
C VAL C 288 -15.97 17.08 8.70
N ARG C 289 -14.67 16.84 8.92
CA ARG C 289 -13.63 17.04 7.93
C ARG C 289 -12.96 15.71 7.67
N VAL C 290 -12.41 15.56 6.46
CA VAL C 290 -11.70 14.35 6.03
C VAL C 290 -10.26 14.72 5.73
N GLU C 291 -9.31 13.95 6.30
CA GLU C 291 -7.88 14.15 6.04
C GLU C 291 -7.61 13.57 4.62
N THR C 292 -6.99 14.38 3.76
CA THR C 292 -6.74 13.98 2.36
C THR C 292 -5.27 13.64 2.07
N GLN C 293 -4.36 13.89 3.03
CA GLN C 293 -2.94 13.60 2.88
C GLN C 293 -2.30 12.94 4.12
N GLY C 294 -1.08 12.48 3.98
CA GLY C 294 -0.32 11.88 5.06
C GLY C 294 -0.80 10.50 5.51
N ILE C 295 -0.26 10.05 6.63
CA ILE C 295 -0.54 8.72 7.20
C ILE C 295 -2.04 8.57 7.58
N CYS C 296 -2.74 9.67 7.89
CA CYS C 296 -4.15 9.62 8.26
C CYS C 296 -5.11 9.92 7.09
N THR C 297 -4.64 9.80 5.82
CA THR C 297 -5.50 9.96 4.62
C THR C 297 -6.78 9.09 4.80
N GLY C 298 -7.95 9.72 4.60
CA GLY C 298 -9.25 9.06 4.71
C GLY C 298 -9.85 9.08 6.12
N HIS C 299 -9.12 9.65 7.08
CA HIS C 299 -9.62 9.75 8.45
C HIS C 299 -10.77 10.76 8.54
N THR C 300 -11.85 10.37 9.24
CA THR C 300 -13.02 11.22 9.46
C THR C 300 -13.01 11.72 10.88
N LEU C 301 -13.02 13.04 11.03
CA LEU C 301 -12.98 13.68 12.32
C LEU C 301 -14.08 14.72 12.49
N MET C 302 -14.89 14.51 13.52
CA MET C 302 -16.02 15.38 13.84
C MET C 302 -15.66 16.32 15.00
N ASP C 303 -16.08 17.60 14.90
CA ASP C 303 -15.97 18.57 15.99
C ASP C 303 -17.38 18.60 16.62
N GLN C 304 -17.53 18.03 17.82
CA GLN C 304 -18.81 18.00 18.54
C GLN C 304 -19.28 19.38 19.01
N GLY C 305 -18.38 20.38 18.98
CA GLY C 305 -18.69 21.75 19.38
C GLY C 305 -18.88 21.95 20.87
N LEU C 306 -18.32 21.03 21.69
CA LEU C 306 -18.40 21.10 23.15
C LEU C 306 -17.34 22.02 23.76
N LYS C 307 -16.33 22.39 22.97
CA LYS C 307 -15.26 23.27 23.42
C LYS C 307 -15.19 24.51 22.55
N LYS C 308 -15.10 25.69 23.19
CA LYS C 308 -14.97 26.97 22.49
C LYS C 308 -13.49 27.16 22.17
N TRP C 309 -13.15 27.18 20.87
CA TRP C 309 -11.76 27.34 20.42
C TRP C 309 -11.30 28.78 20.51
N ASN C 310 -9.99 28.99 20.81
CA ASN C 310 -9.40 30.31 20.92
C ASN C 310 -9.23 30.97 19.55
N SER C 311 -8.92 30.15 18.53
CA SER C 311 -8.71 30.62 17.16
C SER C 311 -9.40 29.69 16.17
N GLU C 312 -9.51 30.12 14.90
CA GLU C 312 -10.13 29.35 13.84
C GLU C 312 -9.28 28.15 13.46
N ASN C 313 -9.95 27.10 13.01
CA ASN C 313 -9.30 25.85 12.64
C ASN C 313 -10.05 25.26 11.43
N PRO C 314 -9.59 24.12 10.84
CA PRO C 314 -10.31 23.55 9.68
C PRO C 314 -11.79 23.14 9.93
N TRP C 315 -12.24 23.05 11.20
CA TRP C 315 -13.63 22.69 11.51
C TRP C 315 -14.54 23.94 11.66
N SER C 316 -13.94 25.15 11.68
CA SER C 316 -14.67 26.43 11.83
C SER C 316 -15.47 26.84 10.58
N GLY C 317 -16.64 27.43 10.81
CA GLY C 317 -17.49 28.01 9.77
C GLY C 317 -18.36 27.10 8.92
N TYR C 318 -18.11 25.78 8.93
CA TYR C 318 -18.90 24.85 8.14
C TYR C 318 -20.24 24.53 8.79
N LYS C 319 -21.19 24.03 8.01
CA LYS C 319 -22.49 23.64 8.52
C LYS C 319 -22.34 22.24 9.17
N PRO C 320 -22.83 22.02 10.41
CA PRO C 320 -22.70 20.67 11.01
C PRO C 320 -23.58 19.64 10.30
N ILE C 321 -23.23 18.35 10.42
CA ILE C 321 -24.00 17.24 9.88
C ILE C 321 -24.36 16.28 11.03
N SER C 322 -25.22 15.27 10.79
CA SER C 322 -25.61 14.30 11.83
C SER C 322 -24.72 13.06 11.78
N VAL C 323 -24.11 12.71 12.91
CA VAL C 323 -23.23 11.55 12.98
C VAL C 323 -23.88 10.53 13.94
N ALA C 324 -24.10 9.28 13.47
CA ALA C 324 -24.67 8.21 14.29
C ALA C 324 -23.76 7.95 15.48
N TRP C 325 -24.30 8.06 16.69
CA TRP C 325 -23.56 7.96 17.94
C TRP C 325 -23.76 6.66 18.70
N THR C 326 -25.02 6.20 18.80
CA THR C 326 -25.39 4.95 19.44
C THR C 326 -26.38 4.21 18.54
N VAL C 327 -26.51 2.91 18.77
CA VAL C 327 -27.40 2.02 18.04
C VAL C 327 -28.09 1.05 19.02
N ASP C 328 -29.36 0.76 18.74
CA ASP C 328 -30.13 -0.23 19.48
C ASP C 328 -29.93 -1.52 18.66
N VAL C 329 -28.88 -2.28 19.01
CA VAL C 329 -28.45 -3.50 18.31
C VAL C 329 -29.60 -4.54 18.16
N PRO C 330 -30.37 -4.96 19.22
CA PRO C 330 -31.44 -5.95 18.98
C PRO C 330 -32.51 -5.50 17.98
N LYS C 331 -32.93 -4.22 18.03
CA LYS C 331 -33.93 -3.66 17.12
C LYS C 331 -33.43 -3.62 15.66
N VAL C 332 -32.15 -3.27 15.46
CA VAL C 332 -31.53 -3.21 14.12
C VAL C 332 -31.40 -4.63 13.53
N ILE C 333 -30.92 -5.59 14.34
CA ILE C 333 -30.77 -7.00 13.94
C ILE C 333 -32.10 -7.61 13.54
N SER C 334 -33.16 -7.41 14.37
CA SER C 334 -34.51 -7.90 14.13
C SER C 334 -35.06 -7.36 12.80
N PHE C 335 -34.88 -6.05 12.52
CA PHE C 335 -35.35 -5.42 11.28
C PHE C 335 -34.60 -5.97 10.05
N ILE C 336 -33.27 -6.15 10.15
CA ILE C 336 -32.45 -6.68 9.05
C ILE C 336 -32.84 -8.14 8.76
N LYS C 337 -32.89 -8.97 9.81
CA LYS C 337 -33.27 -10.38 9.73
C LYS C 337 -34.64 -10.57 9.09
N LYS C 338 -35.66 -9.76 9.46
CA LYS C 338 -37.00 -9.91 8.89
C LYS C 338 -37.04 -9.58 7.37
N LEU C 339 -36.22 -8.59 6.89
CA LEU C 339 -36.16 -8.30 5.46
C LEU C 339 -35.41 -9.37 4.68
N LEU C 340 -34.31 -9.91 5.25
CA LEU C 340 -33.50 -10.97 4.62
C LEU C 340 -34.23 -12.31 4.56
N MET C 341 -35.13 -12.58 5.53
CA MET C 341 -35.86 -13.84 5.64
C MET C 341 -37.32 -13.74 5.15
N ALA C 342 -37.72 -12.59 4.57
CA ALA C 342 -39.07 -12.36 4.02
C ALA C 342 -39.26 -13.21 2.74
N PRO C 343 -40.36 -13.99 2.65
CA PRO C 343 -40.56 -14.85 1.48
C PRO C 343 -40.94 -14.10 0.20
N ARG D 28 15.51 5.15 46.13
CA ARG D 28 14.68 6.12 45.41
C ARG D 28 14.84 6.00 43.90
N ASP D 29 13.73 6.19 43.16
CA ASP D 29 13.72 6.13 41.69
C ASP D 29 14.17 7.47 41.09
N LYS D 30 15.22 7.43 40.27
CA LYS D 30 15.76 8.61 39.59
C LYS D 30 14.79 9.08 38.51
N LEU D 31 14.55 10.39 38.47
CA LEU D 31 13.60 10.96 37.53
C LEU D 31 14.06 12.30 36.97
N ILE D 32 13.92 12.47 35.65
CA ILE D 32 14.14 13.72 34.94
C ILE D 32 12.76 14.19 34.49
N ILE D 33 12.43 15.46 34.75
CA ILE D 33 11.15 16.02 34.32
C ILE D 33 11.42 16.97 33.14
N ASP D 34 10.90 16.63 31.94
CA ASP D 34 11.00 17.47 30.74
C ASP D 34 9.69 18.27 30.71
N THR D 35 9.79 19.58 30.83
CA THR D 35 8.62 20.42 31.10
C THR D 35 8.65 21.82 30.50
N ASP D 36 7.45 22.40 30.33
CA ASP D 36 7.23 23.76 29.84
C ASP D 36 6.42 24.53 30.95
N PRO D 37 6.95 24.74 32.20
CA PRO D 37 6.13 25.38 33.25
C PRO D 37 5.67 26.81 32.95
N GLY D 38 4.35 27.05 32.87
CA GLY D 38 3.30 26.04 33.00
C GLY D 38 2.74 25.91 34.40
N ILE D 39 1.41 26.07 34.56
CA ILE D 39 0.74 26.01 35.87
C ILE D 39 0.68 24.56 36.41
N ASP D 40 0.08 23.63 35.66
CA ASP D 40 -0.03 22.21 36.04
C ASP D 40 1.36 21.53 36.12
N ASP D 41 2.31 21.96 35.26
CA ASP D 41 3.71 21.52 35.30
C ASP D 41 4.32 21.88 36.67
N SER D 42 4.10 23.14 37.14
CA SER D 42 4.62 23.64 38.41
C SER D 42 4.06 22.88 39.61
N MET D 43 2.74 22.57 39.56
CA MET D 43 2.05 21.76 40.57
C MET D 43 2.74 20.39 40.64
N THR D 44 3.02 19.78 39.46
CA THR D 44 3.66 18.47 39.32
C THR D 44 5.08 18.46 39.88
N ILE D 45 5.92 19.43 39.48
CA ILE D 45 7.30 19.59 39.93
C ILE D 45 7.36 19.72 41.46
N LEU D 46 6.47 20.55 42.04
CA LEU D 46 6.44 20.74 43.48
C LEU D 46 6.00 19.46 44.19
N MET D 47 5.00 18.74 43.61
CA MET D 47 4.52 17.44 44.11
C MET D 47 5.67 16.45 44.11
N ALA D 48 6.42 16.38 42.98
CA ALA D 48 7.57 15.51 42.75
C ALA D 48 8.67 15.71 43.77
N PHE D 49 8.96 16.98 44.16
CA PHE D 49 9.97 17.33 45.17
C PHE D 49 9.58 16.85 46.57
N ARG D 50 8.27 16.64 46.82
CA ARG D 50 7.75 16.17 48.10
C ARG D 50 7.59 14.65 48.18
N ALA D 51 7.64 13.95 47.03
CA ALA D 51 7.51 12.48 46.96
C ALA D 51 8.79 11.79 47.47
N PRO D 52 8.74 11.07 48.63
CA PRO D 52 9.98 10.46 49.17
C PRO D 52 10.57 9.30 48.35
N SER D 53 9.77 8.61 47.53
CA SER D 53 10.25 7.48 46.72
C SER D 53 10.96 7.93 45.43
N VAL D 54 10.99 9.25 45.17
CA VAL D 54 11.52 9.86 43.95
C VAL D 54 12.77 10.71 44.23
N GLU D 55 13.77 10.61 43.33
CA GLU D 55 14.97 11.44 43.35
C GLU D 55 14.99 12.23 42.02
N ILE D 56 14.66 13.55 42.08
CA ILE D 56 14.68 14.41 40.89
C ILE D 56 16.13 14.76 40.59
N ILE D 57 16.66 14.21 39.49
CA ILE D 57 18.06 14.47 39.15
C ILE D 57 18.19 15.66 38.18
N GLY D 58 17.07 16.19 37.70
CA GLY D 58 17.09 17.36 36.85
C GLY D 58 15.78 17.73 36.20
N LEU D 59 15.68 19.01 35.80
CA LEU D 59 14.55 19.55 35.05
C LEU D 59 15.08 19.98 33.68
N THR D 60 14.43 19.56 32.61
CA THR D 60 14.82 19.94 31.26
C THR D 60 13.65 20.74 30.70
N THR D 61 13.92 21.90 30.11
CA THR D 61 12.83 22.80 29.71
C THR D 61 12.58 22.85 28.21
N ILE D 62 11.31 23.08 27.88
CA ILE D 62 10.82 23.18 26.49
C ILE D 62 9.75 24.28 26.39
N PHE D 63 9.44 24.74 25.16
CA PHE D 63 8.41 25.74 24.90
C PHE D 63 7.04 25.02 25.00
N GLY D 64 5.95 25.80 24.89
CA GLY D 64 4.60 25.25 24.90
C GLY D 64 3.60 26.17 25.57
N ASN D 65 3.51 26.08 26.89
CA ASN D 65 2.65 26.94 27.71
C ASN D 65 3.21 28.36 27.71
N VAL D 66 4.54 28.44 27.56
CA VAL D 66 5.34 29.66 27.55
C VAL D 66 6.56 29.41 26.61
N ASP D 67 7.31 30.45 26.22
CA ASP D 67 8.52 30.24 25.40
C ASP D 67 9.59 29.52 26.28
N THR D 68 10.58 28.84 25.67
CA THR D 68 11.62 28.06 26.39
C THR D 68 12.34 28.90 27.46
N LYS D 69 12.71 30.15 27.16
CA LYS D 69 13.37 31.03 28.13
C LYS D 69 12.50 31.28 29.39
N GLY D 70 11.20 31.42 29.19
CA GLY D 70 10.22 31.60 30.25
C GLY D 70 10.05 30.33 31.05
N ALA D 71 10.15 29.15 30.39
CA ALA D 71 10.05 27.84 31.05
C ALA D 71 11.26 27.62 31.96
N THR D 72 12.48 27.99 31.48
CA THR D 72 13.73 27.90 32.23
C THR D 72 13.65 28.77 33.50
N ARG D 73 13.20 30.04 33.34
CA ARG D 73 13.02 30.98 34.45
C ARG D 73 12.13 30.38 35.55
N ASN D 74 10.98 29.83 35.14
CA ASN D 74 10.02 29.17 36.02
C ASN D 74 10.58 27.91 36.69
N ALA D 75 11.34 27.07 35.96
CA ALA D 75 11.93 25.84 36.49
C ALA D 75 12.95 26.16 37.58
N LEU D 76 13.78 27.19 37.33
CA LEU D 76 14.78 27.67 38.29
C LEU D 76 14.10 28.19 39.55
N LEU D 77 13.00 28.97 39.39
CA LEU D 77 12.23 29.51 40.51
C LEU D 77 11.59 28.40 41.35
N LEU D 78 11.09 27.32 40.69
CA LEU D 78 10.48 26.16 41.36
C LEU D 78 11.47 25.39 42.22
N CYS D 79 12.72 25.21 41.71
CA CYS D 79 13.82 24.56 42.43
C CYS D 79 14.12 25.34 43.72
N GLU D 80 14.19 26.69 43.60
CA GLU D 80 14.42 27.59 44.74
C GLU D 80 13.27 27.48 45.75
N ARG D 81 12.02 27.51 45.26
CA ARG D 81 10.80 27.40 46.07
C ARG D 81 10.74 26.09 46.86
N ALA D 82 11.14 24.98 46.22
CA ALA D 82 11.13 23.66 46.85
C ALA D 82 12.31 23.46 47.80
N GLY D 83 13.20 24.45 47.87
CA GLY D 83 14.39 24.42 48.73
C GLY D 83 15.47 23.52 48.18
N CYS D 84 15.47 23.30 46.86
CA CYS D 84 16.45 22.46 46.14
C CYS D 84 17.08 23.25 44.97
N PRO D 85 17.79 24.40 45.20
CA PRO D 85 18.37 25.14 44.06
C PRO D 85 19.57 24.46 43.40
N GLU D 86 20.05 23.36 44.00
CA GLU D 86 21.18 22.58 43.48
C GLU D 86 20.73 21.64 42.34
N VAL D 87 19.41 21.36 42.22
CA VAL D 87 18.83 20.50 41.19
C VAL D 87 19.10 21.15 39.82
N PRO D 88 19.86 20.49 38.94
CA PRO D 88 20.16 21.11 37.64
C PRO D 88 18.94 21.38 36.75
N VAL D 89 18.95 22.54 36.08
CA VAL D 89 17.94 22.95 35.11
C VAL D 89 18.71 23.12 33.80
N ALA D 90 18.33 22.32 32.78
CA ALA D 90 18.97 22.35 31.47
C ALA D 90 17.97 22.86 30.44
N GLU D 91 18.29 24.00 29.81
CA GLU D 91 17.43 24.62 28.79
C GLU D 91 17.46 23.83 27.50
N GLY D 92 16.27 23.57 26.97
CA GLY D 92 16.12 22.81 25.73
C GLY D 92 15.91 23.65 24.50
N SER D 93 15.28 23.04 23.50
CA SER D 93 15.06 23.67 22.21
C SER D 93 14.12 24.87 22.28
N HIS D 94 14.43 25.91 21.49
CA HIS D 94 13.63 27.13 21.41
C HIS D 94 12.51 27.00 20.36
N GLU D 95 12.60 25.99 19.51
CA GLU D 95 11.61 25.74 18.46
C GLU D 95 11.39 24.25 18.21
N PRO D 96 10.26 23.83 17.57
CA PRO D 96 10.09 22.40 17.26
C PRO D 96 11.11 21.95 16.21
N LEU D 97 11.24 20.62 15.99
CA LEU D 97 12.18 20.04 15.02
C LEU D 97 12.06 20.64 13.63
N LYS D 98 10.82 20.94 13.17
CA LYS D 98 10.55 21.54 11.85
C LYS D 98 10.94 23.03 11.75
N GLY D 99 11.18 23.67 12.90
CA GLY D 99 11.55 25.08 12.96
C GLY D 99 10.36 26.02 13.04
N GLY D 100 10.65 27.28 13.38
CA GLY D 100 9.64 28.32 13.52
C GLY D 100 9.32 28.64 14.96
N LYS D 101 9.00 29.91 15.22
CA LYS D 101 8.64 30.42 16.54
C LYS D 101 7.34 29.72 17.01
N PRO D 102 7.38 28.95 18.13
CA PRO D 102 6.17 28.25 18.56
C PRO D 102 5.07 29.16 19.11
N ARG D 103 3.81 28.70 19.01
CA ARG D 103 2.62 29.38 19.51
C ARG D 103 2.54 29.02 20.99
N VAL D 104 2.48 30.02 21.89
CA VAL D 104 2.46 29.69 23.31
C VAL D 104 1.07 29.97 23.93
N ALA D 105 0.66 29.10 24.88
CA ALA D 105 -0.62 29.12 25.58
C ALA D 105 -0.68 30.18 26.70
N ASP D 106 -0.41 31.47 26.36
CA ASP D 106 -0.45 32.56 27.36
C ASP D 106 -1.88 32.87 27.83
N PHE D 107 -2.89 32.48 27.03
CA PHE D 107 -4.32 32.65 27.35
C PHE D 107 -4.79 31.57 28.35
N VAL D 108 -3.96 30.51 28.57
CA VAL D 108 -4.24 29.43 29.52
C VAL D 108 -3.36 29.59 30.78
N HIS D 109 -2.07 29.95 30.60
CA HIS D 109 -1.09 30.02 31.69
C HIS D 109 -0.56 31.42 32.04
N GLY D 110 -1.01 32.47 31.35
CA GLY D 110 -0.57 33.84 31.61
C GLY D 110 0.67 34.21 30.82
N SER D 111 1.00 35.51 30.81
CA SER D 111 2.18 36.03 30.12
C SER D 111 3.52 35.47 30.63
N ASP D 112 3.60 35.18 31.95
CA ASP D 112 4.82 34.61 32.57
C ASP D 112 4.84 33.05 32.59
N GLY D 113 3.71 32.43 32.31
CA GLY D 113 3.57 30.98 32.29
C GLY D 113 3.07 30.37 33.59
N ILE D 114 3.01 31.14 34.69
CA ILE D 114 2.55 30.62 35.98
C ILE D 114 1.37 31.43 36.60
N GLY D 115 0.42 31.81 35.75
CA GLY D 115 -0.78 32.51 36.17
C GLY D 115 -0.60 33.94 36.63
N ASN D 116 0.28 34.70 35.95
CA ASN D 116 0.56 36.12 36.16
C ASN D 116 0.99 36.49 37.59
N LEU D 117 1.99 35.77 38.11
CA LEU D 117 2.50 36.06 39.45
C LEU D 117 3.66 37.03 39.39
N PHE D 118 4.27 37.22 38.17
CA PHE D 118 5.36 38.15 37.85
C PHE D 118 6.37 38.23 38.98
N LEU D 119 6.94 37.09 39.27
CA LEU D 119 7.87 36.93 40.38
C LEU D 119 9.27 37.47 40.09
N PRO D 120 10.05 37.89 41.12
CA PRO D 120 11.43 38.34 40.86
C PRO D 120 12.24 37.19 40.25
N ALA D 121 13.28 37.52 39.48
CA ALA D 121 14.16 36.59 38.78
C ALA D 121 14.88 35.61 39.72
N PRO D 122 15.13 34.35 39.29
CA PRO D 122 15.87 33.42 40.17
C PRO D 122 17.33 33.82 40.31
N SER D 123 17.97 33.41 41.41
CA SER D 123 19.38 33.62 41.68
C SER D 123 20.15 32.45 41.10
N ALA D 124 19.53 31.24 41.14
CA ALA D 124 20.09 30.01 40.59
C ALA D 124 20.16 30.13 39.07
N LYS D 125 21.21 29.55 38.47
CA LYS D 125 21.42 29.59 37.03
C LYS D 125 21.28 28.22 36.39
N LYS D 126 20.87 28.19 35.12
CA LYS D 126 20.78 26.94 34.36
C LYS D 126 22.19 26.37 34.12
N VAL D 127 22.29 25.05 33.87
CA VAL D 127 23.56 24.41 33.55
C VAL D 127 23.96 24.80 32.11
N GLU D 128 25.24 24.58 31.73
CA GLU D 128 25.75 24.94 30.41
C GLU D 128 25.16 24.10 29.28
N GLU D 129 25.09 22.76 29.49
CA GLU D 129 24.61 21.82 28.48
C GLU D 129 23.10 21.97 28.17
N SER D 130 22.74 21.64 26.94
CA SER D 130 21.34 21.65 26.48
C SER D 130 20.56 20.52 27.17
N ALA D 131 19.22 20.60 27.14
CA ALA D 131 18.34 19.56 27.71
C ALA D 131 18.61 18.19 27.04
N ALA D 132 18.81 18.17 25.71
CA ALA D 132 19.10 16.96 24.94
C ALA D 132 20.40 16.29 25.42
N ASP D 133 21.47 17.08 25.60
CA ASP D 133 22.75 16.57 26.10
C ASP D 133 22.66 16.12 27.57
N PHE D 134 21.89 16.85 28.39
CA PHE D 134 21.65 16.49 29.79
C PHE D 134 20.94 15.13 29.86
N LEU D 135 19.89 14.92 29.02
CA LEU D 135 19.14 13.65 28.97
C LEU D 135 20.07 12.49 28.61
N ILE D 136 20.88 12.66 27.55
CA ILE D 136 21.84 11.65 27.10
C ILE D 136 22.84 11.30 28.22
N ASN D 137 23.44 12.34 28.85
CA ASN D 137 24.46 12.18 29.89
C ASN D 137 23.95 11.46 31.13
N LYS D 138 22.78 11.85 31.64
CA LYS D 138 22.23 11.24 32.86
C LYS D 138 21.77 9.79 32.67
N VAL D 139 21.18 9.49 31.51
CA VAL D 139 20.74 8.15 31.13
C VAL D 139 21.97 7.25 30.90
N SER D 140 23.04 7.83 30.30
CA SER D 140 24.31 7.10 30.10
C SER D 140 25.02 6.80 31.44
N GLU D 141 24.94 7.75 32.38
CA GLU D 141 25.57 7.67 33.71
C GLU D 141 24.89 6.59 34.57
N PHE D 142 23.54 6.48 34.46
CA PHE D 142 22.75 5.51 35.22
C PHE D 142 21.93 4.64 34.26
N PRO D 143 22.55 3.68 33.53
CA PRO D 143 21.76 2.89 32.56
C PRO D 143 20.69 2.03 33.21
N GLY D 144 19.48 2.09 32.64
CA GLY D 144 18.29 1.36 33.10
C GLY D 144 17.69 1.86 34.40
N GLU D 145 18.16 2.99 34.92
CA GLU D 145 17.70 3.54 36.20
C GLU D 145 16.90 4.84 36.10
N VAL D 146 17.14 5.65 35.05
CA VAL D 146 16.51 6.96 34.91
C VAL D 146 15.19 6.90 34.14
N SER D 147 14.12 7.36 34.79
CA SER D 147 12.81 7.52 34.16
C SER D 147 12.68 8.97 33.73
N VAL D 148 11.99 9.20 32.61
CA VAL D 148 11.75 10.55 32.09
C VAL D 148 10.26 10.81 32.09
N LEU D 149 9.84 11.89 32.77
CA LEU D 149 8.45 12.31 32.76
C LEU D 149 8.34 13.52 31.82
N ALA D 150 7.74 13.31 30.64
CA ALA D 150 7.59 14.35 29.62
C ALA D 150 6.23 15.05 29.74
N LEU D 151 6.27 16.32 30.17
CA LEU D 151 5.11 17.19 30.43
C LEU D 151 4.86 18.26 29.38
N GLY D 152 5.67 18.29 28.33
CA GLY D 152 5.51 19.27 27.26
C GLY D 152 5.77 18.66 25.90
N PRO D 153 5.90 19.50 24.83
CA PRO D 153 6.31 18.97 23.51
C PRO D 153 7.57 18.10 23.66
N LEU D 154 7.71 17.09 22.78
CA LEU D 154 8.72 16.07 22.95
C LEU D 154 10.07 16.33 22.24
N THR D 155 10.32 17.57 21.82
CA THR D 155 11.53 17.99 21.09
C THR D 155 12.86 17.52 21.72
N ASN D 156 13.10 17.81 23.02
CA ASN D 156 14.35 17.43 23.71
C ASN D 156 14.55 15.94 23.77
N VAL D 157 13.46 15.19 24.02
CA VAL D 157 13.46 13.73 24.08
C VAL D 157 13.77 13.14 22.70
N ALA D 158 13.15 13.69 21.63
CA ALA D 158 13.42 13.25 20.26
C ALA D 158 14.86 13.56 19.87
N LEU D 159 15.38 14.75 20.27
CA LEU D 159 16.77 15.13 19.99
C LEU D 159 17.76 14.16 20.65
N ALA D 160 17.47 13.73 21.91
CA ALA D 160 18.30 12.75 22.63
C ALA D 160 18.26 11.40 21.93
N ILE D 161 17.06 10.96 21.49
CA ILE D 161 16.88 9.70 20.75
C ILE D 161 17.68 9.72 19.43
N LYS D 162 17.60 10.85 18.67
CA LYS D 162 18.32 10.98 17.39
C LYS D 162 19.83 11.04 17.56
N ARG D 163 20.32 11.82 18.55
CA ARG D 163 21.75 11.99 18.77
C ARG D 163 22.45 10.79 19.37
N ASP D 164 21.76 10.06 20.26
CA ASP D 164 22.31 8.88 20.92
C ASP D 164 21.45 7.64 20.58
N PRO D 165 21.94 6.76 19.66
CA PRO D 165 21.15 5.56 19.28
C PRO D 165 20.97 4.52 20.42
N SER D 166 21.74 4.63 21.52
CA SER D 166 21.57 3.74 22.68
C SER D 166 20.60 4.35 23.72
N PHE D 167 20.17 5.61 23.55
CA PHE D 167 19.29 6.29 24.51
C PHE D 167 18.01 5.49 24.81
N ALA D 168 17.25 5.07 23.76
CA ALA D 168 15.99 4.33 23.89
C ALA D 168 16.11 3.06 24.70
N SER D 169 17.27 2.37 24.59
CA SER D 169 17.56 1.13 25.31
C SER D 169 17.97 1.36 26.78
N LYS D 170 18.59 2.51 27.10
CA LYS D 170 19.12 2.78 28.44
C LYS D 170 18.14 3.55 29.35
N VAL D 171 17.20 4.31 28.77
CA VAL D 171 16.19 5.00 29.58
C VAL D 171 15.30 3.92 30.24
N LYS D 172 15.02 4.04 31.53
CA LYS D 172 14.21 3.02 32.22
C LYS D 172 12.77 3.06 31.67
N LYS D 173 12.17 4.25 31.65
CA LYS D 173 10.79 4.46 31.19
C LYS D 173 10.61 5.92 30.80
N ILE D 174 9.72 6.16 29.83
CA ILE D 174 9.34 7.50 29.42
C ILE D 174 7.83 7.58 29.63
N VAL D 175 7.39 8.41 30.56
CA VAL D 175 5.96 8.61 30.81
C VAL D 175 5.60 9.94 30.16
N VAL D 176 4.72 9.89 29.17
CA VAL D 176 4.34 11.05 28.36
C VAL D 176 2.94 11.56 28.69
N LEU D 177 2.83 12.85 28.98
CA LEU D 177 1.53 13.49 29.07
C LEU D 177 1.34 14.07 27.67
N GLY D 178 0.42 13.49 26.93
CA GLY D 178 0.15 13.96 25.59
C GLY D 178 -0.78 13.08 24.79
N GLY D 179 -1.32 13.67 23.73
CA GLY D 179 -2.23 12.99 22.82
C GLY D 179 -3.66 12.96 23.25
N ALA D 180 -4.52 12.53 22.34
CA ALA D 180 -5.96 12.35 22.55
C ALA D 180 -6.28 11.10 21.72
N PHE D 181 -6.52 9.99 22.42
CA PHE D 181 -6.75 8.67 21.84
C PHE D 181 -8.22 8.39 21.75
N PHE D 182 -8.75 8.34 20.50
CA PHE D 182 -10.18 8.14 20.19
C PHE D 182 -11.03 9.18 20.98
N ALA D 183 -10.53 10.41 21.03
CA ALA D 183 -11.17 11.55 21.70
C ALA D 183 -10.75 12.84 20.98
N ALA D 184 -11.46 13.92 21.25
CA ALA D 184 -11.18 15.25 20.69
C ALA D 184 -9.88 15.81 21.28
N GLY D 185 -9.12 16.56 20.48
CA GLY D 185 -7.92 17.24 20.94
C GLY D 185 -8.30 18.47 21.77
N ASN D 186 -7.31 19.24 22.26
CA ASN D 186 -7.61 20.45 23.04
C ASN D 186 -7.08 21.73 22.37
N VAL D 187 -6.31 21.60 21.27
CA VAL D 187 -5.79 22.72 20.47
C VAL D 187 -6.81 22.98 19.37
N ASN D 188 -7.38 21.89 18.83
CA ASN D 188 -8.41 21.86 17.79
C ASN D 188 -9.00 20.43 17.89
N PRO D 189 -10.03 20.04 17.11
CA PRO D 189 -10.60 18.68 17.27
C PRO D 189 -9.65 17.50 17.08
N ALA D 190 -8.58 17.70 16.30
CA ALA D 190 -7.62 16.64 15.99
C ALA D 190 -6.50 16.44 16.98
N ALA D 191 -5.99 17.52 17.57
CA ALA D 191 -4.76 17.43 18.33
C ALA D 191 -4.72 17.98 19.76
N GLU D 192 -3.96 17.29 20.62
CA GLU D 192 -3.63 17.70 21.99
C GLU D 192 -2.38 18.60 21.90
N ALA D 193 -2.31 19.65 22.76
CA ALA D 193 -1.26 20.70 22.80
C ALA D 193 0.21 20.20 22.72
N ASN D 194 0.64 19.28 23.60
CA ASN D 194 2.04 18.80 23.60
C ASN D 194 2.46 18.14 22.30
N ILE D 195 1.56 17.34 21.70
CA ILE D 195 1.87 16.66 20.45
C ILE D 195 1.84 17.67 19.30
N HIS D 196 0.84 18.56 19.27
CA HIS D 196 0.72 19.61 18.26
C HIS D 196 1.92 20.56 18.26
N GLY D 197 2.51 20.79 19.45
CA GLY D 197 3.70 21.60 19.62
C GLY D 197 4.90 21.11 18.84
N ASP D 198 5.03 19.77 18.69
CA ASP D 198 6.08 19.15 17.88
C ASP D 198 5.66 17.75 17.42
N PRO D 199 4.90 17.67 16.30
CA PRO D 199 4.39 16.36 15.82
C PRO D 199 5.51 15.40 15.46
N GLU D 200 6.53 15.88 14.72
CA GLU D 200 7.71 15.11 14.30
C GLU D 200 8.43 14.50 15.51
N ALA D 201 8.66 15.31 16.58
CA ALA D 201 9.30 14.82 17.79
C ALA D 201 8.51 13.71 18.46
N ALA D 202 7.17 13.89 18.58
CA ALA D 202 6.30 12.88 19.20
C ALA D 202 6.37 11.56 18.42
N ASP D 203 6.35 11.64 17.07
CA ASP D 203 6.41 10.46 16.22
C ASP D 203 7.74 9.71 16.40
N ILE D 204 8.86 10.46 16.54
CA ILE D 204 10.19 9.86 16.81
C ILE D 204 10.14 9.12 18.17
N VAL D 205 9.59 9.77 19.21
CA VAL D 205 9.50 9.18 20.54
C VAL D 205 8.66 7.88 20.53
N PHE D 206 7.44 7.94 19.98
CA PHE D 206 6.52 6.81 20.00
C PHE D 206 7.01 5.57 19.19
N THR D 207 7.93 5.76 18.20
CA THR D 207 8.48 4.65 17.40
C THR D 207 9.94 4.33 17.78
N SER D 208 10.45 4.89 18.87
CA SER D 208 11.84 4.70 19.30
C SER D 208 12.19 3.31 19.85
N GLY D 209 11.20 2.54 20.31
CA GLY D 209 11.44 1.22 20.91
C GLY D 209 11.74 1.29 22.39
N ALA D 210 11.69 2.50 22.99
CA ALA D 210 11.84 2.69 24.44
C ALA D 210 10.58 2.20 25.17
N ASP D 211 10.70 1.95 26.49
CA ASP D 211 9.56 1.56 27.32
C ASP D 211 8.76 2.84 27.57
N ILE D 212 7.68 3.03 26.79
CA ILE D 212 6.86 4.25 26.84
C ILE D 212 5.46 4.01 27.37
N VAL D 213 5.00 4.94 28.20
CA VAL D 213 3.66 4.99 28.77
C VAL D 213 3.07 6.36 28.36
N VAL D 214 1.97 6.37 27.60
CA VAL D 214 1.32 7.62 27.15
C VAL D 214 0.00 7.81 27.91
N VAL D 215 -0.16 8.99 28.50
CA VAL D 215 -1.39 9.37 29.21
C VAL D 215 -2.01 10.52 28.43
N GLY D 216 -3.07 10.22 27.66
CA GLY D 216 -3.77 11.21 26.85
C GLY D 216 -4.81 12.01 27.62
N ILE D 217 -5.32 13.08 27.00
CA ILE D 217 -6.36 13.90 27.61
C ILE D 217 -7.70 13.15 27.70
N ASN D 218 -7.86 12.04 26.93
CA ASN D 218 -9.03 11.15 27.02
C ASN D 218 -9.08 10.60 28.49
N ILE D 219 -7.90 10.53 29.15
CA ILE D 219 -7.78 10.10 30.54
C ILE D 219 -7.85 11.27 31.52
N THR D 220 -7.01 12.29 31.31
CA THR D 220 -6.81 13.40 32.24
C THR D 220 -8.02 14.33 32.38
N THR D 221 -8.90 14.41 31.36
CA THR D 221 -10.13 15.23 31.47
C THR D 221 -11.17 14.59 32.43
N GLN D 222 -10.96 13.33 32.83
CA GLN D 222 -11.81 12.61 33.80
C GLN D 222 -11.41 12.97 35.23
N VAL D 223 -10.21 13.59 35.41
CA VAL D 223 -9.64 13.93 36.71
C VAL D 223 -9.65 15.45 36.92
N CYS D 224 -10.45 15.93 37.90
CA CYS D 224 -10.62 17.35 38.16
C CYS D 224 -10.49 17.77 39.63
N LEU D 225 -10.26 19.06 39.84
CA LEU D 225 -10.30 19.73 41.13
C LEU D 225 -11.38 20.81 40.96
N THR D 226 -12.45 20.72 41.74
CA THR D 226 -13.54 21.72 41.67
C THR D 226 -13.11 22.99 42.41
N ASP D 227 -13.95 24.06 42.34
CA ASP D 227 -13.71 25.30 43.09
C ASP D 227 -13.59 24.98 44.59
N GLU D 228 -14.43 24.04 45.07
CA GLU D 228 -14.45 23.55 46.46
C GLU D 228 -13.12 22.87 46.83
N ASP D 229 -12.57 22.03 45.93
CA ASP D 229 -11.28 21.35 46.11
C ASP D 229 -10.13 22.36 46.19
N LEU D 230 -10.18 23.41 45.35
CA LEU D 230 -9.18 24.47 45.31
C LEU D 230 -9.18 25.31 46.59
N LEU D 231 -10.41 25.59 47.13
CA LEU D 231 -10.58 26.33 48.38
C LEU D 231 -10.00 25.49 49.53
N GLU D 232 -10.24 24.17 49.51
CA GLU D 232 -9.71 23.20 50.48
C GLU D 232 -8.16 23.24 50.46
N LEU D 233 -7.56 23.36 49.25
CA LEU D 233 -6.10 23.48 49.07
C LEU D 233 -5.58 24.80 49.67
N ARG D 234 -6.27 25.94 49.41
CA ARG D 234 -5.96 27.27 49.95
C ARG D 234 -5.97 27.27 51.49
N ASN D 235 -6.96 26.59 52.09
CA ASN D 235 -7.13 26.50 53.55
C ASN D 235 -6.30 25.41 54.23
N SER D 236 -5.58 24.58 53.45
CA SER D 236 -4.76 23.49 53.98
C SER D 236 -3.42 23.94 54.59
N LYS D 237 -2.69 22.99 55.19
CA LYS D 237 -1.36 23.16 55.81
C LYS D 237 -0.24 22.89 54.79
N GLY D 238 -0.61 22.76 53.51
CA GLY D 238 0.31 22.48 52.41
C GLY D 238 1.47 23.44 52.31
N LYS D 239 2.70 22.90 52.12
CA LYS D 239 3.97 23.63 52.01
C LYS D 239 3.97 24.75 50.95
N HIS D 240 3.25 24.52 49.84
CA HIS D 240 3.13 25.47 48.74
C HIS D 240 1.68 25.84 48.44
N ALA D 241 0.76 25.57 49.40
CA ALA D 241 -0.69 25.83 49.28
C ALA D 241 -1.03 27.22 48.73
N ALA D 242 -0.47 28.30 49.33
CA ALA D 242 -0.73 29.68 48.92
C ALA D 242 -0.28 29.95 47.47
N PHE D 243 0.94 29.51 47.10
CA PHE D 243 1.48 29.68 45.76
C PHE D 243 0.66 28.91 44.70
N LEU D 244 0.33 27.65 45.01
CA LEU D 244 -0.46 26.78 44.13
C LEU D 244 -1.84 27.36 43.85
N TYR D 245 -2.52 27.84 44.92
CA TYR D 245 -3.84 28.45 44.79
C TYR D 245 -3.80 29.70 43.92
N GLU D 246 -2.80 30.57 44.15
CA GLU D 246 -2.60 31.80 43.38
C GLU D 246 -2.42 31.53 41.88
N MET D 247 -1.58 30.53 41.51
CA MET D 247 -1.36 30.10 40.12
C MET D 247 -2.68 29.62 39.50
N CYS D 248 -3.40 28.76 40.22
CA CYS D 248 -4.63 28.11 39.80
C CYS D 248 -5.81 29.06 39.53
N LYS D 249 -5.80 30.31 40.04
CA LYS D 249 -6.86 31.31 39.78
C LYS D 249 -7.03 31.55 38.28
N PHE D 250 -5.91 31.86 37.59
CA PHE D 250 -5.86 32.13 36.16
C PHE D 250 -6.27 30.88 35.38
N TYR D 251 -5.74 29.70 35.78
CA TYR D 251 -5.98 28.40 35.16
C TYR D 251 -7.47 28.05 35.24
N ARG D 252 -8.08 28.19 36.44
CA ARG D 252 -9.51 27.94 36.69
C ARG D 252 -10.40 28.83 35.79
N ASP D 253 -10.00 30.10 35.64
CA ASP D 253 -10.72 31.07 34.82
C ASP D 253 -10.78 30.65 33.34
N TRP D 254 -9.68 30.07 32.80
CA TRP D 254 -9.64 29.56 31.43
C TRP D 254 -10.62 28.38 31.26
N HIS D 255 -10.63 27.44 32.23
CA HIS D 255 -11.53 26.28 32.24
C HIS D 255 -12.99 26.72 32.22
N ALA D 256 -13.33 27.77 33.00
CA ALA D 256 -14.68 28.32 33.06
C ALA D 256 -15.08 28.96 31.71
N LYS D 257 -14.17 29.69 31.07
CA LYS D 257 -14.41 30.36 29.79
C LYS D 257 -14.48 29.41 28.59
N SER D 258 -13.59 28.41 28.56
CA SER D 258 -13.47 27.49 27.44
C SER D 258 -14.26 26.18 27.57
N ASP D 259 -14.05 25.45 28.67
CA ASP D 259 -14.70 24.16 28.91
C ASP D 259 -16.04 24.28 29.63
N GLY D 260 -16.32 25.44 30.23
CA GLY D 260 -17.53 25.68 31.01
C GLY D 260 -17.51 24.97 32.35
N PHE D 261 -16.29 24.63 32.82
CA PHE D 261 -16.08 23.91 34.07
C PHE D 261 -15.52 24.82 35.18
N HIS D 262 -16.16 24.80 36.36
CA HIS D 262 -15.77 25.59 37.52
C HIS D 262 -14.75 24.84 38.39
N GLY D 263 -13.50 24.90 37.94
CA GLY D 263 -12.35 24.26 38.56
C GLY D 263 -11.25 24.06 37.52
N ILE D 264 -10.43 23.02 37.70
CA ILE D 264 -9.33 22.72 36.76
C ILE D 264 -9.26 21.25 36.43
N PHE D 265 -8.77 20.90 35.24
CA PHE D 265 -8.48 19.51 34.90
C PHE D 265 -7.06 19.31 35.43
N LEU D 266 -6.72 18.08 35.80
CA LEU D 266 -5.39 17.76 36.28
C LEU D 266 -4.73 16.96 35.18
N HIS D 267 -3.90 17.63 34.36
CA HIS D 267 -3.23 16.95 33.26
C HIS D 267 -1.89 16.37 33.71
N ASP D 268 -0.87 17.22 33.91
CA ASP D 268 0.49 16.84 34.30
C ASP D 268 0.54 16.11 35.66
N PRO D 269 -0.22 16.49 36.72
CA PRO D 269 -0.18 15.70 37.97
C PRO D 269 -0.67 14.25 37.79
N VAL D 270 -1.59 13.99 36.82
CA VAL D 270 -2.11 12.64 36.53
C VAL D 270 -1.00 11.76 35.90
N SER D 271 -0.18 12.34 34.99
CA SER D 271 0.92 11.59 34.38
C SER D 271 1.99 11.27 35.44
N PHE D 272 2.19 12.18 36.42
CA PHE D 272 3.11 11.92 37.54
C PHE D 272 2.57 10.76 38.39
N THR D 273 1.23 10.72 38.61
CA THR D 273 0.56 9.64 39.35
C THR D 273 0.78 8.30 38.62
N ALA D 274 0.84 8.31 37.27
CA ALA D 274 1.09 7.11 36.47
C ALA D 274 2.51 6.56 36.66
N VAL D 275 3.48 7.44 37.00
CA VAL D 275 4.87 7.06 37.26
C VAL D 275 4.93 6.25 38.58
N LEU D 276 4.31 6.78 39.65
CA LEU D 276 4.36 6.23 41.01
C LEU D 276 3.31 5.17 41.30
N HIS D 277 2.10 5.31 40.73
CA HIS D 277 1.01 4.37 40.93
C HIS D 277 0.36 3.94 39.59
N PRO D 278 1.08 3.19 38.72
CA PRO D 278 0.45 2.71 37.47
C PRO D 278 -0.77 1.81 37.71
N GLU D 279 -0.89 1.20 38.92
CA GLU D 279 -2.01 0.36 39.31
C GLU D 279 -3.36 1.12 39.44
N TYR D 280 -3.33 2.47 39.41
CA TYR D 280 -4.54 3.31 39.45
C TYR D 280 -5.14 3.45 38.04
N PHE D 281 -4.52 2.78 37.07
CA PHE D 281 -4.90 2.83 35.67
C PHE D 281 -4.92 1.43 35.05
N THR D 282 -5.52 1.31 33.87
CA THR D 282 -5.41 0.14 33.02
C THR D 282 -4.78 0.68 31.75
N PHE D 283 -3.99 -0.14 31.07
CA PHE D 283 -3.30 0.26 29.86
C PHE D 283 -3.58 -0.73 28.74
N LYS D 284 -3.53 -0.25 27.50
CA LYS D 284 -3.64 -1.11 26.34
C LYS D 284 -2.37 -0.91 25.55
N LYS D 285 -1.84 -2.01 25.01
CA LYS D 285 -0.63 -1.99 24.22
CA LYS D 285 -0.62 -1.97 24.22
C LYS D 285 -0.97 -1.78 22.75
N GLY D 286 -0.18 -0.97 22.08
CA GLY D 286 -0.37 -0.70 20.68
C GLY D 286 0.65 0.23 20.08
N VAL D 287 0.85 0.13 18.77
CA VAL D 287 1.74 1.04 18.05
C VAL D 287 1.02 2.38 17.92
N VAL D 288 1.73 3.47 18.24
CA VAL D 288 1.20 4.83 18.12
C VAL D 288 2.02 5.60 17.06
N ARG D 289 1.35 6.23 16.12
CA ARG D 289 1.93 7.11 15.11
C ARG D 289 1.26 8.47 15.26
N VAL D 290 1.96 9.51 14.81
CA VAL D 290 1.50 10.90 14.89
C VAL D 290 1.41 11.48 13.49
N GLU D 291 0.26 12.12 13.16
CA GLU D 291 0.08 12.81 11.88
C GLU D 291 0.90 14.11 11.93
N THR D 292 1.76 14.30 10.93
CA THR D 292 2.68 15.46 10.89
C THR D 292 2.28 16.52 9.86
N GLN D 293 1.29 16.24 9.02
CA GLN D 293 0.85 17.19 7.98
C GLN D 293 -0.68 17.26 7.88
N GLY D 294 -1.17 18.22 7.10
CA GLY D 294 -2.59 18.42 6.85
C GLY D 294 -3.39 18.93 8.04
N ILE D 295 -4.71 18.90 7.89
CA ILE D 295 -5.66 19.37 8.89
C ILE D 295 -5.57 18.57 10.21
N CYS D 296 -5.12 17.29 10.17
CA CYS D 296 -5.00 16.48 11.37
C CYS D 296 -3.58 16.47 11.98
N THR D 297 -2.73 17.46 11.62
CA THR D 297 -1.37 17.62 12.21
C THR D 297 -1.49 17.54 13.76
N GLY D 298 -0.70 16.68 14.37
CA GLY D 298 -0.67 16.49 15.81
C GLY D 298 -1.56 15.38 16.32
N HIS D 299 -2.37 14.78 15.42
CA HIS D 299 -3.28 13.71 15.82
C HIS D 299 -2.51 12.44 16.20
N THR D 300 -2.81 11.87 17.40
CA THR D 300 -2.22 10.62 17.90
C THR D 300 -3.19 9.47 17.61
N LEU D 301 -2.69 8.42 16.98
CA LEU D 301 -3.50 7.26 16.60
C LEU D 301 -2.78 5.96 16.94
N MET D 302 -3.46 5.16 17.74
CA MET D 302 -2.97 3.87 18.20
C MET D 302 -3.62 2.71 17.42
N ASP D 303 -2.81 1.70 17.05
CA ASP D 303 -3.31 0.47 16.45
C ASP D 303 -3.32 -0.55 17.59
N GLN D 304 -4.50 -0.96 18.06
CA GLN D 304 -4.64 -1.95 19.13
C GLN D 304 -4.14 -3.38 18.71
N GLY D 305 -3.98 -3.61 17.40
CA GLY D 305 -3.51 -4.87 16.84
C GLY D 305 -4.51 -6.00 16.91
N LEU D 306 -5.81 -5.67 17.01
CA LEU D 306 -6.87 -6.67 17.09
C LEU D 306 -7.30 -7.17 15.70
N LYS D 307 -6.91 -6.43 14.64
CA LYS D 307 -7.26 -6.73 13.26
C LYS D 307 -6.01 -7.00 12.43
N LYS D 308 -6.01 -8.10 11.67
CA LYS D 308 -4.92 -8.45 10.76
C LYS D 308 -5.16 -7.69 9.46
N TRP D 309 -4.26 -6.78 9.13
CA TRP D 309 -4.34 -5.97 7.90
C TRP D 309 -3.93 -6.79 6.68
N ASN D 310 -4.52 -6.47 5.50
CA ASN D 310 -4.19 -7.17 4.26
C ASN D 310 -2.80 -6.76 3.74
N SER D 311 -2.41 -5.48 3.96
CA SER D 311 -1.13 -4.92 3.54
C SER D 311 -0.50 -4.14 4.68
N GLU D 312 0.81 -3.88 4.61
CA GLU D 312 1.54 -3.13 5.63
C GLU D 312 1.17 -1.65 5.57
N ASN D 313 1.24 -1.00 6.70
CA ASN D 313 0.88 0.40 6.83
C ASN D 313 1.86 1.09 7.80
N PRO D 314 1.72 2.42 8.06
CA PRO D 314 2.63 3.08 9.02
C PRO D 314 2.63 2.54 10.45
N TRP D 315 1.64 1.72 10.85
CA TRP D 315 1.61 1.17 12.21
C TRP D 315 2.29 -0.22 12.28
N SER D 316 2.61 -0.82 11.13
CA SER D 316 3.20 -2.18 11.05
C SER D 316 4.66 -2.22 11.54
N GLY D 317 5.02 -3.32 12.20
CA GLY D 317 6.38 -3.67 12.61
C GLY D 317 6.98 -2.97 13.82
N TYR D 318 6.39 -1.84 14.27
CA TYR D 318 6.93 -1.14 15.42
C TYR D 318 6.63 -1.85 16.73
N LYS D 319 7.40 -1.53 17.75
CA LYS D 319 7.21 -2.08 19.08
C LYS D 319 6.01 -1.32 19.70
N PRO D 320 5.00 -2.03 20.24
CA PRO D 320 3.86 -1.33 20.86
C PRO D 320 4.30 -0.59 22.13
N ILE D 321 3.52 0.45 22.49
CA ILE D 321 3.77 1.23 23.70
C ILE D 321 2.52 1.09 24.58
N SER D 322 2.60 1.53 25.85
CA SER D 322 1.45 1.44 26.73
C SER D 322 0.65 2.72 26.70
N VAL D 323 -0.66 2.62 26.40
CA VAL D 323 -1.55 3.79 26.34
C VAL D 323 -2.57 3.65 27.49
N ALA D 324 -2.63 4.67 28.37
CA ALA D 324 -3.58 4.69 29.48
C ALA D 324 -5.02 4.63 28.94
N TRP D 325 -5.79 3.62 29.37
CA TRP D 325 -7.12 3.34 28.85
C TRP D 325 -8.25 3.70 29.79
N THR D 326 -8.09 3.40 31.10
CA THR D 326 -9.04 3.74 32.16
C THR D 326 -8.25 4.30 33.35
N VAL D 327 -8.95 5.03 34.24
CA VAL D 327 -8.36 5.65 35.43
C VAL D 327 -9.30 5.49 36.63
N ASP D 328 -8.72 5.15 37.80
CA ASP D 328 -9.46 5.07 39.06
C ASP D 328 -9.40 6.51 39.60
N VAL D 329 -10.40 7.33 39.21
CA VAL D 329 -10.50 8.76 39.52
C VAL D 329 -10.39 9.05 41.05
N PRO D 330 -11.15 8.41 41.98
CA PRO D 330 -10.99 8.75 43.42
C PRO D 330 -9.59 8.50 43.96
N LYS D 331 -8.94 7.39 43.56
CA LYS D 331 -7.58 7.04 43.99
C LYS D 331 -6.54 8.04 43.49
N VAL D 332 -6.68 8.51 42.22
CA VAL D 332 -5.77 9.49 41.62
C VAL D 332 -5.92 10.84 42.31
N ILE D 333 -7.17 11.30 42.53
CA ILE D 333 -7.48 12.57 43.20
C ILE D 333 -6.91 12.58 44.63
N SER D 334 -7.12 11.49 45.39
CA SER D 334 -6.64 11.33 46.77
C SER D 334 -5.10 11.44 46.83
N PHE D 335 -4.40 10.80 45.88
CA PHE D 335 -2.93 10.84 45.83
C PHE D 335 -2.41 12.25 45.49
N ILE D 336 -3.05 12.94 44.53
CA ILE D 336 -2.66 14.29 44.12
C ILE D 336 -2.90 15.26 45.29
N LYS D 337 -4.10 15.22 45.89
CA LYS D 337 -4.48 16.05 47.03
C LYS D 337 -3.52 15.89 48.21
N LYS D 338 -3.10 14.65 48.55
CA LYS D 338 -2.19 14.44 49.69
C LYS D 338 -0.80 15.05 49.44
N LEU D 339 -0.30 15.03 48.19
CA LEU D 339 1.00 15.65 47.87
C LEU D 339 0.91 17.19 47.87
N LEU D 340 -0.19 17.75 47.33
CA LEU D 340 -0.42 19.19 47.28
C LEU D 340 -0.65 19.79 48.67
N MET D 341 -1.24 19.01 49.60
CA MET D 341 -1.58 19.47 50.95
C MET D 341 -0.59 19.00 52.04
N ALA D 342 0.52 18.36 51.64
CA ALA D 342 1.56 17.88 52.55
C ALA D 342 2.32 19.06 53.17
N PRO D 343 2.47 19.13 54.52
CA PRO D 343 3.14 20.27 55.14
C PRO D 343 4.66 20.30 54.95
CA CA E . -6.16 -16.40 -30.29
C1 GOL F . 14.43 -18.01 -21.73
O1 GOL F . 14.79 -19.11 -22.55
C2 GOL F . 13.24 -17.29 -22.30
O2 GOL F . 12.12 -18.17 -22.39
C3 GOL F . 12.88 -16.09 -21.44
O3 GOL F . 12.47 -14.99 -22.25
C1 GOL G . -0.80 -7.52 -30.04
O1 GOL G . -0.16 -6.63 -30.97
C2 GOL G . -2.24 -7.13 -29.80
O2 GOL G . -2.93 -8.22 -29.17
C3 GOL G . -2.40 -5.89 -28.96
O3 GOL G . -3.77 -5.72 -28.59
C1 EDO H . -3.87 -1.52 -22.72
O1 EDO H . -4.58 -1.98 -21.58
C2 EDO H . -2.95 -0.40 -22.27
O2 EDO H . -2.20 -0.84 -21.15
C1 EDO I . -23.79 -15.23 -34.71
O1 EDO I . -23.10 -14.89 -33.52
C2 EDO I . -23.39 -16.64 -35.19
O2 EDO I . -23.52 -17.51 -34.08
C1 EDO J . -2.71 -12.98 -29.61
O1 EDO J . -3.99 -12.50 -29.28
C2 EDO J . -1.67 -12.04 -29.00
O2 EDO J . -0.87 -12.73 -28.05
CL CL K . -8.34 -6.47 -18.00
CA CA L . 23.28 -2.01 -0.66
C1 PEG M . 30.59 -8.25 -23.12
O1 PEG M . 31.85 -8.11 -23.77
C2 PEG M . 29.71 -7.07 -23.36
O2 PEG M . 30.25 -5.90 -22.78
C3 PEG M . 30.60 -4.91 -23.74
C4 PEG M . 30.57 -3.57 -23.12
O4 PEG M . 30.97 -2.58 -24.05
C1 PEG N . 7.58 1.08 -37.70
O1 PEG N . 6.94 2.27 -38.16
C2 PEG N . 7.09 0.68 -36.36
O2 PEG N . 8.12 0.04 -35.63
C3 PEG N . 8.08 0.33 -34.24
C4 PEG N . 9.16 1.30 -33.87
O4 PEG N . 8.74 2.16 -32.82
C1 EDO O . 7.54 8.76 4.77
O1 EDO O . 7.30 7.75 5.75
C2 EDO O . 8.97 9.28 4.87
O2 EDO O . 9.85 8.18 5.04
C1 EDO P . 19.58 -8.10 -19.38
O1 EDO P . 19.42 -6.85 -20.00
C2 EDO P . 18.25 -8.89 -19.51
O2 EDO P . 17.91 -8.95 -20.88
C1 EDO Q . 4.85 4.05 -29.27
O1 EDO Q . 3.48 3.92 -28.98
C2 EDO Q . 5.65 3.39 -28.13
O2 EDO Q . 6.80 2.79 -28.64
C1 EDO R . 21.69 -4.77 -3.32
O1 EDO R . 22.12 -3.52 -2.78
C2 EDO R . 21.68 -5.92 -2.29
O2 EDO R . 20.68 -5.69 -1.31
CA CA S . -20.43 -0.73 -0.23
C1 PEG T . -5.86 -11.24 15.36
O1 PEG T . -4.89 -10.21 15.31
C2 PEG T . -6.59 -11.34 14.07
O2 PEG T . -7.49 -12.44 14.10
C3 PEG T . -7.33 -13.34 13.01
C4 PEG T . -7.17 -14.74 13.52
O4 PEG T . -6.99 -15.66 12.45
C1 EDO U . -4.91 25.25 14.19
O1 EDO U . -5.96 24.33 14.10
C2 EDO U . -4.64 25.51 15.68
O2 EDO U . -5.83 26.01 16.25
C1 EDO V . -18.12 6.95 19.61
O1 EDO V . -17.23 5.92 19.17
C2 EDO V . -19.23 7.17 18.57
O2 EDO V . -19.86 5.93 18.29
C1 EDO W . -1.84 1.89 4.08
O1 EDO W . -1.93 3.26 4.43
C2 EDO W . -3.23 1.31 3.77
O2 EDO W . -3.08 -0.09 3.57
C1 EDO X . -11.28 -14.59 1.58
O1 EDO X . -11.41 -15.99 1.47
C2 EDO X . -10.09 -14.11 0.70
O2 EDO X . -9.02 -13.57 1.47
CA CA Y . 2.92 20.81 30.47
C1 PEG Z . -8.12 0.87 37.63
O1 PEG Z . -7.63 -0.44 37.80
C2 PEG Z . -9.30 0.91 36.71
O2 PEG Z . -10.05 2.10 36.92
C3 PEG Z . -11.43 1.88 37.16
C4 PEG Z . -11.74 2.13 38.61
O4 PEG Z . -13.14 2.11 38.86
C1 EDO AA . -10.04 5.15 25.25
O1 EDO AA . -10.72 4.13 25.96
C2 EDO AA . -10.24 6.45 26.03
O2 EDO AA . -9.62 6.35 27.31
C1 EDO BA . 9.23 8.07 13.16
O1 EDO BA . 9.22 9.37 12.58
C2 EDO BA . 10.22 7.16 12.41
O2 EDO BA . 11.44 7.85 12.37
#